data_2KM1
#
_entry.id   2KM1
#
_entity_poly.entity_id   1
_entity_poly.type   'polypeptide(L)'
_entity_poly.pdbx_seq_one_letter_code
;GHMMSQYKTGLLLIHPAVTTTPELVENTKAQAASKKVKFVDQFLINKLNDGSITLENAKYETVHYLTPEAQTDIKFPKKL
ISVLADSLKPNGSLIGLSDIYKVDALINGFEIINEPDYCWIKMDSSKLNQTVSIPL
;
_entity_poly.pdbx_strand_id   A
#
# COMPACT_ATOMS: atom_id res chain seq x y z
N TYR A 7 -11.06 4.38 -15.23
CA TYR A 7 -10.08 3.36 -14.82
C TYR A 7 -9.13 3.98 -13.78
N LYS A 8 -8.49 3.15 -12.96
CA LYS A 8 -7.75 3.68 -11.80
C LYS A 8 -6.25 3.39 -11.92
N THR A 9 -5.48 4.37 -11.50
CA THR A 9 -4.01 4.25 -11.40
C THR A 9 -3.61 4.11 -9.94
N GLY A 10 -2.93 3.01 -9.61
CA GLY A 10 -2.58 2.77 -8.21
C GLY A 10 -1.14 2.33 -7.92
N LEU A 11 -1.03 1.77 -6.72
CA LEU A 11 0.27 1.43 -6.12
C LEU A 11 0.19 -0.03 -5.70
N LEU A 12 1.27 -0.75 -5.90
CA LEU A 12 1.42 -2.01 -5.20
C LEU A 12 2.78 -1.89 -4.46
N LEU A 13 2.76 -2.20 -3.17
CA LEU A 13 3.95 -2.05 -2.33
C LEU A 13 4.19 -3.44 -1.71
N ILE A 14 5.35 -4.04 -1.96
CA ILE A 14 5.53 -5.47 -1.64
C ILE A 14 6.84 -5.70 -0.86
N HIS A 15 6.78 -6.59 0.13
CA HIS A 15 8.02 -7.08 0.73
C HIS A 15 8.38 -8.41 0.02
N PRO A 16 9.62 -8.59 -0.45
CA PRO A 16 9.96 -9.74 -1.32
C PRO A 16 9.75 -11.17 -0.82
N ALA A 17 9.51 -11.38 0.47
CA ALA A 17 9.66 -12.75 1.01
C ALA A 17 8.65 -13.76 0.47
N VAL A 18 7.36 -13.43 0.50
CA VAL A 18 6.39 -14.28 -0.21
C VAL A 18 6.24 -13.82 -1.68
N THR A 19 6.36 -12.51 -1.94
CA THR A 19 6.02 -11.96 -3.27
C THR A 19 7.14 -12.05 -4.33
N THR A 20 8.32 -12.62 -4.03
CA THR A 20 9.29 -12.88 -5.11
C THR A 20 8.97 -14.12 -5.97
N THR A 21 7.94 -14.90 -5.63
CA THR A 21 7.46 -15.94 -6.56
C THR A 21 6.22 -15.36 -7.30
N PRO A 22 5.71 -15.96 -8.37
CA PRO A 22 4.66 -15.29 -9.18
C PRO A 22 3.23 -15.29 -8.60
N GLU A 23 2.97 -16.00 -7.51
CA GLU A 23 1.56 -16.25 -7.11
C GLU A 23 0.85 -15.03 -6.53
N LEU A 24 1.45 -14.35 -5.55
CA LEU A 24 0.82 -13.15 -4.98
C LEU A 24 0.79 -11.98 -5.98
N VAL A 25 1.80 -11.90 -6.85
CA VAL A 25 1.81 -10.86 -7.90
C VAL A 25 0.69 -11.11 -8.93
N GLU A 26 0.54 -12.33 -9.44
CA GLU A 26 -0.58 -12.64 -10.35
C GLU A 26 -1.96 -12.44 -9.71
N ASN A 27 -2.10 -12.68 -8.42
CA ASN A 27 -3.40 -12.51 -7.74
C ASN A 27 -3.81 -11.05 -7.59
N THR A 28 -2.89 -10.21 -7.10
CA THR A 28 -3.20 -8.77 -7.01
C THR A 28 -3.48 -8.16 -8.40
N LYS A 29 -2.71 -8.57 -9.40
CA LYS A 29 -3.03 -8.23 -10.79
C LYS A 29 -4.35 -8.85 -11.27
N ALA A 30 -4.73 -10.06 -10.83
CA ALA A 30 -6.01 -10.64 -11.27
C ALA A 30 -7.23 -9.91 -10.71
N GLN A 31 -7.21 -9.61 -9.42
CA GLN A 31 -8.22 -8.77 -8.78
C GLN A 31 -8.40 -7.41 -9.46
N ALA A 32 -7.30 -6.67 -9.62
CA ALA A 32 -7.35 -5.39 -10.36
C ALA A 32 -7.83 -5.55 -11.81
N ALA A 33 -7.40 -6.62 -12.48
CA ALA A 33 -7.63 -6.73 -13.93
C ALA A 33 -9.07 -7.11 -14.33
N SER A 34 -9.65 -8.15 -13.73
CA SER A 34 -11.08 -8.44 -13.92
C SER A 34 -12.03 -7.31 -13.49
N LYS A 35 -11.61 -6.45 -12.57
CA LYS A 35 -12.37 -5.24 -12.27
C LYS A 35 -11.96 -4.12 -13.25
N LYS A 36 -11.35 -3.07 -12.72
CA LYS A 36 -11.11 -1.84 -13.51
C LYS A 36 -9.90 -1.03 -13.00
N VAL A 37 -9.11 -1.62 -12.12
CA VAL A 37 -7.82 -1.05 -11.71
C VAL A 37 -6.64 -1.72 -12.45
N LYS A 38 -5.59 -0.94 -12.66
CA LYS A 38 -4.27 -1.53 -12.99
C LYS A 38 -3.27 -0.91 -12.01
N PHE A 39 -2.39 -1.75 -11.50
CA PHE A 39 -1.28 -1.24 -10.68
C PHE A 39 -0.11 -0.90 -11.62
N VAL A 40 0.53 0.22 -11.32
CA VAL A 40 1.56 0.77 -12.22
C VAL A 40 2.94 0.80 -11.55
N ASP A 41 2.96 1.07 -10.24
CA ASP A 41 4.18 1.60 -9.61
C ASP A 41 4.60 0.66 -8.49
N GLN A 42 5.80 0.12 -8.62
CA GLN A 42 6.15 -1.07 -7.84
C GLN A 42 7.27 -0.69 -6.88
N PHE A 43 6.94 -0.73 -5.60
CA PHE A 43 7.89 -0.26 -4.59
C PHE A 43 8.23 -1.43 -3.68
N LEU A 44 9.51 -1.78 -3.64
CA LEU A 44 9.95 -2.87 -2.77
C LEU A 44 10.34 -2.25 -1.42
N ILE A 45 10.19 -2.98 -0.33
CA ILE A 45 10.46 -2.40 1.01
C ILE A 45 11.93 -1.99 1.23
N ASN A 46 12.90 -2.77 0.76
CA ASN A 46 14.31 -2.39 0.93
C ASN A 46 14.79 -1.36 -0.11
N LYS A 47 14.24 -1.36 -1.33
CA LYS A 47 14.65 -0.38 -2.34
C LYS A 47 14.00 1.00 -2.14
N LEU A 48 12.77 1.05 -1.60
CA LEU A 48 12.17 2.37 -1.30
C LEU A 48 12.84 3.05 -0.10
N ASN A 49 13.15 2.24 0.92
CA ASN A 49 13.87 2.73 2.10
C ASN A 49 15.34 3.10 1.80
N ASP A 50 15.95 2.52 0.76
CA ASP A 50 17.30 2.94 0.36
C ASP A 50 17.26 4.23 -0.49
N GLY A 51 16.23 4.41 -1.31
CA GLY A 51 16.12 5.65 -2.11
C GLY A 51 16.13 5.44 -3.62
N SER A 52 15.95 4.22 -4.11
CA SER A 52 16.04 3.96 -5.55
C SER A 52 14.82 4.45 -6.35
N ILE A 53 13.62 4.37 -5.79
CA ILE A 53 12.40 4.52 -6.62
C ILE A 53 11.66 5.79 -6.16
N THR A 54 11.69 6.75 -7.06
CA THR A 54 10.89 7.97 -6.88
C THR A 54 10.19 8.21 -8.23
N LEU A 55 8.86 8.12 -8.23
CA LEU A 55 8.16 7.90 -9.50
C LEU A 55 7.10 8.96 -9.81
N GLU A 56 6.17 9.21 -8.89
CA GLU A 56 5.32 10.41 -9.00
C GLU A 56 4.94 10.89 -7.58
N ASN A 57 4.36 12.08 -7.51
CA ASN A 57 3.75 12.55 -6.25
C ASN A 57 2.26 12.85 -6.38
N ALA A 58 1.47 11.95 -6.94
CA ALA A 58 0.08 12.32 -7.27
C ALA A 58 -0.91 11.14 -7.44
N LYS A 59 -1.02 10.57 -8.63
CA LYS A 59 -2.20 9.76 -8.98
C LYS A 59 -1.97 8.26 -8.86
N TYR A 60 -1.69 7.84 -7.64
CA TYR A 60 -1.73 6.39 -7.32
C TYR A 60 -2.87 6.05 -6.34
N GLU A 61 -3.93 6.88 -6.22
CA GLU A 61 -4.86 6.86 -5.05
C GLU A 61 -5.63 5.54 -4.81
N THR A 62 -4.99 4.42 -5.08
CA THR A 62 -5.48 3.09 -4.68
C THR A 62 -4.23 2.28 -4.39
N VAL A 63 -4.10 1.89 -3.14
CA VAL A 63 -2.82 1.41 -2.62
C VAL A 63 -3.04 -0.03 -2.12
N HIS A 64 -2.14 -0.94 -2.47
CA HIS A 64 -2.15 -2.30 -1.87
C HIS A 64 -0.78 -2.56 -1.20
N TYR A 65 -0.75 -3.09 0.03
CA TYR A 65 0.53 -3.55 0.61
C TYR A 65 0.40 -5.05 0.88
N LEU A 66 1.12 -5.83 0.09
CA LEU A 66 1.27 -7.26 0.32
C LEU A 66 2.60 -7.57 1.04
N THR A 67 2.50 -7.81 2.35
CA THR A 67 3.64 -8.37 3.10
C THR A 67 3.11 -9.70 3.67
N PRO A 68 3.94 -10.72 3.98
CA PRO A 68 3.49 -11.90 4.71
C PRO A 68 3.05 -11.65 6.17
N GLU A 69 1.90 -12.22 6.52
CA GLU A 69 1.24 -11.92 7.80
C GLU A 69 1.11 -13.18 8.68
N ALA A 70 2.03 -14.14 8.56
CA ALA A 70 2.07 -15.26 9.52
C ALA A 70 3.12 -15.14 10.63
N GLN A 71 4.19 -14.36 10.43
CA GLN A 71 5.10 -14.06 11.55
C GLN A 71 4.46 -13.03 12.50
N THR A 72 4.82 -13.12 13.78
CA THR A 72 4.44 -12.06 14.74
C THR A 72 5.68 -11.23 15.07
N ASP A 73 6.09 -10.39 14.13
CA ASP A 73 7.13 -9.39 14.41
C ASP A 73 6.66 -8.06 13.79
N ILE A 74 7.45 -7.00 13.93
CA ILE A 74 6.94 -5.67 13.55
C ILE A 74 7.28 -5.38 12.09
N LYS A 75 6.40 -4.62 11.45
CA LYS A 75 6.52 -4.46 9.98
C LYS A 75 7.21 -3.19 9.43
N PHE A 76 6.65 -2.01 9.66
CA PHE A 76 6.92 -0.87 8.76
C PHE A 76 7.32 0.37 9.57
N PRO A 77 8.17 1.26 9.05
CA PRO A 77 8.49 2.49 9.77
C PRO A 77 7.41 3.56 9.56
N LYS A 78 7.22 4.42 10.56
CA LYS A 78 6.29 5.55 10.42
C LYS A 78 6.68 6.55 9.31
N LYS A 79 7.98 6.84 9.19
CA LYS A 79 8.46 7.81 8.19
C LYS A 79 8.11 7.43 6.73
N LEU A 80 8.04 6.14 6.42
CA LEU A 80 7.62 5.75 5.06
C LEU A 80 6.11 5.90 4.87
N ILE A 81 5.28 5.72 5.91
CA ILE A 81 3.86 6.07 5.82
C ILE A 81 3.66 7.57 5.54
N SER A 82 4.48 8.47 6.12
CA SER A 82 4.35 9.90 5.77
C SER A 82 4.78 10.19 4.32
N VAL A 83 5.85 9.55 3.84
CA VAL A 83 6.26 9.68 2.43
C VAL A 83 5.21 9.08 1.46
N LEU A 84 4.62 7.94 1.79
CA LEU A 84 3.56 7.36 0.96
C LEU A 84 2.31 8.24 0.92
N ALA A 85 1.92 8.85 2.04
CA ALA A 85 0.79 9.80 2.05
C ALA A 85 1.06 11.06 1.22
N ASP A 86 2.31 11.49 1.11
CA ASP A 86 2.64 12.71 0.34
C ASP A 86 2.45 12.58 -1.19
N SER A 87 2.22 11.36 -1.67
CA SER A 87 2.04 11.10 -3.10
C SER A 87 0.57 10.95 -3.54
N LEU A 88 -0.39 11.39 -2.71
CA LEU A 88 -1.79 11.05 -2.92
C LEU A 88 -2.66 12.31 -2.84
N LYS A 89 -3.98 12.10 -2.90
CA LYS A 89 -4.95 13.19 -3.03
C LYS A 89 -6.14 12.80 -2.13
N PRO A 90 -7.16 13.65 -1.95
CA PRO A 90 -8.19 13.39 -0.92
C PRO A 90 -9.04 12.09 -1.03
N ASN A 91 -9.05 11.44 -2.20
CA ASN A 91 -9.64 10.06 -2.27
C ASN A 91 -8.52 9.01 -2.31
N GLY A 92 -7.51 9.14 -1.45
CA GLY A 92 -6.50 8.10 -1.31
C GLY A 92 -7.11 6.93 -0.56
N SER A 93 -6.77 5.69 -0.89
CA SER A 93 -7.47 4.56 -0.28
C SER A 93 -6.44 3.42 -0.14
N LEU A 94 -6.09 3.17 1.11
CA LEU A 94 -5.03 2.25 1.46
C LEU A 94 -5.68 0.88 1.71
N ILE A 95 -5.16 -0.19 1.12
CA ILE A 95 -5.62 -1.54 1.50
C ILE A 95 -4.49 -2.28 2.17
N GLY A 96 -4.37 -2.02 3.45
CA GLY A 96 -3.14 -2.42 4.13
C GLY A 96 -3.14 -2.94 5.56
N LEU A 97 -3.14 -1.99 6.49
CA LEU A 97 -2.26 -2.11 7.66
C LEU A 97 -3.09 -2.21 8.95
N SER A 98 -2.53 -2.96 9.90
CA SER A 98 -3.34 -3.61 10.95
C SER A 98 -3.43 -2.80 12.26
N ASP A 99 -3.16 -3.43 13.41
CA ASP A 99 -3.67 -2.90 14.70
C ASP A 99 -2.90 -1.71 15.28
N ILE A 100 -1.57 -1.76 15.36
CA ILE A 100 -0.80 -0.53 15.74
C ILE A 100 -1.05 0.62 14.75
N TYR A 101 -1.33 0.21 13.53
CA TYR A 101 -1.43 1.14 12.42
C TYR A 101 -2.79 1.89 12.46
N LYS A 102 -3.76 1.43 13.25
CA LYS A 102 -4.99 2.22 13.52
C LYS A 102 -4.69 3.59 14.12
N VAL A 103 -3.96 3.65 15.23
CA VAL A 103 -3.53 4.94 15.80
C VAL A 103 -2.60 5.69 14.84
N ASP A 104 -1.76 4.96 14.10
CA ASP A 104 -0.92 5.58 13.07
C ASP A 104 -1.74 6.26 11.95
N ALA A 105 -2.80 5.59 11.49
CA ALA A 105 -3.75 6.19 10.54
C ALA A 105 -4.42 7.44 11.10
N LEU A 106 -4.79 7.40 12.38
CA LEU A 106 -5.44 8.55 13.02
C LEU A 106 -4.57 9.82 12.95
N ILE A 107 -3.31 9.65 13.34
CA ILE A 107 -2.41 10.79 13.54
C ILE A 107 -1.83 11.34 12.23
N ASN A 108 -1.55 10.45 11.29
CA ASN A 108 -1.07 10.87 9.97
C ASN A 108 -2.16 11.55 9.12
N GLY A 109 -3.44 11.35 9.43
CA GLY A 109 -4.50 11.99 8.63
C GLY A 109 -5.19 11.01 7.69
N PHE A 110 -5.32 9.76 8.13
CA PHE A 110 -6.08 8.77 7.37
C PHE A 110 -7.41 8.53 8.09
N GLU A 111 -8.38 7.99 7.36
CA GLU A 111 -9.73 7.76 7.91
C GLU A 111 -10.08 6.28 7.75
N ILE A 112 -10.01 5.53 8.85
CA ILE A 112 -10.04 4.07 8.81
C ILE A 112 -11.45 3.48 8.75
N ILE A 113 -11.72 2.92 7.58
CA ILE A 113 -13.06 2.39 7.27
C ILE A 113 -12.99 0.86 7.18
N ASN A 114 -13.93 0.25 7.89
CA ASN A 114 -13.91 -1.22 8.04
C ASN A 114 -15.04 -1.90 7.25
N GLU A 115 -14.69 -2.15 6.01
CA GLU A 115 -15.63 -2.60 4.97
C GLU A 115 -14.85 -3.74 4.31
N PRO A 116 -15.09 -5.04 4.60
CA PRO A 116 -14.02 -6.07 4.67
C PRO A 116 -13.03 -6.37 3.52
N ASP A 117 -12.72 -5.38 2.72
CA ASP A 117 -11.31 -5.12 2.40
C ASP A 117 -10.90 -3.94 3.32
N TYR A 118 -10.22 -4.26 4.41
CA TYR A 118 -10.07 -3.30 5.52
C TYR A 118 -8.97 -2.29 5.21
N CYS A 119 -9.35 -1.01 5.07
CA CYS A 119 -8.35 0.05 4.88
C CYS A 119 -8.71 1.40 5.48
N TRP A 120 -7.98 2.36 4.91
CA TRP A 120 -7.85 3.73 5.40
C TRP A 120 -7.93 4.64 4.17
N ILE A 121 -8.81 5.62 4.18
CA ILE A 121 -8.92 6.56 3.05
C ILE A 121 -8.48 7.94 3.51
N LYS A 122 -7.33 8.40 3.00
CA LYS A 122 -6.73 9.66 3.48
C LYS A 122 -7.49 10.81 2.81
N MET A 123 -7.86 11.80 3.62
CA MET A 123 -8.40 13.06 3.08
C MET A 123 -7.47 14.25 3.37
N TYR A 7 -11.03 4.44 -15.43
CA TYR A 7 -10.06 3.44 -14.97
C TYR A 7 -9.24 4.05 -13.81
N LYS A 8 -8.64 3.23 -12.96
CA LYS A 8 -7.69 3.75 -11.97
C LYS A 8 -6.30 3.17 -12.21
N THR A 9 -5.30 4.02 -12.01
CA THR A 9 -3.92 3.53 -11.82
C THR A 9 -3.64 3.56 -10.32
N GLY A 10 -2.93 2.55 -9.86
CA GLY A 10 -2.59 2.50 -8.43
C GLY A 10 -1.14 2.17 -8.09
N LEU A 11 -0.98 1.71 -6.84
CA LEU A 11 0.34 1.48 -6.26
C LEU A 11 0.31 0.13 -5.58
N LEU A 12 1.39 -0.61 -5.73
CA LEU A 12 1.59 -1.83 -4.97
C LEU A 12 2.93 -1.73 -4.22
N LEU A 13 2.86 -2.04 -2.94
CA LEU A 13 4.07 -2.22 -2.12
C LEU A 13 4.12 -3.68 -1.67
N ILE A 14 5.19 -4.37 -2.06
CA ILE A 14 5.34 -5.78 -1.68
C ILE A 14 6.67 -5.95 -0.95
N HIS A 15 6.66 -6.76 0.10
CA HIS A 15 7.93 -7.16 0.72
C HIS A 15 8.38 -8.45 0.00
N PRO A 16 9.62 -8.55 -0.47
CA PRO A 16 10.06 -9.64 -1.34
C PRO A 16 9.86 -11.11 -0.96
N ALA A 17 9.63 -11.43 0.32
CA ALA A 17 9.89 -12.81 0.75
C ALA A 17 9.08 -13.94 0.10
N VAL A 18 7.76 -13.82 0.05
CA VAL A 18 6.99 -14.77 -0.79
C VAL A 18 6.75 -14.12 -2.18
N THR A 19 6.71 -12.78 -2.26
CA THR A 19 6.28 -12.10 -3.48
C THR A 19 7.29 -12.17 -4.64
N THR A 20 8.56 -12.57 -4.43
CA THR A 20 9.55 -12.43 -5.51
C THR A 20 9.39 -13.53 -6.59
N THR A 21 8.46 -14.48 -6.39
CA THR A 21 8.07 -15.38 -7.48
C THR A 21 6.75 -14.81 -8.06
N PRO A 22 6.23 -15.26 -9.23
CA PRO A 22 5.08 -14.56 -9.86
C PRO A 22 3.68 -14.80 -9.26
N GLU A 23 3.52 -15.62 -8.23
CA GLU A 23 2.16 -16.01 -7.82
C GLU A 23 1.37 -14.90 -7.11
N LEU A 24 1.94 -14.27 -6.08
CA LEU A 24 1.24 -13.17 -5.40
C LEU A 24 1.10 -11.92 -6.28
N VAL A 25 2.07 -11.68 -7.16
CA VAL A 25 1.99 -10.55 -8.10
C VAL A 25 0.85 -10.77 -9.13
N GLU A 26 0.77 -11.94 -9.74
CA GLU A 26 -0.34 -12.24 -10.66
C GLU A 26 -1.72 -12.21 -9.98
N ASN A 27 -1.81 -12.62 -8.71
CA ASN A 27 -3.09 -12.60 -7.99
C ASN A 27 -3.59 -11.19 -7.67
N THR A 28 -2.72 -10.33 -7.12
CA THR A 28 -3.14 -8.94 -6.87
C THR A 28 -3.50 -8.21 -8.17
N LYS A 29 -2.71 -8.44 -9.22
CA LYS A 29 -3.09 -7.98 -10.57
C LYS A 29 -4.40 -8.63 -11.07
N ALA A 30 -4.69 -9.90 -10.74
CA ALA A 30 -5.93 -10.52 -11.24
C ALA A 30 -7.20 -9.93 -10.62
N GLN A 31 -7.20 -9.74 -9.30
CA GLN A 31 -8.31 -9.04 -8.64
C GLN A 31 -8.51 -7.63 -9.17
N ALA A 32 -7.44 -6.83 -9.17
CA ALA A 32 -7.52 -5.47 -9.71
C ALA A 32 -7.95 -5.42 -11.19
N ALA A 33 -7.50 -6.38 -11.99
CA ALA A 33 -7.69 -6.30 -13.45
C ALA A 33 -9.07 -6.76 -13.94
N SER A 34 -9.61 -7.85 -13.42
CA SER A 34 -11.03 -8.21 -13.70
C SER A 34 -12.06 -7.14 -13.31
N LYS A 35 -11.70 -6.22 -12.41
CA LYS A 35 -12.52 -5.06 -12.14
C LYS A 35 -12.19 -3.96 -13.15
N LYS A 36 -11.38 -3.01 -12.71
CA LYS A 36 -11.14 -1.79 -13.50
C LYS A 36 -9.82 -1.07 -13.13
N VAL A 37 -8.93 -1.82 -12.50
CA VAL A 37 -7.75 -1.22 -11.84
C VAL A 37 -6.48 -1.96 -12.27
N LYS A 38 -5.62 -1.32 -13.05
CA LYS A 38 -4.26 -1.87 -13.24
C LYS A 38 -3.31 -1.13 -12.31
N PHE A 39 -2.47 -1.90 -11.64
CA PHE A 39 -1.42 -1.31 -10.80
C PHE A 39 -0.17 -1.07 -11.67
N VAL A 40 0.48 0.07 -11.44
CA VAL A 40 1.53 0.56 -12.36
C VAL A 40 2.90 0.67 -11.67
N ASP A 41 2.92 0.95 -10.36
CA ASP A 41 4.15 1.47 -9.73
C ASP A 41 4.52 0.51 -8.61
N GLN A 42 5.72 -0.06 -8.72
CA GLN A 42 6.06 -1.22 -7.88
C GLN A 42 7.17 -0.82 -6.94
N PHE A 43 6.92 -1.02 -5.65
CA PHE A 43 7.91 -0.64 -4.65
C PHE A 43 8.17 -1.85 -3.76
N LEU A 44 9.42 -2.31 -3.73
CA LEU A 44 9.80 -3.34 -2.76
C LEU A 44 10.26 -2.62 -1.49
N ILE A 45 10.06 -3.25 -0.34
CA ILE A 45 10.41 -2.61 0.94
C ILE A 45 11.90 -2.29 1.09
N ASN A 46 12.78 -3.20 0.64
CA ASN A 46 14.23 -2.90 0.72
C ASN A 46 14.72 -1.95 -0.39
N LYS A 47 14.08 -1.96 -1.57
CA LYS A 47 14.51 -1.07 -2.66
C LYS A 47 13.99 0.37 -2.50
N LEU A 48 12.79 0.57 -1.93
CA LEU A 48 12.31 1.95 -1.72
C LEU A 48 13.03 2.66 -0.58
N ASN A 49 13.25 1.90 0.49
CA ASN A 49 13.99 2.44 1.65
C ASN A 49 15.51 2.57 1.40
N ASP A 50 16.05 1.86 0.42
CA ASP A 50 17.45 2.09 0.02
C ASP A 50 17.57 3.29 -0.94
N GLY A 51 16.62 3.47 -1.86
CA GLY A 51 16.67 4.62 -2.77
C GLY A 51 16.77 4.26 -4.26
N SER A 52 16.51 3.01 -4.64
CA SER A 52 16.68 2.60 -6.05
C SER A 52 15.54 3.08 -6.98
N ILE A 53 14.31 3.20 -6.47
CA ILE A 53 13.15 3.38 -7.35
C ILE A 53 12.56 4.77 -7.09
N THR A 54 12.53 5.57 -8.14
CA THR A 54 11.83 6.86 -8.08
C THR A 54 10.76 6.90 -9.17
N LEU A 55 9.53 7.06 -8.73
CA LEU A 55 8.43 7.35 -9.66
C LEU A 55 7.79 8.67 -9.19
N GLU A 56 6.57 8.93 -9.65
CA GLU A 56 5.96 10.26 -9.47
C GLU A 56 5.01 10.27 -8.26
N ASN A 57 4.59 11.48 -7.91
CA ASN A 57 3.84 11.71 -6.66
C ASN A 57 2.43 12.19 -6.99
N ALA A 58 1.56 11.31 -7.51
CA ALA A 58 0.28 11.79 -8.04
C ALA A 58 -0.86 10.75 -8.18
N LYS A 59 -0.95 10.06 -9.32
CA LYS A 59 -2.24 9.45 -9.71
C LYS A 59 -2.40 7.96 -9.38
N TYR A 60 -1.99 7.56 -8.18
CA TYR A 60 -1.92 6.13 -7.85
C TYR A 60 -2.97 5.77 -6.78
N GLU A 61 -4.05 6.56 -6.62
CA GLU A 61 -4.86 6.60 -5.38
C GLU A 61 -5.57 5.28 -4.96
N THR A 62 -4.96 4.14 -5.29
CA THR A 62 -5.31 2.85 -4.67
C THR A 62 -4.00 2.15 -4.33
N VAL A 63 -3.82 1.97 -3.04
CA VAL A 63 -2.49 1.64 -2.50
C VAL A 63 -2.63 0.27 -1.82
N HIS A 64 -2.04 -0.78 -2.38
CA HIS A 64 -2.14 -2.12 -1.79
C HIS A 64 -0.78 -2.49 -1.16
N TYR A 65 -0.75 -3.04 0.07
CA TYR A 65 0.53 -3.45 0.68
C TYR A 65 0.48 -4.94 1.06
N LEU A 66 1.23 -5.77 0.36
CA LEU A 66 1.10 -7.22 0.49
C LEU A 66 2.38 -7.80 1.09
N THR A 67 2.37 -8.09 2.40
CA THR A 67 3.63 -8.45 3.10
C THR A 67 3.48 -9.87 3.68
N PRO A 68 3.80 -10.92 2.94
CA PRO A 68 3.87 -12.28 3.50
C PRO A 68 5.20 -12.51 4.24
N GLU A 69 5.24 -12.20 5.54
CA GLU A 69 6.40 -12.60 6.36
C GLU A 69 6.02 -13.52 7.53
N ALA A 70 4.81 -13.40 8.07
CA ALA A 70 4.47 -14.10 9.32
C ALA A 70 2.95 -14.03 9.55
N GLN A 71 2.51 -14.52 10.71
CA GLN A 71 1.11 -14.32 11.12
C GLN A 71 0.90 -12.87 11.59
N THR A 72 1.46 -12.50 12.75
CA THR A 72 1.13 -11.21 13.37
C THR A 72 2.39 -10.37 13.65
N ASP A 73 3.26 -10.20 12.66
CA ASP A 73 4.57 -9.59 12.91
C ASP A 73 4.86 -8.57 11.80
N ILE A 74 4.27 -7.38 11.96
CA ILE A 74 4.28 -6.37 10.88
C ILE A 74 5.24 -5.24 11.29
N LYS A 75 6.45 -5.28 10.73
CA LYS A 75 7.38 -4.16 10.88
C LYS A 75 7.36 -3.22 9.66
N PHE A 76 6.65 -2.09 9.79
CA PHE A 76 6.79 -1.02 8.79
C PHE A 76 7.10 0.27 9.54
N PRO A 77 7.85 1.21 8.95
CA PRO A 77 8.11 2.49 9.63
C PRO A 77 6.96 3.48 9.44
N LYS A 78 6.76 4.36 10.43
CA LYS A 78 5.85 5.49 10.24
C LYS A 78 6.29 6.46 9.11
N LYS A 79 7.60 6.66 8.96
CA LYS A 79 8.13 7.57 7.93
C LYS A 79 7.75 7.16 6.50
N LEU A 80 7.65 5.86 6.21
CA LEU A 80 7.24 5.48 4.85
C LEU A 80 5.72 5.66 4.67
N ILE A 81 4.90 5.52 5.71
CA ILE A 81 3.48 5.88 5.61
C ILE A 81 3.30 7.37 5.27
N SER A 82 4.11 8.28 5.82
CA SER A 82 4.01 9.70 5.41
C SER A 82 4.48 9.95 3.96
N VAL A 83 5.58 9.30 3.54
CA VAL A 83 6.03 9.43 2.15
C VAL A 83 5.01 8.85 1.14
N LEU A 84 4.36 7.72 1.47
CA LEU A 84 3.32 7.16 0.60
C LEU A 84 2.03 8.00 0.57
N ALA A 85 1.66 8.65 1.67
CA ALA A 85 0.59 9.66 1.64
C ALA A 85 0.92 10.85 0.71
N ASP A 86 2.20 11.20 0.56
CA ASP A 86 2.57 12.33 -0.31
C ASP A 86 2.34 12.11 -1.84
N SER A 87 2.05 10.88 -2.23
CA SER A 87 1.93 10.53 -3.65
C SER A 87 0.50 10.51 -4.20
N LEU A 88 -0.39 11.35 -3.64
CA LEU A 88 -1.82 11.14 -3.83
C LEU A 88 -2.58 12.43 -4.18
N LYS A 89 -3.85 12.26 -4.54
CA LYS A 89 -4.77 13.39 -4.70
C LYS A 89 -5.97 13.13 -3.73
N PRO A 90 -7.18 13.68 -3.88
CA PRO A 90 -8.15 13.68 -2.76
C PRO A 90 -8.76 12.35 -2.28
N ASN A 91 -9.20 11.41 -3.12
CA ASN A 91 -9.58 10.08 -2.59
C ASN A 91 -8.38 9.11 -2.59
N GLY A 92 -7.35 9.43 -1.81
CA GLY A 92 -6.25 8.48 -1.58
C GLY A 92 -6.69 7.47 -0.56
N SER A 93 -6.43 6.18 -0.82
CA SER A 93 -6.83 5.18 0.15
C SER A 93 -5.69 4.18 0.20
N LEU A 94 -5.70 3.48 1.30
CA LEU A 94 -4.65 2.51 1.59
C LEU A 94 -5.42 1.23 1.92
N ILE A 95 -5.05 0.11 1.30
CA ILE A 95 -5.61 -1.18 1.70
C ILE A 95 -4.51 -2.03 2.30
N GLY A 96 -4.37 -1.87 3.60
CA GLY A 96 -3.11 -2.31 4.20
C GLY A 96 -3.07 -2.95 5.57
N LEU A 97 -3.13 -2.14 6.62
CA LEU A 97 -2.27 -2.41 7.77
C LEU A 97 -3.10 -2.78 9.03
N SER A 98 -2.39 -3.22 10.06
CA SER A 98 -3.00 -3.92 11.20
C SER A 98 -3.38 -2.98 12.38
N ASP A 99 -3.61 -3.54 13.56
CA ASP A 99 -4.17 -2.78 14.69
C ASP A 99 -3.29 -1.66 15.26
N ILE A 100 -1.97 -1.80 15.32
CA ILE A 100 -1.11 -0.64 15.71
C ILE A 100 -1.33 0.55 14.77
N TYR A 101 -1.62 0.20 13.53
CA TYR A 101 -1.70 1.20 12.48
C TYR A 101 -3.03 2.00 12.56
N LYS A 102 -4.00 1.56 13.34
CA LYS A 102 -5.21 2.36 13.66
C LYS A 102 -4.86 3.69 14.33
N VAL A 103 -4.10 3.67 15.42
CA VAL A 103 -3.64 4.92 16.05
C VAL A 103 -2.71 5.71 15.12
N ASP A 104 -1.85 5.02 14.36
CA ASP A 104 -1.05 5.70 13.35
C ASP A 104 -1.90 6.41 12.28
N ALA A 105 -2.93 5.74 11.75
CA ALA A 105 -3.87 6.36 10.81
C ALA A 105 -4.50 7.62 11.39
N LEU A 106 -4.90 7.55 12.65
CA LEU A 106 -5.49 8.73 13.32
C LEU A 106 -4.58 9.96 13.28
N ILE A 107 -3.33 9.75 13.68
CA ILE A 107 -2.40 10.86 13.90
C ILE A 107 -1.77 11.42 12.62
N ASN A 108 -1.53 10.54 11.66
CA ASN A 108 -1.05 10.94 10.33
C ASN A 108 -2.12 11.63 9.49
N GLY A 109 -3.41 11.51 9.81
CA GLY A 109 -4.43 12.20 9.01
C GLY A 109 -5.18 11.26 8.07
N PHE A 110 -5.31 10.00 8.48
CA PHE A 110 -6.13 9.05 7.74
C PHE A 110 -7.42 8.83 8.56
N GLU A 111 -8.46 8.35 7.89
CA GLU A 111 -9.75 8.12 8.54
C GLU A 111 -10.14 6.68 8.22
N ILE A 112 -10.07 5.84 9.25
CA ILE A 112 -10.16 4.39 9.05
C ILE A 112 -11.60 3.93 8.80
N ILE A 113 -11.70 2.87 8.01
CA ILE A 113 -13.01 2.37 7.56
C ILE A 113 -12.88 0.85 7.40
N ASN A 114 -13.79 0.16 8.08
CA ASN A 114 -13.68 -1.29 8.21
C ASN A 114 -14.73 -2.01 7.35
N GLU A 115 -14.23 -2.45 6.20
CA GLU A 115 -15.07 -2.98 5.13
C GLU A 115 -14.41 -4.29 4.64
N PRO A 116 -15.01 -5.06 3.72
CA PRO A 116 -14.36 -6.28 3.20
C PRO A 116 -12.96 -6.15 2.60
N ASP A 117 -12.59 -4.92 2.23
CA ASP A 117 -11.18 -4.55 2.13
C ASP A 117 -10.92 -3.51 3.23
N TYR A 118 -10.16 -3.88 4.25
CA TYR A 118 -10.04 -3.03 5.44
C TYR A 118 -8.91 -2.01 5.22
N CYS A 119 -9.27 -0.74 5.10
CA CYS A 119 -8.26 0.32 5.00
C CYS A 119 -8.73 1.63 5.63
N TRP A 120 -8.05 2.66 5.12
CA TRP A 120 -8.10 4.02 5.65
C TRP A 120 -8.19 4.91 4.40
N ILE A 121 -8.82 6.05 4.52
CA ILE A 121 -8.60 7.10 3.52
C ILE A 121 -7.86 8.27 4.18
N LYS A 122 -6.97 8.92 3.46
CA LYS A 122 -6.38 10.18 3.95
C LYS A 122 -7.23 11.35 3.43
N MET A 123 -7.53 12.29 4.33
CA MET A 123 -8.51 13.35 4.01
C MET A 123 -7.82 14.70 3.84
N TYR A 7 -10.63 4.63 -15.10
CA TYR A 7 -9.61 3.58 -15.00
C TYR A 7 -8.44 4.12 -14.19
N LYS A 8 -8.18 3.43 -13.08
CA LYS A 8 -7.31 3.98 -12.04
C LYS A 8 -5.87 3.46 -12.15
N THR A 9 -4.95 4.34 -11.77
CA THR A 9 -3.53 3.99 -11.60
C THR A 9 -3.27 3.91 -10.10
N GLY A 10 -2.82 2.75 -9.64
CA GLY A 10 -2.35 2.68 -8.24
C GLY A 10 -0.98 2.05 -8.05
N LEU A 11 -0.76 1.65 -6.80
CA LEU A 11 0.58 1.33 -6.33
C LEU A 11 0.47 0.01 -5.58
N LEU A 12 1.44 -0.88 -5.75
CA LEU A 12 1.45 -2.10 -4.94
C LEU A 12 2.82 -2.16 -4.25
N LEU A 13 2.77 -2.35 -2.92
CA LEU A 13 3.96 -2.34 -2.06
C LEU A 13 4.13 -3.74 -1.48
N ILE A 14 5.26 -4.35 -1.76
CA ILE A 14 5.41 -5.78 -1.49
C ILE A 14 6.72 -6.01 -0.73
N HIS A 15 6.65 -6.91 0.25
CA HIS A 15 7.86 -7.40 0.91
C HIS A 15 8.12 -8.81 0.33
N PRO A 16 9.32 -9.13 -0.14
CA PRO A 16 9.57 -10.38 -0.89
C PRO A 16 9.38 -11.77 -0.25
N ALA A 17 9.17 -11.87 1.05
CA ALA A 17 9.49 -13.16 1.72
C ALA A 17 8.67 -14.38 1.29
N VAL A 18 7.35 -14.30 1.27
CA VAL A 18 6.56 -15.37 0.61
C VAL A 18 6.29 -14.97 -0.85
N THR A 19 6.19 -13.66 -1.12
CA THR A 19 5.73 -13.17 -2.42
C THR A 19 6.80 -13.16 -3.53
N THR A 20 8.05 -13.58 -3.28
CA THR A 20 9.00 -13.77 -4.40
C THR A 20 8.74 -15.06 -5.20
N THR A 21 7.61 -15.74 -4.95
CA THR A 21 7.11 -16.75 -5.88
C THR A 21 5.99 -16.05 -6.71
N PRO A 22 5.46 -16.59 -7.81
CA PRO A 22 4.56 -15.81 -8.69
C PRO A 22 3.11 -15.60 -8.23
N GLU A 23 2.68 -16.20 -7.11
CA GLU A 23 1.24 -16.29 -6.84
C GLU A 23 0.57 -14.98 -6.39
N LEU A 24 1.12 -14.28 -5.40
CA LEU A 24 0.49 -13.03 -4.93
C LEU A 24 0.57 -11.90 -5.96
N VAL A 25 1.61 -11.88 -6.78
CA VAL A 25 1.69 -10.86 -7.86
C VAL A 25 0.64 -11.15 -8.95
N GLU A 26 0.48 -12.40 -9.38
CA GLU A 26 -0.61 -12.74 -10.32
C GLU A 26 -2.02 -12.41 -9.77
N ASN A 27 -2.23 -12.57 -8.47
CA ASN A 27 -3.51 -12.22 -7.83
C ASN A 27 -3.80 -10.73 -7.84
N THR A 28 -2.82 -9.91 -7.46
CA THR A 28 -2.97 -8.45 -7.56
C THR A 28 -3.26 -7.99 -9.00
N LYS A 29 -2.48 -8.49 -9.96
CA LYS A 29 -2.80 -8.29 -11.37
C LYS A 29 -4.15 -8.90 -11.78
N ALA A 30 -4.59 -9.99 -11.14
CA ALA A 30 -5.92 -10.57 -11.48
C ALA A 30 -7.08 -9.67 -11.06
N GLN A 31 -7.05 -9.18 -9.82
CA GLN A 31 -8.00 -8.19 -9.34
C GLN A 31 -8.05 -6.91 -10.21
N ALA A 32 -6.90 -6.32 -10.45
CA ALA A 32 -6.78 -5.18 -11.37
C ALA A 32 -7.27 -5.46 -12.80
N ALA A 33 -7.10 -6.68 -13.29
CA ALA A 33 -7.73 -7.08 -14.57
C ALA A 33 -9.24 -7.35 -14.59
N SER A 34 -9.77 -8.16 -13.68
CA SER A 34 -11.23 -8.29 -13.54
C SER A 34 -12.01 -7.02 -13.16
N LYS A 35 -11.44 -6.13 -12.36
CA LYS A 35 -12.04 -4.82 -12.13
C LYS A 35 -11.61 -3.81 -13.22
N LYS A 36 -11.17 -2.64 -12.77
CA LYS A 36 -10.94 -1.50 -13.68
C LYS A 36 -9.75 -0.62 -13.28
N VAL A 37 -9.03 -1.06 -12.25
CA VAL A 37 -7.75 -0.45 -11.88
C VAL A 37 -6.55 -1.24 -12.42
N LYS A 38 -5.44 -0.54 -12.62
CA LYS A 38 -4.15 -1.21 -12.86
C LYS A 38 -3.13 -0.64 -11.88
N PHE A 39 -2.27 -1.54 -11.41
CA PHE A 39 -1.18 -1.14 -10.49
C PHE A 39 0.08 -0.86 -11.32
N VAL A 40 0.32 0.42 -11.53
CA VAL A 40 1.30 0.86 -12.55
C VAL A 40 2.76 0.78 -12.07
N ASP A 41 2.98 0.97 -10.78
CA ASP A 41 4.35 0.86 -10.24
C ASP A 41 4.39 -0.22 -9.15
N GLN A 42 5.61 -0.55 -8.76
CA GLN A 42 5.84 -1.70 -7.87
C GLN A 42 6.95 -1.29 -6.93
N PHE A 43 6.64 -1.22 -5.65
CA PHE A 43 7.58 -0.63 -4.69
C PHE A 43 7.95 -1.71 -3.66
N LEU A 44 9.23 -2.10 -3.66
CA LEU A 44 9.68 -3.12 -2.71
C LEU A 44 10.03 -2.42 -1.40
N ILE A 45 9.86 -3.11 -0.28
CA ILE A 45 10.15 -2.48 1.02
C ILE A 45 11.63 -2.08 1.20
N ASN A 46 12.57 -2.91 0.76
CA ASN A 46 14.00 -2.56 0.91
C ASN A 46 14.52 -1.62 -0.17
N LYS A 47 13.97 -1.67 -1.39
CA LYS A 47 14.49 -0.82 -2.48
C LYS A 47 13.78 0.55 -2.54
N LEU A 48 12.51 0.67 -2.13
CA LEU A 48 11.90 2.02 -2.01
C LEU A 48 12.53 2.80 -0.85
N ASN A 49 12.79 2.12 0.26
CA ASN A 49 13.50 2.75 1.38
C ASN A 49 14.98 3.06 1.07
N ASP A 50 15.60 2.29 0.18
CA ASP A 50 16.99 2.56 -0.23
C ASP A 50 17.18 3.13 -1.66
N GLY A 51 16.14 3.69 -2.23
CA GLY A 51 16.33 4.75 -3.25
C GLY A 51 16.23 4.34 -4.73
N SER A 52 15.76 3.14 -5.05
CA SER A 52 15.91 2.63 -6.42
C SER A 52 14.85 3.09 -7.45
N ILE A 53 13.65 3.50 -7.01
CA ILE A 53 12.52 3.55 -7.96
C ILE A 53 12.06 5.01 -8.15
N THR A 54 11.21 5.21 -9.17
CA THR A 54 10.81 6.56 -9.54
C THR A 54 9.43 6.91 -8.95
N LEU A 55 9.45 7.93 -8.09
CA LEU A 55 8.24 8.38 -7.41
C LEU A 55 7.63 9.58 -8.15
N GLU A 56 6.40 9.41 -8.59
CA GLU A 56 5.60 10.56 -9.05
C GLU A 56 4.52 10.85 -8.00
N ASN A 57 4.55 12.06 -7.44
CA ASN A 57 3.71 12.39 -6.28
C ASN A 57 2.31 12.82 -6.73
N ALA A 58 1.52 11.88 -7.29
CA ALA A 58 0.10 12.18 -7.55
C ALA A 58 -0.79 10.94 -7.73
N LYS A 59 -0.71 10.25 -8.87
CA LYS A 59 -1.82 9.36 -9.29
C LYS A 59 -1.60 7.88 -9.01
N TYR A 60 -1.14 7.55 -7.82
CA TYR A 60 -1.19 6.16 -7.33
C TYR A 60 -2.17 5.99 -6.15
N GLU A 61 -3.15 6.88 -5.92
CA GLU A 61 -4.18 6.62 -4.89
C GLU A 61 -5.11 5.38 -5.01
N THR A 62 -4.43 4.24 -5.08
CA THR A 62 -4.96 3.01 -4.46
C THR A 62 -3.74 2.25 -3.98
N VAL A 63 -3.59 2.12 -2.67
CA VAL A 63 -2.34 1.57 -2.13
C VAL A 63 -2.75 0.11 -1.85
N HIS A 64 -1.93 -0.85 -2.24
CA HIS A 64 -2.09 -2.23 -1.78
C HIS A 64 -0.78 -2.65 -1.09
N TYR A 65 -0.85 -3.29 0.10
CA TYR A 65 0.38 -3.74 0.77
C TYR A 65 0.33 -5.26 0.96
N LEU A 66 1.19 -5.94 0.22
CA LEU A 66 1.41 -7.37 0.43
C LEU A 66 2.65 -7.60 1.30
N THR A 67 2.45 -7.87 2.58
CA THR A 67 3.53 -8.36 3.44
C THR A 67 3.00 -9.67 4.06
N PRO A 68 3.47 -10.84 3.64
CA PRO A 68 2.77 -12.11 3.89
C PRO A 68 2.92 -12.74 5.28
N GLU A 69 4.15 -12.96 5.75
CA GLU A 69 4.37 -13.92 6.85
C GLU A 69 4.28 -13.33 8.27
N ALA A 70 3.48 -12.28 8.49
CA ALA A 70 3.56 -11.57 9.77
C ALA A 70 2.39 -12.00 10.69
N GLN A 71 2.37 -11.44 11.89
CA GLN A 71 1.20 -11.61 12.78
C GLN A 71 0.52 -10.25 12.93
N THR A 72 1.08 -9.38 13.77
CA THR A 72 0.40 -8.13 14.16
C THR A 72 1.32 -6.93 13.87
N ASP A 73 2.52 -6.93 14.43
CA ASP A 73 3.38 -5.73 14.37
C ASP A 73 4.56 -6.02 13.44
N ILE A 74 4.45 -5.51 12.21
CA ILE A 74 5.59 -5.53 11.29
C ILE A 74 6.49 -4.31 11.55
N LYS A 75 7.69 -4.34 10.96
CA LYS A 75 8.52 -3.13 10.94
C LYS A 75 8.08 -2.31 9.71
N PHE A 76 7.18 -1.37 9.94
CA PHE A 76 6.83 -0.38 8.90
C PHE A 76 7.04 1.03 9.45
N PRO A 77 8.23 1.61 9.27
CA PRO A 77 8.54 2.91 9.86
C PRO A 77 7.53 3.99 9.46
N LYS A 78 7.33 4.95 10.36
CA LYS A 78 6.35 6.03 10.10
C LYS A 78 6.71 6.90 8.88
N LYS A 79 8.01 7.07 8.60
CA LYS A 79 8.45 7.89 7.45
C LYS A 79 7.92 7.38 6.11
N LEU A 80 7.77 6.07 5.92
CA LEU A 80 7.22 5.58 4.64
C LEU A 80 5.70 5.77 4.55
N ILE A 81 4.97 5.73 5.67
CA ILE A 81 3.56 6.12 5.69
C ILE A 81 3.39 7.61 5.31
N SER A 82 4.29 8.52 5.72
CA SER A 82 4.17 9.92 5.28
C SER A 82 4.51 10.10 3.80
N VAL A 83 5.53 9.41 3.28
CA VAL A 83 5.83 9.47 1.84
C VAL A 83 4.64 9.00 0.98
N LEU A 84 4.05 7.87 1.37
CA LEU A 84 2.93 7.29 0.62
C LEU A 84 1.63 8.08 0.77
N ALA A 85 1.41 8.74 1.90
CA ALA A 85 0.33 9.72 2.01
C ALA A 85 0.54 10.95 1.09
N ASP A 86 1.78 11.32 0.79
CA ASP A 86 2.06 12.58 0.09
C ASP A 86 1.87 12.55 -1.45
N SER A 87 1.68 11.37 -2.02
CA SER A 87 1.57 11.23 -3.49
C SER A 87 0.12 11.17 -3.96
N LEU A 88 -0.70 12.12 -3.53
CA LEU A 88 -2.14 11.84 -3.51
C LEU A 88 -3.07 12.79 -4.27
N LYS A 89 -4.24 12.21 -4.52
CA LYS A 89 -5.44 12.94 -4.91
C LYS A 89 -6.32 13.05 -3.64
N PRO A 90 -7.45 13.76 -3.67
CA PRO A 90 -8.42 13.74 -2.56
C PRO A 90 -8.95 12.38 -2.07
N ASN A 91 -9.02 11.35 -2.91
CA ASN A 91 -9.31 10.00 -2.38
C ASN A 91 -8.04 9.14 -2.28
N GLY A 92 -7.16 9.48 -1.33
CA GLY A 92 -6.10 8.52 -0.94
C GLY A 92 -6.75 7.36 -0.21
N SER A 93 -6.41 6.13 -0.57
CA SER A 93 -7.17 5.00 -0.04
C SER A 93 -6.23 3.81 0.11
N LEU A 94 -6.11 3.36 1.34
CA LEU A 94 -5.07 2.44 1.76
C LEU A 94 -5.69 1.05 1.97
N ILE A 95 -5.13 -0.02 1.39
CA ILE A 95 -5.58 -1.37 1.77
C ILE A 95 -4.47 -2.06 2.54
N GLY A 96 -4.42 -1.73 3.82
CA GLY A 96 -3.24 -2.07 4.58
C GLY A 96 -3.33 -2.51 6.05
N LEU A 97 -3.16 -1.57 6.99
CA LEU A 97 -2.35 -1.89 8.16
C LEU A 97 -3.20 -1.89 9.44
N SER A 98 -2.80 -2.77 10.37
CA SER A 98 -3.69 -3.14 11.51
C SER A 98 -3.22 -2.54 12.87
N ASP A 99 -3.08 -3.29 13.97
CA ASP A 99 -2.48 -2.75 15.21
C ASP A 99 -0.98 -2.83 14.98
N ILE A 100 -0.09 -1.86 15.12
CA ILE A 100 -0.24 -0.52 15.74
C ILE A 100 -0.99 0.57 14.95
N TYR A 101 -1.17 0.24 13.69
CA TYR A 101 -1.30 1.26 12.65
C TYR A 101 -2.69 1.94 12.63
N LYS A 102 -3.58 1.54 13.52
CA LYS A 102 -4.90 2.17 13.69
C LYS A 102 -4.75 3.59 14.27
N VAL A 103 -4.09 3.68 15.43
CA VAL A 103 -3.71 5.01 15.98
C VAL A 103 -2.73 5.74 15.03
N ASP A 104 -1.85 5.01 14.35
CA ASP A 104 -1.01 5.66 13.32
C ASP A 104 -1.83 6.29 12.18
N ALA A 105 -2.87 5.59 11.72
CA ALA A 105 -3.77 6.14 10.69
C ALA A 105 -4.43 7.43 11.17
N LEU A 106 -4.88 7.43 12.43
CA LEU A 106 -5.52 8.62 13.00
C LEU A 106 -4.62 9.86 12.93
N ILE A 107 -3.39 9.69 13.37
CA ILE A 107 -2.48 10.83 13.58
C ILE A 107 -1.82 11.33 12.29
N ASN A 108 -1.54 10.39 11.37
CA ASN A 108 -1.00 10.76 10.05
C ASN A 108 -2.04 11.43 9.15
N GLY A 109 -3.33 11.33 9.46
CA GLY A 109 -4.33 11.99 8.61
C GLY A 109 -5.08 11.02 7.70
N PHE A 110 -5.26 9.78 8.16
CA PHE A 110 -6.19 8.86 7.49
C PHE A 110 -7.41 8.76 8.42
N GLU A 111 -8.54 8.33 7.87
CA GLU A 111 -9.58 7.77 8.75
C GLU A 111 -9.79 6.33 8.32
N ILE A 112 -10.24 5.52 9.26
CA ILE A 112 -10.31 4.09 9.04
C ILE A 112 -11.76 3.66 8.76
N ILE A 113 -11.87 2.56 8.03
CA ILE A 113 -13.18 2.07 7.60
C ILE A 113 -13.07 0.55 7.44
N ASN A 114 -14.09 -0.12 7.96
CA ASN A 114 -14.04 -1.59 8.07
C ASN A 114 -15.12 -2.26 7.21
N GLU A 115 -14.69 -2.49 5.98
CA GLU A 115 -15.58 -2.93 4.90
C GLU A 115 -14.74 -4.05 4.27
N PRO A 116 -14.97 -5.36 4.53
CA PRO A 116 -13.87 -6.36 4.70
C PRO A 116 -12.77 -6.61 3.65
N ASP A 117 -12.40 -5.61 2.86
CA ASP A 117 -10.97 -5.33 2.68
C ASP A 117 -10.68 -4.14 3.61
N TYR A 118 -10.00 -4.41 4.73
CA TYR A 118 -9.94 -3.42 5.82
C TYR A 118 -8.89 -2.36 5.51
N CYS A 119 -9.35 -1.11 5.33
CA CYS A 119 -8.43 0.01 5.07
C CYS A 119 -8.86 1.35 5.65
N TRP A 120 -8.21 2.35 5.04
CA TRP A 120 -8.14 3.72 5.54
C TRP A 120 -8.35 4.59 4.29
N ILE A 121 -8.94 5.75 4.46
CA ILE A 121 -8.83 6.79 3.41
C ILE A 121 -7.96 7.89 4.02
N LYS A 122 -7.13 8.55 3.21
CA LYS A 122 -6.50 9.81 3.64
C LYS A 122 -7.38 10.97 3.13
N MET A 123 -8.05 11.65 4.07
CA MET A 123 -9.12 12.60 3.72
C MET A 123 -8.57 14.00 3.42
N TYR A 7 -11.71 4.54 -13.90
CA TYR A 7 -10.63 3.58 -13.63
C TYR A 7 -9.71 4.18 -12.56
N LYS A 8 -8.96 3.36 -11.84
CA LYS A 8 -7.92 3.89 -10.96
C LYS A 8 -6.54 3.39 -11.37
N THR A 9 -5.55 4.27 -11.26
CA THR A 9 -4.15 3.84 -11.25
C THR A 9 -3.73 3.74 -9.77
N GLY A 10 -2.95 2.72 -9.45
CA GLY A 10 -2.44 2.62 -8.07
C GLY A 10 -0.97 2.30 -7.92
N LEU A 11 -0.71 1.85 -6.69
CA LEU A 11 0.65 1.64 -6.20
C LEU A 11 0.68 0.28 -5.51
N LEU A 12 1.79 -0.44 -5.64
CA LEU A 12 1.96 -1.66 -4.84
C LEU A 12 3.26 -1.55 -4.04
N LEU A 13 3.15 -1.96 -2.79
CA LEU A 13 4.34 -2.25 -1.97
C LEU A 13 4.33 -3.74 -1.66
N ILE A 14 5.39 -4.42 -2.10
CA ILE A 14 5.53 -5.84 -1.77
C ILE A 14 6.73 -5.99 -0.84
N HIS A 15 6.62 -6.85 0.16
CA HIS A 15 7.82 -7.27 0.89
C HIS A 15 8.28 -8.61 0.27
N PRO A 16 9.56 -8.76 -0.11
CA PRO A 16 10.00 -9.91 -0.89
C PRO A 16 9.91 -11.34 -0.33
N ALA A 17 9.60 -11.51 0.95
CA ALA A 17 9.90 -12.81 1.59
C ALA A 17 9.11 -14.03 1.06
N VAL A 18 7.79 -13.94 0.97
CA VAL A 18 7.05 -15.00 0.27
C VAL A 18 6.96 -14.68 -1.25
N THR A 19 6.98 -13.40 -1.61
CA THR A 19 6.70 -12.96 -2.98
C THR A 19 7.87 -13.08 -3.98
N THR A 20 9.05 -13.56 -3.57
CA THR A 20 10.06 -13.94 -4.59
C THR A 20 9.71 -15.30 -5.25
N THR A 21 8.60 -15.90 -4.82
CA THR A 21 7.90 -16.95 -5.57
C THR A 21 6.52 -16.35 -5.98
N PRO A 22 6.51 -15.40 -6.92
CA PRO A 22 5.46 -14.37 -7.06
C PRO A 22 4.08 -14.84 -7.56
N GLU A 23 3.48 -15.87 -6.94
CA GLU A 23 2.06 -16.18 -7.18
C GLU A 23 1.13 -15.11 -6.60
N LEU A 24 1.45 -14.58 -5.41
CA LEU A 24 0.68 -13.46 -4.84
C LEU A 24 0.69 -12.21 -5.73
N VAL A 25 1.76 -12.01 -6.50
CA VAL A 25 1.82 -10.87 -7.44
C VAL A 25 0.83 -11.07 -8.61
N GLU A 26 0.78 -12.26 -9.21
CA GLU A 26 -0.25 -12.53 -10.23
C GLU A 26 -1.68 -12.38 -9.71
N ASN A 27 -1.92 -12.80 -8.48
CA ASN A 27 -3.27 -12.72 -7.88
C ASN A 27 -3.77 -11.30 -7.65
N THR A 28 -2.95 -10.47 -7.01
CA THR A 28 -3.33 -9.05 -6.83
C THR A 28 -3.50 -8.34 -8.17
N LYS A 29 -2.64 -8.65 -9.16
CA LYS A 29 -2.88 -8.21 -10.54
C LYS A 29 -4.16 -8.81 -11.14
N ALA A 30 -4.52 -10.07 -10.81
CA ALA A 30 -5.74 -10.66 -11.38
C ALA A 30 -7.04 -10.02 -10.87
N GLN A 31 -7.11 -9.71 -9.58
CA GLN A 31 -8.27 -8.98 -9.04
C GLN A 31 -8.37 -7.57 -9.63
N ALA A 32 -7.27 -6.82 -9.57
CA ALA A 32 -7.26 -5.47 -10.16
C ALA A 32 -7.63 -5.47 -11.67
N ALA A 33 -7.12 -6.45 -12.42
CA ALA A 33 -7.59 -6.65 -13.80
C ALA A 33 -9.10 -6.92 -13.94
N SER A 34 -9.66 -7.87 -13.19
CA SER A 34 -11.05 -8.29 -13.45
C SER A 34 -12.08 -7.25 -12.96
N LYS A 35 -11.69 -6.40 -12.01
CA LYS A 35 -12.50 -5.26 -11.62
C LYS A 35 -12.20 -4.06 -12.55
N LYS A 36 -11.45 -3.12 -12.03
CA LYS A 36 -11.32 -1.80 -12.70
C LYS A 36 -10.10 -0.98 -12.24
N VAL A 37 -9.20 -1.61 -11.51
CA VAL A 37 -7.89 -1.00 -11.19
C VAL A 37 -6.75 -1.59 -12.04
N LYS A 38 -5.74 -0.77 -12.32
CA LYS A 38 -4.45 -1.29 -12.78
C LYS A 38 -3.38 -0.67 -11.88
N PHE A 39 -2.44 -1.50 -11.46
CA PHE A 39 -1.28 -0.97 -10.71
C PHE A 39 -0.19 -0.59 -11.70
N VAL A 40 0.45 0.54 -11.42
CA VAL A 40 1.39 1.15 -12.40
C VAL A 40 2.84 1.05 -11.90
N ASP A 41 3.09 1.30 -10.62
CA ASP A 41 4.48 1.31 -10.12
C ASP A 41 4.67 0.28 -9.01
N GLN A 42 5.94 0.08 -8.67
CA GLN A 42 6.31 -1.08 -7.86
C GLN A 42 7.31 -0.62 -6.82
N PHE A 43 7.02 -0.88 -5.55
CA PHE A 43 8.05 -0.60 -4.55
C PHE A 43 8.37 -1.90 -3.79
N LEU A 44 9.63 -1.99 -3.37
CA LEU A 44 10.17 -3.16 -2.68
C LEU A 44 10.72 -2.66 -1.35
N ILE A 45 10.08 -3.04 -0.27
CA ILE A 45 10.24 -2.33 1.02
C ILE A 45 11.70 -2.10 1.48
N ASN A 46 12.63 -3.00 1.23
CA ASN A 46 14.04 -2.71 1.56
C ASN A 46 14.75 -1.80 0.54
N LYS A 47 14.37 -1.85 -0.73
CA LYS A 47 14.97 -0.98 -1.75
C LYS A 47 14.35 0.44 -1.77
N LEU A 48 13.09 0.59 -1.40
CA LEU A 48 12.52 1.95 -1.25
C LEU A 48 13.14 2.71 -0.07
N ASN A 49 13.34 1.98 1.02
CA ASN A 49 14.03 2.53 2.20
C ASN A 49 15.53 2.77 1.97
N ASP A 50 16.14 2.08 1.01
CA ASP A 50 17.53 2.40 0.62
C ASP A 50 17.58 3.61 -0.33
N GLY A 51 16.62 3.74 -1.25
CA GLY A 51 16.60 4.90 -2.15
C GLY A 51 16.68 4.57 -3.65
N SER A 52 16.48 3.33 -4.06
CA SER A 52 16.66 2.94 -5.47
C SER A 52 15.57 3.47 -6.42
N ILE A 53 14.35 3.68 -5.95
CA ILE A 53 13.21 3.88 -6.86
C ILE A 53 12.66 5.30 -6.69
N THR A 54 12.70 6.04 -7.79
CA THR A 54 12.13 7.39 -7.78
C THR A 54 10.83 7.44 -8.58
N LEU A 55 9.77 7.82 -7.88
CA LEU A 55 8.47 8.01 -8.52
C LEU A 55 8.00 9.47 -8.33
N GLU A 56 6.71 9.69 -8.61
CA GLU A 56 6.13 11.03 -8.58
C GLU A 56 5.40 11.24 -7.24
N ASN A 57 4.74 12.40 -7.09
CA ASN A 57 3.85 12.60 -5.95
C ASN A 57 2.37 12.90 -6.29
N ALA A 58 1.66 11.94 -6.90
CA ALA A 58 0.33 12.29 -7.42
C ALA A 58 -0.64 11.11 -7.67
N LYS A 59 -0.60 10.49 -8.85
CA LYS A 59 -1.75 9.69 -9.32
C LYS A 59 -1.59 8.18 -9.13
N TYR A 60 -1.29 7.79 -7.90
CA TYR A 60 -1.39 6.37 -7.50
C TYR A 60 -2.52 6.15 -6.46
N GLU A 61 -3.52 7.04 -6.36
CA GLU A 61 -4.41 7.12 -5.18
C GLU A 61 -5.27 5.85 -4.88
N THR A 62 -4.66 4.68 -5.06
CA THR A 62 -5.18 3.41 -4.52
C THR A 62 -3.93 2.59 -4.21
N VAL A 63 -3.77 2.33 -2.92
CA VAL A 63 -2.48 1.85 -2.41
C VAL A 63 -2.72 0.40 -1.98
N HIS A 64 -1.80 -0.49 -2.33
CA HIS A 64 -1.89 -1.90 -1.91
C HIS A 64 -0.60 -2.25 -1.16
N TYR A 65 -0.64 -2.93 0.00
CA TYR A 65 0.62 -3.52 0.49
C TYR A 65 0.43 -5.04 0.68
N LEU A 66 1.47 -5.78 0.33
CA LEU A 66 1.41 -7.23 0.25
C LEU A 66 2.50 -7.82 1.14
N THR A 67 2.24 -8.10 2.41
CA THR A 67 3.33 -8.47 3.32
C THR A 67 2.82 -9.63 4.19
N PRO A 68 3.39 -10.84 4.08
CA PRO A 68 2.81 -12.05 4.71
C PRO A 68 2.58 -11.96 6.22
N GLU A 69 1.59 -12.72 6.68
CA GLU A 69 1.11 -12.58 8.07
C GLU A 69 1.57 -13.75 8.97
N ALA A 70 2.73 -14.35 8.69
CA ALA A 70 3.11 -15.60 9.36
C ALA A 70 4.09 -15.29 10.51
N GLN A 71 5.23 -14.67 10.18
CA GLN A 71 6.32 -14.53 11.16
C GLN A 71 5.97 -13.31 12.04
N THR A 72 5.74 -13.55 13.33
CA THR A 72 5.10 -12.53 14.17
C THR A 72 6.06 -11.42 14.64
N ASP A 73 6.36 -10.51 13.72
CA ASP A 73 7.41 -9.50 13.96
C ASP A 73 6.86 -8.15 13.48
N ILE A 74 7.64 -7.07 13.62
CA ILE A 74 7.06 -5.74 13.38
C ILE A 74 7.24 -5.37 11.90
N LYS A 75 6.28 -4.58 11.40
CA LYS A 75 6.25 -4.35 9.94
C LYS A 75 6.96 -3.09 9.39
N PHE A 76 6.44 -1.89 9.63
CA PHE A 76 6.74 -0.75 8.74
C PHE A 76 7.20 0.48 9.53
N PRO A 77 8.06 1.34 8.98
CA PRO A 77 8.43 2.58 9.65
C PRO A 77 7.38 3.68 9.41
N LYS A 78 7.23 4.57 10.38
CA LYS A 78 6.30 5.71 10.22
C LYS A 78 6.65 6.65 9.05
N LYS A 79 7.94 6.90 8.82
CA LYS A 79 8.37 7.81 7.73
C LYS A 79 7.93 7.35 6.33
N LEU A 80 7.81 6.04 6.11
CA LEU A 80 7.33 5.56 4.79
C LEU A 80 5.81 5.74 4.67
N ILE A 81 5.03 5.66 5.77
CA ILE A 81 3.63 6.06 5.73
C ILE A 81 3.45 7.56 5.43
N SER A 82 4.35 8.45 5.90
CA SER A 82 4.24 9.87 5.49
C SER A 82 4.59 10.09 4.00
N VAL A 83 5.56 9.35 3.48
CA VAL A 83 5.83 9.38 2.02
C VAL A 83 4.66 8.81 1.20
N LEU A 84 4.03 7.73 1.69
CA LEU A 84 2.83 7.18 1.04
C LEU A 84 1.66 8.18 1.03
N ALA A 85 1.45 8.91 2.12
CA ALA A 85 0.44 9.97 2.15
C ALA A 85 0.75 11.14 1.21
N ASP A 86 2.02 11.42 0.94
CA ASP A 86 2.38 12.57 0.09
C ASP A 86 2.20 12.34 -1.42
N SER A 87 1.94 11.09 -1.81
CA SER A 87 1.85 10.73 -3.24
C SER A 87 0.41 10.61 -3.77
N LEU A 88 -0.52 11.35 -3.18
CA LEU A 88 -1.94 11.08 -3.37
C LEU A 88 -2.72 12.39 -3.65
N LYS A 89 -3.90 12.19 -4.23
CA LYS A 89 -4.90 13.27 -4.32
C LYS A 89 -6.02 12.97 -3.29
N PRO A 90 -7.01 13.86 -3.08
CA PRO A 90 -7.96 13.72 -1.97
C PRO A 90 -8.73 12.40 -1.81
N ASN A 91 -8.93 11.62 -2.87
CA ASN A 91 -9.42 10.23 -2.69
C ASN A 91 -8.26 9.24 -2.75
N GLY A 92 -7.28 9.45 -1.86
CA GLY A 92 -6.27 8.42 -1.62
C GLY A 92 -6.88 7.29 -0.81
N SER A 93 -6.46 6.06 -1.05
CA SER A 93 -7.02 4.98 -0.26
C SER A 93 -5.85 4.03 0.01
N LEU A 94 -6.06 3.25 1.05
CA LEU A 94 -5.01 2.42 1.61
C LEU A 94 -5.63 1.03 1.68
N ILE A 95 -4.99 -0.02 1.16
CA ILE A 95 -5.50 -1.39 1.41
C ILE A 95 -4.43 -2.21 2.11
N GLY A 96 -4.35 -2.00 3.40
CA GLY A 96 -3.24 -2.60 4.13
C GLY A 96 -3.45 -3.11 5.56
N LEU A 97 -3.34 -2.16 6.47
CA LEU A 97 -2.54 -2.37 7.67
C LEU A 97 -3.41 -2.34 8.95
N SER A 98 -2.99 -3.14 9.91
CA SER A 98 -3.92 -3.63 10.95
C SER A 98 -3.79 -2.91 12.31
N ASP A 99 -3.28 -3.51 13.39
CA ASP A 99 -3.62 -3.02 14.74
C ASP A 99 -2.87 -1.76 15.21
N ILE A 100 -1.55 -1.79 15.30
CA ILE A 100 -0.80 -0.54 15.64
C ILE A 100 -1.03 0.57 14.58
N TYR A 101 -1.32 0.09 13.37
CA TYR A 101 -1.38 0.96 12.20
C TYR A 101 -2.70 1.77 12.22
N LYS A 102 -3.72 1.32 12.97
CA LYS A 102 -4.92 2.12 13.24
C LYS A 102 -4.60 3.50 13.86
N VAL A 103 -3.88 3.54 14.97
CA VAL A 103 -3.47 4.83 15.58
C VAL A 103 -2.52 5.61 14.65
N ASP A 104 -1.64 4.89 13.93
CA ASP A 104 -0.85 5.55 12.90
C ASP A 104 -1.70 6.23 11.82
N ALA A 105 -2.73 5.55 11.32
CA ALA A 105 -3.64 6.14 10.33
C ALA A 105 -4.28 7.43 10.87
N LEU A 106 -4.73 7.38 12.13
CA LEU A 106 -5.33 8.57 12.76
C LEU A 106 -4.42 9.80 12.71
N ILE A 107 -3.18 9.60 13.12
CA ILE A 107 -2.26 10.74 13.34
C ILE A 107 -1.64 11.26 12.03
N ASN A 108 -1.37 10.35 11.10
CA ASN A 108 -0.89 10.71 9.77
C ASN A 108 -1.95 11.35 8.88
N GLY A 109 -3.24 11.25 9.21
CA GLY A 109 -4.25 11.94 8.39
C GLY A 109 -5.02 10.99 7.47
N PHE A 110 -5.18 9.75 7.91
CA PHE A 110 -6.11 8.83 7.23
C PHE A 110 -7.35 8.68 8.14
N GLU A 111 -8.46 8.25 7.54
CA GLU A 111 -9.67 7.96 8.29
C GLU A 111 -10.03 6.49 8.01
N ILE A 112 -9.88 5.65 9.02
CA ILE A 112 -10.00 4.20 8.83
C ILE A 112 -11.46 3.77 8.67
N ILE A 113 -11.63 2.71 7.88
CA ILE A 113 -12.98 2.25 7.51
C ILE A 113 -12.92 0.74 7.30
N ASN A 114 -13.82 0.06 8.01
CA ASN A 114 -13.76 -1.40 8.11
C ASN A 114 -14.90 -2.07 7.33
N GLU A 115 -14.52 -2.49 6.14
CA GLU A 115 -15.48 -2.97 5.12
C GLU A 115 -14.90 -4.28 4.54
N PRO A 116 -15.58 -4.98 3.61
CA PRO A 116 -15.02 -6.20 3.01
C PRO A 116 -13.63 -6.13 2.34
N ASP A 117 -13.10 -4.92 2.19
CA ASP A 117 -11.65 -4.73 2.04
C ASP A 117 -11.28 -3.68 3.10
N TYR A 118 -10.47 -4.09 4.07
CA TYR A 118 -10.23 -3.25 5.24
C TYR A 118 -9.09 -2.26 4.95
N CYS A 119 -9.44 -0.97 4.87
CA CYS A 119 -8.42 0.08 4.71
C CYS A 119 -8.80 1.40 5.37
N TRP A 120 -8.12 2.40 4.83
CA TRP A 120 -8.05 3.76 5.35
C TRP A 120 -8.21 4.65 4.11
N ILE A 121 -8.78 5.83 4.27
CA ILE A 121 -8.64 6.87 3.22
C ILE A 121 -7.80 8.00 3.79
N LYS A 122 -6.97 8.64 2.96
CA LYS A 122 -6.33 9.91 3.39
C LYS A 122 -7.16 11.10 2.90
N MET A 123 -7.80 11.79 3.84
CA MET A 123 -8.79 12.81 3.49
C MET A 123 -8.09 14.17 3.33
N TYR A 7 -11.18 4.35 -14.67
CA TYR A 7 -10.19 3.26 -14.66
C TYR A 7 -8.94 3.78 -13.97
N LYS A 8 -8.56 3.12 -12.88
CA LYS A 8 -7.68 3.74 -11.90
C LYS A 8 -6.21 3.35 -12.10
N THR A 9 -5.36 4.35 -11.88
CA THR A 9 -3.90 4.14 -11.79
C THR A 9 -3.54 4.08 -10.31
N GLY A 10 -2.97 2.97 -9.89
CA GLY A 10 -2.52 2.90 -8.49
C GLY A 10 -1.11 2.34 -8.31
N LEU A 11 -0.83 1.99 -7.06
CA LEU A 11 0.56 1.77 -6.63
C LEU A 11 0.58 0.47 -5.83
N LEU A 12 1.63 -0.32 -5.99
CA LEU A 12 1.77 -1.52 -5.20
C LEU A 12 3.13 -1.44 -4.48
N LEU A 13 3.08 -1.77 -3.21
CA LEU A 13 4.26 -1.78 -2.36
C LEU A 13 4.38 -3.19 -1.78
N ILE A 14 5.49 -3.86 -2.05
CA ILE A 14 5.60 -5.30 -1.75
C ILE A 14 6.75 -5.47 -0.75
N HIS A 15 6.58 -6.34 0.25
CA HIS A 15 7.74 -6.79 1.04
C HIS A 15 8.07 -8.21 0.55
N PRO A 16 9.32 -8.53 0.20
CA PRO A 16 9.66 -9.79 -0.46
C PRO A 16 9.36 -11.15 0.20
N ALA A 17 9.04 -11.21 1.49
CA ALA A 17 9.19 -12.51 2.19
C ALA A 17 8.23 -13.63 1.75
N VAL A 18 6.92 -13.37 1.70
CA VAL A 18 6.00 -14.34 1.07
C VAL A 18 5.87 -14.06 -0.43
N THR A 19 6.06 -12.80 -0.83
CA THR A 19 5.75 -12.39 -2.21
C THR A 19 6.79 -12.83 -3.26
N THR A 20 7.99 -13.28 -2.87
CA THR A 20 9.04 -13.50 -3.88
C THR A 20 8.82 -14.81 -4.67
N THR A 21 7.73 -15.53 -4.40
CA THR A 21 7.28 -16.61 -5.28
C THR A 21 6.15 -16.01 -6.16
N PRO A 22 5.67 -16.66 -7.24
CA PRO A 22 4.76 -15.95 -8.16
C PRO A 22 3.28 -15.76 -7.74
N GLU A 23 2.83 -16.39 -6.66
CA GLU A 23 1.39 -16.48 -6.41
C GLU A 23 0.73 -15.19 -5.92
N LEU A 24 1.27 -14.54 -4.89
CA LEU A 24 0.62 -13.33 -4.35
C LEU A 24 0.70 -12.13 -5.32
N VAL A 25 1.75 -12.08 -6.15
CA VAL A 25 1.82 -11.02 -7.19
C VAL A 25 0.72 -11.23 -8.25
N GLU A 26 0.59 -12.44 -8.80
CA GLU A 26 -0.50 -12.72 -9.74
C GLU A 26 -1.90 -12.53 -9.13
N ASN A 27 -2.05 -12.89 -7.86
CA ASN A 27 -3.30 -12.66 -7.11
C ASN A 27 -3.72 -11.19 -7.01
N THR A 28 -2.82 -10.29 -6.60
CA THR A 28 -3.19 -8.87 -6.50
C THR A 28 -3.47 -8.26 -7.88
N LYS A 29 -2.67 -8.63 -8.88
CA LYS A 29 -2.98 -8.29 -10.28
C LYS A 29 -4.31 -8.90 -10.75
N ALA A 30 -4.68 -10.10 -10.28
CA ALA A 30 -5.99 -10.68 -10.64
C ALA A 30 -7.19 -9.94 -10.04
N GLN A 31 -7.08 -9.44 -8.82
CA GLN A 31 -8.13 -8.57 -8.25
C GLN A 31 -8.32 -7.31 -9.10
N ALA A 32 -7.25 -6.55 -9.30
CA ALA A 32 -7.33 -5.29 -10.06
C ALA A 32 -7.76 -5.48 -11.53
N ALA A 33 -7.33 -6.57 -12.16
CA ALA A 33 -7.84 -6.94 -13.50
C ALA A 33 -9.32 -7.35 -13.58
N SER A 34 -9.80 -8.27 -12.75
CA SER A 34 -11.25 -8.54 -12.66
C SER A 34 -12.13 -7.35 -12.27
N LYS A 35 -11.61 -6.40 -11.49
CA LYS A 35 -12.31 -5.14 -11.25
C LYS A 35 -12.00 -4.14 -12.38
N LYS A 36 -11.51 -2.97 -11.99
CA LYS A 36 -11.37 -1.84 -12.93
C LYS A 36 -10.03 -1.09 -12.82
N VAL A 37 -9.12 -1.67 -12.06
CA VAL A 37 -7.88 -0.97 -11.67
C VAL A 37 -6.68 -1.62 -12.38
N LYS A 38 -5.65 -0.81 -12.64
CA LYS A 38 -4.33 -1.37 -12.96
C LYS A 38 -3.34 -0.68 -12.03
N PHE A 39 -2.44 -1.50 -11.50
CA PHE A 39 -1.41 -0.99 -10.57
C PHE A 39 -0.11 -0.77 -11.34
N VAL A 40 0.12 0.50 -11.65
CA VAL A 40 1.10 0.90 -12.65
C VAL A 40 2.55 0.95 -12.12
N ASP A 41 2.73 1.13 -10.81
CA ASP A 41 4.09 1.31 -10.26
C ASP A 41 4.40 0.23 -9.22
N GLN A 42 5.67 0.18 -8.82
CA GLN A 42 6.15 -0.94 -8.01
C GLN A 42 7.23 -0.43 -7.07
N PHE A 43 7.05 -0.66 -5.77
CA PHE A 43 8.14 -0.38 -4.83
C PHE A 43 8.34 -1.60 -3.94
N LEU A 44 9.57 -1.83 -3.48
CA LEU A 44 9.80 -2.87 -2.47
C LEU A 44 10.18 -2.17 -1.16
N ILE A 45 9.98 -2.85 -0.03
CA ILE A 45 10.33 -2.24 1.26
C ILE A 45 11.83 -1.93 1.40
N ASN A 46 12.71 -2.82 0.93
CA ASN A 46 14.16 -2.53 1.03
C ASN A 46 14.68 -1.63 -0.09
N LYS A 47 14.09 -1.66 -1.30
CA LYS A 47 14.56 -0.79 -2.38
C LYS A 47 13.96 0.62 -2.30
N LEU A 48 12.76 0.80 -1.78
CA LEU A 48 12.21 2.16 -1.61
C LEU A 48 12.92 2.93 -0.48
N ASN A 49 13.17 2.21 0.61
CA ASN A 49 13.90 2.81 1.75
C ASN A 49 15.41 2.97 1.47
N ASP A 50 15.96 2.25 0.50
CA ASP A 50 17.34 2.50 0.07
C ASP A 50 17.42 3.64 -0.97
N GLY A 51 16.46 3.73 -1.88
CA GLY A 51 16.47 4.82 -2.88
C GLY A 51 16.65 4.37 -4.34
N SER A 52 16.48 3.09 -4.65
CA SER A 52 16.78 2.59 -6.00
C SER A 52 15.69 2.86 -7.06
N ILE A 53 14.46 3.17 -6.66
CA ILE A 53 13.35 3.29 -7.61
C ILE A 53 12.89 4.75 -7.60
N THR A 54 12.98 5.38 -8.77
CA THR A 54 12.58 6.79 -8.87
C THR A 54 11.29 6.94 -9.70
N LEU A 55 10.22 7.25 -8.98
CA LEU A 55 8.93 7.57 -9.62
C LEU A 55 8.42 8.87 -8.97
N GLU A 56 7.34 9.45 -9.48
CA GLU A 56 6.90 10.76 -8.99
C GLU A 56 5.78 10.61 -7.95
N ASN A 57 5.36 11.74 -7.41
CA ASN A 57 4.67 11.78 -6.11
C ASN A 57 3.27 12.38 -6.31
N ALA A 58 2.36 11.67 -6.98
CA ALA A 58 1.09 12.29 -7.38
C ALA A 58 -0.12 11.35 -7.62
N LYS A 59 -0.24 10.75 -8.80
CA LYS A 59 -1.56 10.28 -9.27
C LYS A 59 -1.85 8.78 -9.10
N TYR A 60 -1.53 8.22 -7.95
CA TYR A 60 -1.58 6.75 -7.76
C TYR A 60 -2.70 6.33 -6.80
N GLU A 61 -3.75 7.14 -6.57
CA GLU A 61 -4.56 7.09 -5.33
C GLU A 61 -5.32 5.77 -5.00
N THR A 62 -4.66 4.64 -5.22
CA THR A 62 -5.05 3.37 -4.59
C THR A 62 -3.75 2.63 -4.22
N VAL A 63 -3.54 2.47 -2.93
CA VAL A 63 -2.25 1.96 -2.43
C VAL A 63 -2.60 0.48 -2.19
N HIS A 64 -1.75 -0.46 -2.61
CA HIS A 64 -1.91 -1.84 -2.16
C HIS A 64 -0.58 -2.23 -1.48
N TYR A 65 -0.64 -2.88 -0.32
CA TYR A 65 0.59 -3.32 0.38
C TYR A 65 0.45 -4.84 0.49
N LEU A 66 1.27 -5.56 -0.26
CA LEU A 66 1.39 -7.00 -0.10
C LEU A 66 2.59 -7.38 0.78
N THR A 67 2.27 -7.95 1.93
CA THR A 67 3.27 -8.18 2.99
C THR A 67 2.81 -9.45 3.74
N PRO A 68 3.68 -10.23 4.40
CA PRO A 68 3.24 -11.32 5.29
C PRO A 68 2.17 -10.90 6.31
N GLU A 69 1.08 -11.67 6.35
CA GLU A 69 0.08 -11.50 7.42
C GLU A 69 0.35 -12.36 8.67
N ALA A 70 1.15 -13.42 8.56
CA ALA A 70 1.60 -14.13 9.76
C ALA A 70 3.02 -13.70 10.13
N GLN A 71 3.12 -12.46 10.62
CA GLN A 71 4.42 -11.82 10.83
C GLN A 71 4.68 -11.67 12.33
N THR A 72 5.68 -12.36 12.84
CA THR A 72 6.14 -12.12 14.22
C THR A 72 7.01 -10.85 14.37
N ASP A 73 7.11 -10.01 13.33
CA ASP A 73 7.74 -8.70 13.48
C ASP A 73 6.85 -7.67 12.76
N ILE A 74 5.92 -7.08 13.51
CA ILE A 74 4.88 -6.24 12.88
C ILE A 74 5.28 -4.76 13.06
N LYS A 75 6.30 -4.35 12.33
CA LYS A 75 6.63 -2.92 12.25
C LYS A 75 6.68 -2.44 10.81
N PHE A 76 6.16 -1.24 10.60
CA PHE A 76 6.44 -0.48 9.37
C PHE A 76 6.86 0.91 9.85
N PRO A 77 7.74 1.64 9.16
CA PRO A 77 8.21 2.91 9.73
C PRO A 77 7.19 4.01 9.47
N LYS A 78 7.13 4.97 10.38
CA LYS A 78 6.23 6.12 10.18
C LYS A 78 6.59 6.97 8.94
N LYS A 79 7.89 7.10 8.66
CA LYS A 79 8.33 7.90 7.50
C LYS A 79 7.80 7.39 6.15
N LEU A 80 7.67 6.07 5.98
CA LEU A 80 7.13 5.57 4.70
C LEU A 80 5.60 5.75 4.60
N ILE A 81 4.87 5.72 5.73
CA ILE A 81 3.46 6.13 5.72
C ILE A 81 3.31 7.62 5.33
N SER A 82 4.22 8.51 5.77
CA SER A 82 4.16 9.92 5.34
C SER A 82 4.47 10.09 3.83
N VAL A 83 5.42 9.31 3.30
CA VAL A 83 5.70 9.35 1.85
C VAL A 83 4.49 8.91 1.01
N LEU A 84 3.77 7.86 1.41
CA LEU A 84 2.52 7.50 0.71
C LEU A 84 1.45 8.60 0.83
N ALA A 85 1.29 9.22 1.99
CA ALA A 85 0.36 10.35 2.12
C ALA A 85 0.79 11.59 1.32
N ASP A 86 2.10 11.79 1.14
CA ASP A 86 2.59 12.96 0.40
C ASP A 86 2.60 12.79 -1.13
N SER A 87 2.38 11.58 -1.59
CA SER A 87 2.16 11.35 -3.03
C SER A 87 0.71 11.57 -3.46
N LEU A 88 -0.26 11.57 -2.54
CA LEU A 88 -1.66 11.43 -2.97
C LEU A 88 -2.51 12.63 -2.54
N LYS A 89 -3.72 12.65 -3.06
CA LYS A 89 -4.62 13.81 -2.95
C LYS A 89 -5.74 13.38 -1.96
N PRO A 90 -6.88 14.04 -1.82
CA PRO A 90 -7.83 13.74 -0.73
C PRO A 90 -8.42 12.32 -0.79
N ASN A 91 -8.55 11.73 -1.98
CA ASN A 91 -9.27 10.46 -2.12
C ASN A 91 -8.24 9.32 -2.24
N GLY A 92 -7.16 9.40 -1.46
CA GLY A 92 -6.19 8.30 -1.38
C GLY A 92 -6.77 7.21 -0.49
N SER A 93 -6.49 5.96 -0.81
CA SER A 93 -7.13 4.86 -0.09
C SER A 93 -6.12 3.71 -0.02
N LEU A 94 -5.78 3.41 1.22
CA LEU A 94 -4.73 2.46 1.56
C LEU A 94 -5.38 1.09 1.65
N ILE A 95 -4.72 0.01 1.25
CA ILE A 95 -5.26 -1.33 1.54
C ILE A 95 -4.17 -2.16 2.20
N GLY A 96 -4.15 -2.04 3.51
CA GLY A 96 -3.08 -2.69 4.24
C GLY A 96 -3.33 -3.30 5.60
N LEU A 97 -3.41 -2.44 6.59
CA LEU A 97 -2.60 -2.65 7.79
C LEU A 97 -3.54 -2.92 8.98
N SER A 98 -2.92 -3.34 10.09
CA SER A 98 -3.66 -4.10 11.11
C SER A 98 -3.63 -3.38 12.49
N ASP A 99 -3.11 -3.99 13.57
CA ASP A 99 -3.49 -3.52 14.92
C ASP A 99 -2.75 -2.28 15.42
N ILE A 100 -1.42 -2.26 15.43
CA ILE A 100 -0.68 -1.02 15.79
C ILE A 100 -1.06 0.16 14.86
N TYR A 101 -1.38 -0.22 13.65
CA TYR A 101 -1.50 0.72 12.57
C TYR A 101 -2.81 1.53 12.66
N LYS A 102 -3.83 1.05 13.38
CA LYS A 102 -5.05 1.85 13.61
C LYS A 102 -4.74 3.23 14.22
N VAL A 103 -4.03 3.25 15.35
CA VAL A 103 -3.56 4.52 15.93
C VAL A 103 -2.56 5.23 15.00
N ASP A 104 -1.75 4.49 14.26
CA ASP A 104 -0.88 5.10 13.25
C ASP A 104 -1.66 5.86 12.16
N ALA A 105 -2.74 5.27 11.67
CA ALA A 105 -3.64 5.96 10.73
C ALA A 105 -4.24 7.22 11.35
N LEU A 106 -4.62 7.16 12.63
CA LEU A 106 -5.20 8.32 13.30
C LEU A 106 -4.26 9.54 13.29
N ILE A 107 -3.02 9.30 13.67
CA ILE A 107 -2.06 10.38 13.92
C ILE A 107 -1.44 10.95 12.64
N ASN A 108 -1.22 10.07 11.66
CA ASN A 108 -0.73 10.47 10.35
C ASN A 108 -1.78 11.19 9.50
N GLY A 109 -3.07 11.10 9.82
CA GLY A 109 -4.07 11.84 9.04
C GLY A 109 -4.85 10.94 8.07
N PHE A 110 -5.03 9.69 8.46
CA PHE A 110 -5.80 8.75 7.64
C PHE A 110 -7.16 8.54 8.32
N GLU A 111 -8.13 8.08 7.53
CA GLU A 111 -9.49 7.88 8.04
C GLU A 111 -9.88 6.42 7.77
N ILE A 112 -9.84 5.61 8.82
CA ILE A 112 -9.93 4.16 8.66
C ILE A 112 -11.39 3.71 8.43
N ILE A 113 -11.50 2.73 7.56
CA ILE A 113 -12.82 2.31 7.06
C ILE A 113 -12.81 0.80 6.87
N ASN A 114 -13.82 0.19 7.48
CA ASN A 114 -13.95 -1.28 7.43
C ASN A 114 -15.13 -1.69 6.55
N GLU A 115 -14.76 -2.06 5.34
CA GLU A 115 -15.69 -2.70 4.40
C GLU A 115 -15.15 -4.11 4.09
N PRO A 116 -15.73 -4.91 3.18
CA PRO A 116 -15.18 -6.25 2.88
C PRO A 116 -13.72 -6.38 2.44
N ASP A 117 -13.08 -5.25 2.14
CA ASP A 117 -11.63 -5.15 2.24
C ASP A 117 -11.36 -4.03 3.27
N TYR A 118 -10.25 -4.12 3.99
CA TYR A 118 -10.05 -3.21 5.13
C TYR A 118 -8.88 -2.27 4.87
N CYS A 119 -9.14 -0.96 4.74
CA CYS A 119 -8.04 0.03 4.70
C CYS A 119 -8.38 1.40 5.33
N TRP A 120 -7.61 2.39 4.84
CA TRP A 120 -7.57 3.76 5.41
C TRP A 120 -7.58 4.75 4.24
N ILE A 121 -8.47 5.73 4.22
CA ILE A 121 -8.51 6.73 3.14
C ILE A 121 -8.03 8.10 3.66
N LYS A 122 -6.85 8.52 3.19
CA LYS A 122 -6.22 9.75 3.69
C LYS A 122 -6.84 10.99 3.05
N MET A 123 -7.57 11.72 3.88
CA MET A 123 -8.41 12.83 3.38
C MET A 123 -7.84 14.14 3.93
N TYR A 7 -10.22 4.53 -16.33
CA TYR A 7 -9.35 3.54 -15.67
C TYR A 7 -8.69 4.20 -14.46
N LYS A 8 -8.24 3.39 -13.50
CA LYS A 8 -7.42 3.90 -12.41
C LYS A 8 -5.95 3.48 -12.56
N THR A 9 -5.08 4.42 -12.20
CA THR A 9 -3.65 4.12 -12.04
C THR A 9 -3.37 4.03 -10.53
N GLY A 10 -2.88 2.89 -10.05
CA GLY A 10 -2.53 2.84 -8.63
C GLY A 10 -1.11 2.32 -8.39
N LEU A 11 -0.92 1.87 -7.15
CA LEU A 11 0.42 1.53 -6.67
C LEU A 11 0.28 0.19 -5.96
N LEU A 12 1.30 -0.66 -6.07
CA LEU A 12 1.29 -1.89 -5.29
C LEU A 12 2.61 -1.87 -4.49
N LEU A 13 2.49 -2.08 -3.19
CA LEU A 13 3.67 -2.14 -2.31
C LEU A 13 3.80 -3.59 -1.83
N ILE A 14 4.92 -4.21 -2.15
CA ILE A 14 5.12 -5.63 -1.78
C ILE A 14 6.42 -5.74 -0.96
N HIS A 15 6.39 -6.56 0.08
CA HIS A 15 7.62 -6.91 0.81
C HIS A 15 8.09 -8.26 0.23
N PRO A 16 9.36 -8.42 -0.16
CA PRO A 16 9.82 -9.59 -0.90
C PRO A 16 9.58 -11.00 -0.36
N ALA A 17 9.33 -11.22 0.93
CA ALA A 17 9.46 -12.59 1.47
C ALA A 17 8.52 -13.58 0.78
N VAL A 18 7.23 -13.25 0.69
CA VAL A 18 6.24 -14.23 0.22
C VAL A 18 6.07 -13.93 -1.30
N THR A 19 6.26 -12.66 -1.70
CA THR A 19 5.93 -12.20 -3.04
C THR A 19 7.08 -12.41 -4.07
N THR A 20 8.22 -12.99 -3.69
CA THR A 20 9.21 -13.40 -4.72
C THR A 20 8.82 -14.70 -5.44
N THR A 21 7.73 -15.36 -5.04
CA THR A 21 7.16 -16.43 -5.87
C THR A 21 5.98 -15.80 -6.66
N PRO A 22 5.39 -16.45 -7.67
CA PRO A 22 4.41 -15.76 -8.53
C PRO A 22 2.98 -15.56 -7.98
N GLU A 23 2.64 -16.18 -6.86
CA GLU A 23 1.21 -16.32 -6.50
C GLU A 23 0.55 -15.02 -6.01
N LEU A 24 1.15 -14.31 -5.05
CA LEU A 24 0.53 -13.07 -4.55
C LEU A 24 0.56 -11.96 -5.61
N VAL A 25 1.59 -11.94 -6.45
CA VAL A 25 1.66 -10.93 -7.53
C VAL A 25 0.57 -11.18 -8.58
N GLU A 26 0.41 -12.42 -9.05
CA GLU A 26 -0.69 -12.73 -10.00
C GLU A 26 -2.09 -12.46 -9.43
N ASN A 27 -2.29 -12.68 -8.13
CA ASN A 27 -3.61 -12.43 -7.51
C ASN A 27 -3.97 -10.95 -7.43
N THR A 28 -3.04 -10.12 -6.96
CA THR A 28 -3.32 -8.67 -6.92
C THR A 28 -3.53 -8.10 -8.34
N LYS A 29 -2.72 -8.57 -9.30
CA LYS A 29 -2.98 -8.27 -10.72
C LYS A 29 -4.30 -8.86 -11.23
N ALA A 30 -4.76 -10.02 -10.72
CA ALA A 30 -6.06 -10.54 -11.17
C ALA A 30 -7.24 -9.69 -10.69
N GLN A 31 -7.24 -9.31 -9.41
CA GLN A 31 -8.23 -8.40 -8.85
C GLN A 31 -8.34 -7.06 -9.60
N ALA A 32 -7.21 -6.40 -9.81
CA ALA A 32 -7.21 -5.16 -10.60
C ALA A 32 -7.63 -5.36 -12.06
N ALA A 33 -7.25 -6.50 -12.65
CA ALA A 33 -7.42 -6.69 -14.11
C ALA A 33 -8.86 -7.02 -14.53
N SER A 34 -9.51 -8.00 -13.90
CA SER A 34 -10.95 -8.22 -14.10
C SER A 34 -11.85 -7.02 -13.79
N LYS A 35 -11.44 -6.16 -12.86
CA LYS A 35 -12.15 -4.89 -12.65
C LYS A 35 -11.61 -3.83 -13.63
N LYS A 36 -11.23 -2.67 -13.11
CA LYS A 36 -10.90 -1.51 -13.96
C LYS A 36 -9.56 -0.86 -13.64
N VAL A 37 -8.80 -1.47 -12.75
CA VAL A 37 -7.59 -0.83 -12.20
C VAL A 37 -6.34 -1.44 -12.84
N LYS A 38 -5.28 -0.62 -12.93
CA LYS A 38 -3.93 -1.15 -13.18
C LYS A 38 -3.02 -0.58 -12.10
N PHE A 39 -2.11 -1.42 -11.64
CA PHE A 39 -1.10 -0.99 -10.66
C PHE A 39 0.20 -0.73 -11.40
N VAL A 40 0.46 0.55 -11.64
CA VAL A 40 1.46 0.97 -12.63
C VAL A 40 2.90 0.97 -12.09
N ASP A 41 3.06 1.20 -10.79
CA ASP A 41 4.41 1.25 -10.19
C ASP A 41 4.55 0.20 -9.10
N GLN A 42 5.80 0.03 -8.64
CA GLN A 42 6.14 -1.19 -7.91
C GLN A 42 7.20 -0.85 -6.88
N PHE A 43 6.83 -0.91 -5.62
CA PHE A 43 7.76 -0.48 -4.57
C PHE A 43 8.03 -1.68 -3.66
N LEU A 44 9.30 -2.05 -3.58
CA LEU A 44 9.71 -3.05 -2.59
C LEU A 44 10.02 -2.32 -1.28
N ILE A 45 9.81 -2.99 -0.14
CA ILE A 45 10.08 -2.34 1.16
C ILE A 45 11.57 -1.98 1.36
N ASN A 46 12.50 -2.83 0.94
CA ASN A 46 13.93 -2.52 1.10
C ASN A 46 14.46 -1.51 0.07
N LYS A 47 13.92 -1.48 -1.16
CA LYS A 47 14.40 -0.51 -2.15
C LYS A 47 13.74 0.88 -2.03
N LEU A 48 12.53 0.98 -1.47
CA LEU A 48 11.96 2.31 -1.21
C LEU A 48 12.68 3.03 -0.06
N ASN A 49 13.04 2.29 0.98
CA ASN A 49 13.85 2.85 2.07
C ASN A 49 15.35 3.04 1.69
N ASP A 50 15.86 2.34 0.67
CA ASP A 50 17.24 2.57 0.19
C ASP A 50 17.30 3.68 -0.87
N GLY A 51 16.42 3.69 -1.89
CA GLY A 51 16.35 4.85 -2.80
C GLY A 51 16.42 4.56 -4.31
N SER A 52 16.22 3.33 -4.78
CA SER A 52 16.34 3.05 -6.22
C SER A 52 15.14 3.48 -7.10
N ILE A 53 14.02 3.82 -6.47
CA ILE A 53 12.75 4.02 -7.18
C ILE A 53 12.33 5.47 -7.08
N THR A 54 12.16 6.13 -8.21
CA THR A 54 11.75 7.53 -8.15
C THR A 54 10.23 7.63 -8.38
N LEU A 55 9.77 8.77 -7.91
CA LEU A 55 8.38 8.87 -7.44
C LEU A 55 7.68 10.08 -8.05
N GLU A 56 6.60 9.77 -8.75
CA GLU A 56 5.72 10.83 -9.26
C GLU A 56 4.53 10.95 -8.30
N ASN A 57 4.43 12.12 -7.66
CA ASN A 57 3.53 12.29 -6.51
C ASN A 57 2.14 12.78 -6.95
N ALA A 58 1.28 11.89 -7.44
CA ALA A 58 -0.12 12.30 -7.66
C ALA A 58 -1.18 11.19 -7.77
N LYS A 59 -1.29 10.49 -8.91
CA LYS A 59 -2.57 9.84 -9.27
C LYS A 59 -2.74 8.38 -8.88
N TYR A 60 -1.88 7.87 -8.01
CA TYR A 60 -1.83 6.43 -7.72
C TYR A 60 -2.89 6.04 -6.67
N GLU A 61 -3.96 6.83 -6.48
CA GLU A 61 -4.77 6.82 -5.22
C GLU A 61 -5.49 5.49 -4.88
N THR A 62 -4.91 4.38 -5.33
CA THR A 62 -5.23 3.06 -4.73
C THR A 62 -3.91 2.39 -4.33
N VAL A 63 -3.75 2.23 -3.03
CA VAL A 63 -2.47 1.78 -2.46
C VAL A 63 -2.85 0.34 -2.04
N HIS A 64 -2.34 -0.70 -2.68
CA HIS A 64 -2.47 -2.04 -2.09
C HIS A 64 -1.15 -2.31 -1.36
N TYR A 65 -1.19 -2.82 -0.13
CA TYR A 65 0.06 -3.32 0.45
C TYR A 65 -0.09 -4.83 0.57
N LEU A 66 1.00 -5.51 0.29
CA LEU A 66 1.11 -6.94 0.54
C LEU A 66 2.32 -7.23 1.43
N THR A 67 2.18 -7.26 2.76
CA THR A 67 3.30 -7.76 3.59
C THR A 67 2.79 -8.82 4.57
N PRO A 68 2.76 -10.11 4.21
CA PRO A 68 2.49 -11.19 5.18
C PRO A 68 3.76 -11.52 5.97
N GLU A 69 4.14 -10.67 6.93
CA GLU A 69 5.22 -11.04 7.86
C GLU A 69 4.76 -11.08 9.34
N ALA A 70 3.77 -10.26 9.73
CA ALA A 70 3.17 -10.42 11.07
C ALA A 70 1.88 -9.63 11.18
N GLN A 71 1.24 -9.74 12.34
CA GLN A 71 -0.12 -9.19 12.52
C GLN A 71 -0.08 -8.01 13.51
N THR A 72 0.43 -8.25 14.71
CA THR A 72 0.32 -7.28 15.81
C THR A 72 1.41 -6.19 15.73
N ASP A 73 2.68 -6.59 15.59
CA ASP A 73 3.79 -5.63 15.74
C ASP A 73 3.76 -4.51 14.69
N ILE A 74 4.72 -3.59 14.78
CA ILE A 74 4.90 -2.59 13.71
C ILE A 74 6.13 -2.93 12.84
N LYS A 75 6.00 -3.94 11.98
CA LYS A 75 7.08 -4.15 10.99
C LYS A 75 6.98 -3.22 9.75
N PHE A 76 6.39 -2.02 9.84
CA PHE A 76 6.54 -1.03 8.76
C PHE A 76 6.94 0.28 9.46
N PRO A 77 7.73 1.17 8.83
CA PRO A 77 8.07 2.42 9.50
C PRO A 77 6.96 3.46 9.34
N LYS A 78 6.81 4.34 10.32
CA LYS A 78 5.89 5.48 10.16
C LYS A 78 6.27 6.44 9.01
N LYS A 79 7.58 6.64 8.80
CA LYS A 79 8.05 7.56 7.76
C LYS A 79 7.72 7.11 6.32
N LEU A 80 7.59 5.80 6.05
CA LEU A 80 7.13 5.39 4.71
C LEU A 80 5.60 5.58 4.57
N ILE A 81 4.81 5.48 5.65
CA ILE A 81 3.40 5.87 5.59
C ILE A 81 3.25 7.37 5.25
N SER A 82 4.12 8.25 5.76
CA SER A 82 4.06 9.66 5.36
C SER A 82 4.45 9.89 3.88
N VAL A 83 5.50 9.22 3.42
CA VAL A 83 5.91 9.33 1.99
C VAL A 83 4.83 8.80 1.04
N LEU A 84 4.15 7.70 1.36
CA LEU A 84 3.04 7.24 0.51
C LEU A 84 1.84 8.20 0.56
N ALA A 85 1.53 8.78 1.72
CA ALA A 85 0.47 9.81 1.77
C ALA A 85 0.77 11.03 0.87
N ASP A 86 2.05 11.35 0.67
CA ASP A 86 2.41 12.51 -0.17
C ASP A 86 2.20 12.32 -1.69
N SER A 87 1.92 11.09 -2.11
CA SER A 87 1.79 10.76 -3.53
C SER A 87 0.34 10.68 -4.04
N LEU A 88 -0.63 11.21 -3.29
CA LEU A 88 -2.02 10.79 -3.48
C LEU A 88 -2.97 12.00 -3.51
N LYS A 89 -4.26 11.70 -3.60
CA LYS A 89 -5.29 12.73 -3.85
C LYS A 89 -6.22 12.76 -2.62
N PRO A 90 -7.19 13.69 -2.56
CA PRO A 90 -8.24 13.66 -1.53
C PRO A 90 -9.06 12.36 -1.32
N ASN A 91 -9.26 11.52 -2.34
CA ASN A 91 -9.85 10.18 -2.13
C ASN A 91 -8.72 9.13 -2.17
N GLY A 92 -7.69 9.34 -1.34
CA GLY A 92 -6.62 8.35 -1.21
C GLY A 92 -7.13 7.22 -0.33
N SER A 93 -6.83 6.00 -0.69
CA SER A 93 -7.44 4.87 0.02
C SER A 93 -6.33 3.83 0.09
N LEU A 94 -5.76 3.69 1.27
CA LEU A 94 -4.71 2.72 1.49
C LEU A 94 -5.39 1.43 1.94
N ILE A 95 -5.10 0.28 1.35
CA ILE A 95 -5.93 -0.90 1.66
C ILE A 95 -4.99 -1.84 2.36
N GLY A 96 -4.91 -1.61 3.66
CA GLY A 96 -3.66 -2.06 4.30
C GLY A 96 -3.65 -2.65 5.70
N LEU A 97 -3.67 -1.80 6.71
CA LEU A 97 -2.82 -2.07 7.88
C LEU A 97 -3.71 -2.30 9.11
N SER A 98 -3.06 -2.76 10.18
CA SER A 98 -3.80 -3.48 11.25
C SER A 98 -4.04 -2.59 12.48
N ASP A 99 -4.08 -3.19 13.67
CA ASP A 99 -4.67 -2.51 14.83
C ASP A 99 -3.76 -1.49 15.52
N ILE A 100 -2.47 -1.80 15.71
CA ILE A 100 -1.51 -0.76 16.12
C ILE A 100 -1.44 0.43 15.14
N TYR A 101 -1.65 0.07 13.88
CA TYR A 101 -1.58 1.07 12.83
C TYR A 101 -2.87 1.92 12.83
N LYS A 102 -3.91 1.56 13.59
CA LYS A 102 -5.07 2.44 13.82
C LYS A 102 -4.67 3.77 14.49
N VAL A 103 -3.90 3.71 15.59
CA VAL A 103 -3.36 4.94 16.18
C VAL A 103 -2.39 5.65 15.21
N ASP A 104 -1.63 4.87 14.43
CA ASP A 104 -0.82 5.47 13.35
C ASP A 104 -1.65 6.22 12.29
N ALA A 105 -2.73 5.59 11.82
CA ALA A 105 -3.67 6.24 10.88
C ALA A 105 -4.25 7.53 11.47
N LEU A 106 -4.62 7.49 12.74
CA LEU A 106 -5.19 8.65 13.42
C LEU A 106 -4.24 9.87 13.46
N ILE A 107 -2.97 9.65 13.79
CA ILE A 107 -2.03 10.77 13.92
C ILE A 107 -1.51 11.27 12.56
N ASN A 108 -1.31 10.37 11.60
CA ASN A 108 -0.88 10.74 10.25
C ASN A 108 -1.93 11.45 9.40
N GLY A 109 -3.23 11.36 9.74
CA GLY A 109 -4.24 12.04 8.93
C GLY A 109 -5.02 11.08 8.03
N PHE A 110 -5.17 9.83 8.47
CA PHE A 110 -5.97 8.85 7.72
C PHE A 110 -7.29 8.62 8.47
N GLU A 111 -8.27 8.11 7.74
CA GLU A 111 -9.59 7.83 8.32
C GLU A 111 -9.90 6.36 8.06
N ILE A 112 -9.80 5.56 9.12
CA ILE A 112 -9.82 4.10 8.97
C ILE A 112 -11.23 3.57 8.70
N ILE A 113 -11.29 2.51 7.91
CA ILE A 113 -12.57 1.85 7.64
C ILE A 113 -12.34 0.34 7.56
N ASN A 114 -13.22 -0.41 8.23
CA ASN A 114 -13.06 -1.87 8.33
C ASN A 114 -14.16 -2.58 7.55
N GLU A 115 -13.77 -3.00 6.36
CA GLU A 115 -14.60 -3.89 5.55
C GLU A 115 -13.76 -5.12 5.16
N PRO A 116 -14.33 -6.17 4.53
CA PRO A 116 -13.54 -7.35 4.15
C PRO A 116 -12.28 -7.18 3.28
N ASP A 117 -12.08 -5.97 2.76
CA ASP A 117 -10.76 -5.53 2.32
C ASP A 117 -10.48 -4.28 3.14
N TYR A 118 -9.47 -4.34 4.00
CA TYR A 118 -9.30 -3.32 5.03
C TYR A 118 -8.66 -2.07 4.42
N CYS A 119 -9.09 -0.90 4.88
CA CYS A 119 -8.61 0.36 4.27
C CYS A 119 -8.04 1.31 5.34
N TRP A 120 -7.43 2.45 4.97
CA TRP A 120 -7.55 3.78 5.61
C TRP A 120 -7.68 4.80 4.46
N ILE A 121 -8.65 5.69 4.50
CA ILE A 121 -8.84 6.69 3.43
C ILE A 121 -8.50 8.10 3.92
N LYS A 122 -7.42 8.67 3.38
CA LYS A 122 -6.91 9.95 3.90
C LYS A 122 -7.79 11.08 3.34
N MET A 123 -8.11 11.96 4.28
CA MET A 123 -9.28 12.84 4.15
C MET A 123 -9.09 14.02 3.19
N TYR A 7 -10.19 4.86 -15.56
CA TYR A 7 -9.17 3.83 -15.31
C TYR A 7 -8.25 4.29 -14.16
N LYS A 8 -8.23 3.50 -13.11
CA LYS A 8 -7.65 3.91 -11.83
C LYS A 8 -6.22 3.39 -11.72
N THR A 9 -5.22 4.25 -11.91
CA THR A 9 -3.84 3.78 -11.71
C THR A 9 -3.58 3.69 -10.21
N GLY A 10 -2.85 2.66 -9.76
CA GLY A 10 -2.52 2.60 -8.34
C GLY A 10 -1.05 2.27 -8.08
N LEU A 11 -0.82 1.84 -6.85
CA LEU A 11 0.53 1.63 -6.34
C LEU A 11 0.56 0.30 -5.63
N LEU A 12 1.65 -0.44 -5.78
CA LEU A 12 1.83 -1.67 -5.04
C LEU A 12 3.13 -1.61 -4.25
N LEU A 13 3.00 -1.94 -2.97
CA LEU A 13 4.17 -2.09 -2.07
C LEU A 13 4.32 -3.56 -1.68
N ILE A 14 5.48 -4.14 -2.00
CA ILE A 14 5.65 -5.60 -1.93
C ILE A 14 6.86 -5.93 -1.05
N HIS A 15 6.65 -6.53 0.12
CA HIS A 15 7.81 -7.01 0.88
C HIS A 15 8.11 -8.43 0.37
N PRO A 16 9.35 -8.76 -0.01
CA PRO A 16 9.66 -10.03 -0.70
C PRO A 16 9.42 -11.38 -0.03
N ALA A 17 9.12 -11.45 1.26
CA ALA A 17 9.28 -12.73 1.97
C ALA A 17 8.32 -13.85 1.58
N VAL A 18 7.02 -13.59 1.54
CA VAL A 18 6.10 -14.57 0.96
C VAL A 18 6.01 -14.37 -0.57
N THR A 19 6.13 -13.13 -1.04
CA THR A 19 5.85 -12.79 -2.44
C THR A 19 6.98 -13.09 -3.44
N THR A 20 8.12 -13.64 -3.02
CA THR A 20 9.08 -14.21 -4.01
C THR A 20 8.63 -15.59 -4.54
N THR A 21 7.33 -15.86 -4.39
CA THR A 21 6.65 -17.01 -5.01
C THR A 21 5.37 -16.42 -5.61
N PRO A 22 5.49 -15.64 -6.70
CA PRO A 22 4.50 -14.60 -7.09
C PRO A 22 3.13 -15.09 -7.58
N GLU A 23 2.47 -15.97 -6.82
CA GLU A 23 1.03 -16.20 -7.01
C GLU A 23 0.21 -15.02 -6.47
N LEU A 24 0.51 -14.51 -5.27
CA LEU A 24 -0.16 -13.30 -4.76
C LEU A 24 0.00 -12.08 -5.68
N VAL A 25 1.15 -11.97 -6.33
CA VAL A 25 1.38 -10.91 -7.32
C VAL A 25 0.45 -11.07 -8.54
N GLU A 26 0.36 -12.27 -9.12
CA GLU A 26 -0.62 -12.51 -10.20
C GLU A 26 -2.08 -12.33 -9.75
N ASN A 27 -2.39 -12.71 -8.52
CA ASN A 27 -3.73 -12.53 -7.93
C ASN A 27 -4.15 -11.05 -7.77
N THR A 28 -3.30 -10.20 -7.19
CA THR A 28 -3.65 -8.77 -7.08
C THR A 28 -3.78 -8.12 -8.48
N LYS A 29 -2.86 -8.47 -9.39
CA LYS A 29 -3.01 -8.05 -10.79
C LYS A 29 -4.24 -8.66 -11.48
N ALA A 30 -4.69 -9.87 -11.10
CA ALA A 30 -5.89 -10.45 -11.73
C ALA A 30 -7.18 -9.73 -11.34
N GLN A 31 -7.36 -9.42 -10.06
CA GLN A 31 -8.51 -8.61 -9.62
C GLN A 31 -8.51 -7.24 -10.32
N ALA A 32 -7.39 -6.52 -10.23
CA ALA A 32 -7.28 -5.23 -10.94
C ALA A 32 -7.58 -5.34 -12.45
N ALA A 33 -7.11 -6.41 -13.08
CA ALA A 33 -7.16 -6.49 -14.55
C ALA A 33 -8.56 -6.81 -15.11
N SER A 34 -9.23 -7.83 -14.58
CA SER A 34 -10.66 -8.06 -14.93
C SER A 34 -11.59 -6.89 -14.60
N LYS A 35 -11.26 -6.06 -13.61
CA LYS A 35 -11.98 -4.81 -13.38
C LYS A 35 -11.38 -3.71 -14.27
N LYS A 36 -10.98 -2.61 -13.67
CA LYS A 36 -10.58 -1.40 -14.42
C LYS A 36 -9.46 -0.60 -13.74
N VAL A 37 -8.81 -1.23 -12.77
CA VAL A 37 -7.60 -0.70 -12.16
C VAL A 37 -6.36 -1.37 -12.78
N LYS A 38 -5.24 -0.64 -12.82
CA LYS A 38 -3.93 -1.28 -13.01
C LYS A 38 -3.03 -0.76 -11.90
N PHE A 39 -2.32 -1.68 -11.29
CA PHE A 39 -1.25 -1.32 -10.35
C PHE A 39 0.06 -1.20 -11.13
N VAL A 40 0.40 0.05 -11.42
CA VAL A 40 1.39 0.35 -12.46
C VAL A 40 2.83 0.51 -11.93
N ASP A 41 2.97 0.71 -10.63
CA ASP A 41 4.30 0.99 -10.06
C ASP A 41 4.65 -0.06 -9.02
N GLN A 42 5.91 -0.04 -8.58
CA GLN A 42 6.38 -1.06 -7.64
C GLN A 42 7.35 -0.43 -6.67
N PHE A 43 7.03 -0.60 -5.40
CA PHE A 43 7.92 -0.10 -4.35
C PHE A 43 8.16 -1.27 -3.40
N LEU A 44 9.41 -1.65 -3.24
CA LEU A 44 9.76 -2.77 -2.36
C LEU A 44 10.22 -2.21 -1.02
N ILE A 45 10.00 -2.95 0.06
CA ILE A 45 10.37 -2.44 1.40
C ILE A 45 11.89 -2.21 1.58
N ASN A 46 12.75 -3.10 1.07
CA ASN A 46 14.20 -2.91 1.23
C ASN A 46 14.80 -1.94 0.19
N LYS A 47 14.24 -1.87 -1.02
CA LYS A 47 14.78 -0.93 -2.02
C LYS A 47 14.24 0.50 -1.83
N LEU A 48 13.03 0.68 -1.29
CA LEU A 48 12.56 2.05 -1.03
C LEU A 48 13.28 2.71 0.16
N ASN A 49 13.50 1.91 1.19
CA ASN A 49 14.23 2.39 2.37
C ASN A 49 15.76 2.47 2.13
N ASP A 50 16.28 1.80 1.10
CA ASP A 50 17.66 2.06 0.65
C ASP A 50 17.74 3.30 -0.24
N GLY A 51 16.74 3.54 -1.10
CA GLY A 51 16.74 4.76 -1.94
C GLY A 51 16.76 4.51 -3.45
N SER A 52 16.48 3.31 -3.91
CA SER A 52 16.61 3.00 -5.35
C SER A 52 15.47 3.51 -6.25
N ILE A 53 14.27 3.70 -5.71
CA ILE A 53 13.10 3.99 -6.56
C ILE A 53 12.61 5.41 -6.27
N THR A 54 12.62 6.22 -7.32
CA THR A 54 12.09 7.59 -7.20
C THR A 54 10.94 7.76 -8.19
N LEU A 55 9.77 8.08 -7.65
CA LEU A 55 8.62 8.39 -8.51
C LEU A 55 7.96 9.70 -8.04
N GLU A 56 6.98 10.17 -8.80
CA GLU A 56 6.42 11.50 -8.58
C GLU A 56 5.12 11.45 -7.78
N ASN A 57 4.62 12.64 -7.46
CA ASN A 57 3.50 12.78 -6.51
C ASN A 57 2.18 12.75 -7.30
N ALA A 58 1.55 11.58 -7.43
CA ALA A 58 0.48 11.47 -8.43
C ALA A 58 -0.82 10.74 -8.03
N LYS A 59 -1.42 10.08 -9.03
CA LYS A 59 -2.83 9.63 -8.94
C LYS A 59 -2.97 8.14 -8.59
N TYR A 60 -2.07 7.67 -7.76
CA TYR A 60 -1.96 6.23 -7.49
C TYR A 60 -2.99 5.77 -6.44
N GLU A 61 -4.08 6.54 -6.25
CA GLU A 61 -4.91 6.50 -5.00
C GLU A 61 -5.58 5.16 -4.65
N THR A 62 -4.96 4.06 -5.07
CA THR A 62 -5.26 2.74 -4.51
C THR A 62 -3.93 2.10 -4.14
N VAL A 63 -3.77 1.90 -2.84
CA VAL A 63 -2.44 1.65 -2.27
C VAL A 63 -2.50 0.27 -1.63
N HIS A 64 -2.10 -0.75 -2.37
CA HIS A 64 -2.17 -2.12 -1.85
C HIS A 64 -0.79 -2.50 -1.33
N TYR A 65 -0.72 -3.09 -0.13
CA TYR A 65 0.56 -3.65 0.34
C TYR A 65 0.38 -5.18 0.27
N LEU A 66 1.44 -5.87 -0.11
CA LEU A 66 1.47 -7.33 -0.03
C LEU A 66 2.65 -7.78 0.83
N THR A 67 2.34 -8.27 2.01
CA THR A 67 3.37 -8.55 3.04
C THR A 67 2.92 -9.82 3.77
N PRO A 68 3.81 -10.61 4.38
CA PRO A 68 3.41 -11.72 5.26
C PRO A 68 2.38 -11.35 6.34
N GLU A 69 1.32 -12.14 6.41
CA GLU A 69 0.16 -11.79 7.23
C GLU A 69 0.22 -12.30 8.68
N ALA A 70 1.20 -13.15 9.02
CA ALA A 70 1.44 -13.49 10.43
C ALA A 70 2.61 -12.67 10.98
N GLN A 71 2.92 -12.87 12.26
CA GLN A 71 3.88 -11.99 12.94
C GLN A 71 5.31 -12.47 12.69
N THR A 72 5.96 -11.84 11.71
CA THR A 72 7.40 -12.04 11.49
C THR A 72 8.11 -10.71 11.76
N ASP A 73 7.82 -9.69 10.95
CA ASP A 73 8.59 -8.44 10.98
C ASP A 73 7.60 -7.28 10.97
N ILE A 74 7.15 -6.87 12.15
CA ILE A 74 6.03 -5.91 12.23
C ILE A 74 6.55 -4.47 12.43
N LYS A 75 7.55 -4.09 11.66
CA LYS A 75 8.25 -2.82 11.90
C LYS A 75 8.22 -1.99 10.61
N PHE A 76 7.30 -1.02 10.56
CA PHE A 76 7.33 -0.04 9.46
C PHE A 76 7.62 1.33 10.07
N PRO A 77 8.30 2.24 9.36
CA PRO A 77 8.54 3.57 9.92
C PRO A 77 7.33 4.47 9.72
N LYS A 78 7.13 5.41 10.65
CA LYS A 78 6.12 6.47 10.42
C LYS A 78 6.45 7.34 9.19
N LYS A 79 7.74 7.63 8.97
CA LYS A 79 8.17 8.46 7.83
C LYS A 79 7.83 7.85 6.46
N LEU A 80 7.79 6.51 6.34
CA LEU A 80 7.37 5.92 5.05
C LEU A 80 5.84 6.00 4.87
N ILE A 81 5.04 5.96 5.94
CA ILE A 81 3.62 6.27 5.83
C ILE A 81 3.38 7.73 5.38
N SER A 82 4.20 8.70 5.81
CA SER A 82 4.08 10.07 5.29
C SER A 82 4.44 10.18 3.80
N VAL A 83 5.50 9.48 3.38
CA VAL A 83 5.86 9.44 1.94
C VAL A 83 4.82 8.68 1.10
N LEU A 84 4.22 7.63 1.65
CA LEU A 84 3.11 6.93 0.98
C LEU A 84 1.92 7.87 0.74
N ALA A 85 1.51 8.63 1.75
CA ALA A 85 0.43 9.61 1.59
C ALA A 85 0.75 10.80 0.67
N ASP A 86 2.01 11.21 0.58
CA ASP A 86 2.32 12.51 -0.05
C ASP A 86 2.35 12.53 -1.58
N SER A 87 2.30 11.36 -2.19
CA SER A 87 2.01 11.26 -3.62
C SER A 87 0.53 11.51 -3.95
N LEU A 88 -0.36 11.12 -3.06
CA LEU A 88 -1.75 10.90 -3.44
C LEU A 88 -2.60 12.17 -3.32
N LYS A 89 -3.91 12.00 -3.46
CA LYS A 89 -4.85 13.12 -3.58
C LYS A 89 -6.03 12.81 -2.65
N PRO A 90 -7.02 13.70 -2.45
CA PRO A 90 -8.04 13.52 -1.41
C PRO A 90 -8.84 12.20 -1.32
N ASN A 91 -8.95 11.41 -2.39
CA ASN A 91 -9.53 10.05 -2.27
C ASN A 91 -8.42 8.99 -2.28
N GLY A 92 -7.36 9.20 -1.49
CA GLY A 92 -6.34 8.16 -1.31
C GLY A 92 -6.91 7.07 -0.42
N SER A 93 -6.59 5.82 -0.72
CA SER A 93 -7.25 4.72 -0.01
C SER A 93 -6.22 3.60 0.07
N LEU A 94 -5.95 3.29 1.33
CA LEU A 94 -4.83 2.46 1.76
C LEU A 94 -5.44 1.06 1.96
N ILE A 95 -4.88 0.00 1.41
CA ILE A 95 -5.34 -1.36 1.77
C ILE A 95 -4.20 -2.14 2.39
N GLY A 96 -4.07 -1.95 3.68
CA GLY A 96 -2.98 -2.64 4.39
C GLY A 96 -3.17 -3.15 5.80
N LEU A 97 -3.08 -2.23 6.75
CA LEU A 97 -2.26 -2.51 7.95
C LEU A 97 -3.18 -2.55 9.20
N SER A 98 -2.63 -3.01 10.32
CA SER A 98 -3.45 -3.57 11.40
C SER A 98 -3.43 -2.74 12.70
N ASP A 99 -3.05 -3.34 13.83
CA ASP A 99 -3.46 -2.77 15.14
C ASP A 99 -2.66 -1.54 15.61
N ILE A 100 -1.33 -1.59 15.63
CA ILE A 100 -0.55 -0.35 15.90
C ILE A 100 -0.85 0.75 14.85
N TYR A 101 -1.16 0.27 13.65
CA TYR A 101 -1.31 1.15 12.50
C TYR A 101 -2.66 1.90 12.53
N LYS A 102 -3.63 1.44 13.33
CA LYS A 102 -4.86 2.20 13.60
C LYS A 102 -4.57 3.60 14.18
N VAL A 103 -3.82 3.67 15.28
CA VAL A 103 -3.41 4.98 15.84
C VAL A 103 -2.47 5.73 14.86
N ASP A 104 -1.64 4.99 14.12
CA ASP A 104 -0.82 5.62 13.07
C ASP A 104 -1.68 6.28 11.97
N ALA A 105 -2.71 5.59 11.50
CA ALA A 105 -3.67 6.18 10.55
C ALA A 105 -4.33 7.43 11.12
N LEU A 106 -4.71 7.40 12.40
CA LEU A 106 -5.35 8.56 13.04
C LEU A 106 -4.48 9.82 12.97
N ILE A 107 -3.22 9.66 13.35
CA ILE A 107 -2.33 10.82 13.55
C ILE A 107 -1.74 11.36 12.24
N ASN A 108 -1.48 10.47 11.30
CA ASN A 108 -1.04 10.84 9.96
C ASN A 108 -2.14 11.47 9.10
N GLY A 109 -3.42 11.34 9.47
CA GLY A 109 -4.47 11.99 8.68
C GLY A 109 -5.24 11.02 7.78
N PHE A 110 -5.33 9.77 8.22
CA PHE A 110 -6.11 8.76 7.49
C PHE A 110 -7.39 8.52 8.32
N GLU A 111 -8.39 7.98 7.64
CA GLU A 111 -9.70 7.75 8.25
C GLU A 111 -10.09 6.29 8.03
N ILE A 112 -10.06 5.51 9.11
CA ILE A 112 -10.10 4.06 9.01
C ILE A 112 -11.52 3.52 8.90
N ILE A 113 -11.64 2.48 8.07
CA ILE A 113 -12.95 1.91 7.75
C ILE A 113 -12.79 0.40 7.54
N ASN A 114 -13.69 -0.39 8.12
CA ASN A 114 -13.62 -1.85 7.93
C ASN A 114 -14.94 -2.45 7.43
N GLU A 115 -14.90 -2.67 6.13
CA GLU A 115 -16.07 -3.06 5.33
C GLU A 115 -15.52 -4.21 4.46
N PRO A 116 -15.52 -5.48 4.89
CA PRO A 116 -14.26 -6.26 4.97
C PRO A 116 -13.33 -6.43 3.76
N ASP A 117 -12.83 -5.31 3.27
CA ASP A 117 -11.45 -5.22 2.76
C ASP A 117 -10.85 -4.08 3.60
N TYR A 118 -10.00 -4.42 4.58
CA TYR A 118 -9.74 -3.48 5.67
C TYR A 118 -8.69 -2.42 5.33
N CYS A 119 -9.12 -1.16 5.19
CA CYS A 119 -8.16 -0.06 5.06
C CYS A 119 -8.65 1.25 5.67
N TRP A 120 -8.02 2.26 5.10
CA TRP A 120 -8.02 3.64 5.59
C TRP A 120 -8.21 4.46 4.30
N ILE A 121 -8.83 5.61 4.37
CA ILE A 121 -8.76 6.57 3.24
C ILE A 121 -8.38 7.92 3.86
N LYS A 122 -7.57 8.69 3.13
CA LYS A 122 -6.99 9.91 3.70
C LYS A 122 -7.91 11.12 3.48
N MET A 123 -8.08 11.91 4.54
CA MET A 123 -9.09 12.97 4.54
C MET A 123 -8.40 14.34 4.45
N TYR A 7 -10.11 2.92 -15.50
CA TYR A 7 -10.08 3.37 -14.10
C TYR A 7 -8.84 4.21 -13.81
N LYS A 8 -8.10 3.88 -12.76
CA LYS A 8 -7.08 4.78 -12.22
C LYS A 8 -5.71 4.09 -12.19
N THR A 9 -4.66 4.89 -12.23
CA THR A 9 -3.32 4.36 -11.94
C THR A 9 -3.16 4.20 -10.42
N GLY A 10 -2.50 3.13 -10.00
CA GLY A 10 -2.22 2.99 -8.56
C GLY A 10 -0.78 2.59 -8.24
N LEU A 11 -0.64 2.12 -7.00
CA LEU A 11 0.68 1.86 -6.42
C LEU A 11 0.62 0.51 -5.73
N LEU A 12 1.68 -0.28 -5.87
CA LEU A 12 1.79 -1.49 -5.06
C LEU A 12 3.11 -1.45 -4.29
N LEU A 13 3.00 -1.76 -3.01
CA LEU A 13 4.19 -2.06 -2.20
C LEU A 13 4.22 -3.58 -1.94
N ILE A 14 5.43 -4.12 -1.81
CA ILE A 14 5.60 -5.57 -1.60
C ILE A 14 6.57 -5.81 -0.45
N HIS A 15 6.34 -6.84 0.37
CA HIS A 15 7.43 -7.40 1.18
C HIS A 15 7.76 -8.80 0.64
N PRO A 16 9.03 -9.13 0.35
CA PRO A 16 9.36 -10.38 -0.36
C PRO A 16 8.98 -11.74 0.24
N ALA A 17 8.66 -11.82 1.52
CA ALA A 17 8.70 -13.13 2.19
C ALA A 17 7.68 -14.16 1.69
N VAL A 18 6.41 -13.80 1.61
CA VAL A 18 5.44 -14.67 0.93
C VAL A 18 5.38 -14.36 -0.58
N THR A 19 5.67 -13.11 -0.97
CA THR A 19 5.43 -12.69 -2.35
C THR A 19 6.47 -13.16 -3.38
N THR A 20 7.62 -13.72 -2.97
CA THR A 20 8.69 -13.99 -3.96
C THR A 20 8.38 -15.24 -4.82
N THR A 21 7.25 -15.91 -4.56
CA THR A 21 6.73 -16.93 -5.46
C THR A 21 5.63 -16.22 -6.29
N PRO A 22 5.08 -16.79 -7.37
CA PRO A 22 4.19 -16.01 -8.26
C PRO A 22 2.75 -15.75 -7.78
N GLU A 23 2.31 -16.35 -6.68
CA GLU A 23 0.86 -16.41 -6.40
C GLU A 23 0.26 -15.09 -5.91
N LEU A 24 0.86 -14.44 -4.91
CA LEU A 24 0.25 -13.21 -4.37
C LEU A 24 0.31 -12.05 -5.36
N VAL A 25 1.37 -12.00 -6.17
CA VAL A 25 1.49 -10.95 -7.20
C VAL A 25 0.42 -11.14 -8.29
N GLU A 26 0.25 -12.36 -8.80
CA GLU A 26 -0.79 -12.63 -9.79
C GLU A 26 -2.21 -12.39 -9.29
N ASN A 27 -2.47 -12.64 -8.01
CA ASN A 27 -3.80 -12.41 -7.42
C ASN A 27 -4.15 -10.94 -7.30
N THR A 28 -3.23 -10.14 -6.74
CA THR A 28 -3.49 -8.70 -6.64
C THR A 28 -3.66 -8.06 -8.04
N LYS A 29 -2.82 -8.46 -8.99
CA LYS A 29 -3.03 -8.07 -10.39
C LYS A 29 -4.31 -8.66 -10.99
N ALA A 30 -4.75 -9.87 -10.61
CA ALA A 30 -6.00 -10.42 -11.17
C ALA A 30 -7.26 -9.69 -10.69
N GLN A 31 -7.33 -9.37 -9.40
CA GLN A 31 -8.43 -8.55 -8.87
C GLN A 31 -8.50 -7.19 -9.58
N ALA A 32 -7.38 -6.46 -9.57
CA ALA A 32 -7.33 -5.17 -10.28
C ALA A 32 -7.70 -5.28 -11.77
N ALA A 33 -7.18 -6.30 -12.44
CA ALA A 33 -7.29 -6.38 -13.92
C ALA A 33 -8.68 -6.75 -14.45
N SER A 34 -9.35 -7.76 -13.88
CA SER A 34 -10.76 -8.01 -14.23
C SER A 34 -11.71 -6.81 -13.97
N LYS A 35 -11.47 -6.06 -12.90
CA LYS A 35 -12.45 -5.05 -12.47
C LYS A 35 -12.19 -3.72 -13.19
N LYS A 36 -11.42 -2.87 -12.52
CA LYS A 36 -11.29 -1.46 -12.93
C LYS A 36 -9.81 -1.05 -13.00
N VAL A 37 -8.99 -1.46 -12.03
CA VAL A 37 -7.70 -0.79 -11.80
C VAL A 37 -6.54 -1.52 -12.46
N LYS A 38 -5.54 -0.72 -12.82
CA LYS A 38 -4.23 -1.26 -13.20
C LYS A 38 -3.19 -0.66 -12.26
N PHE A 39 -2.30 -1.51 -11.74
CA PHE A 39 -1.20 -0.98 -10.92
C PHE A 39 0.02 -0.78 -11.81
N VAL A 40 0.74 0.31 -11.60
CA VAL A 40 1.82 0.71 -12.53
C VAL A 40 3.19 0.79 -11.85
N ASP A 41 3.24 1.01 -10.54
CA ASP A 41 4.55 1.22 -9.89
C ASP A 41 4.75 0.17 -8.80
N GLN A 42 5.99 0.14 -8.29
CA GLN A 42 6.41 -0.96 -7.43
C GLN A 42 7.40 -0.42 -6.42
N PHE A 43 7.10 -0.67 -5.16
CA PHE A 43 8.06 -0.32 -4.11
C PHE A 43 8.22 -1.49 -3.14
N LEU A 44 9.44 -1.99 -3.04
CA LEU A 44 9.72 -3.11 -2.13
C LEU A 44 10.18 -2.52 -0.80
N ILE A 45 9.89 -3.23 0.29
CA ILE A 45 10.16 -2.69 1.63
C ILE A 45 11.66 -2.43 1.92
N ASN A 46 12.55 -3.31 1.49
CA ASN A 46 13.99 -3.05 1.67
C ASN A 46 14.56 -2.07 0.62
N LYS A 47 14.02 -2.03 -0.59
CA LYS A 47 14.53 -1.11 -1.61
C LYS A 47 14.04 0.34 -1.41
N LEU A 48 12.79 0.52 -0.99
CA LEU A 48 12.29 1.89 -0.73
C LEU A 48 12.96 2.55 0.48
N ASN A 49 13.16 1.76 1.52
CA ASN A 49 13.85 2.23 2.73
C ASN A 49 15.37 2.38 2.52
N ASP A 50 15.94 1.70 1.52
CA ASP A 50 17.36 1.91 1.18
C ASP A 50 17.56 3.12 0.25
N GLY A 51 16.65 3.37 -0.68
CA GLY A 51 16.78 4.55 -1.56
C GLY A 51 16.93 4.26 -3.05
N SER A 52 16.62 3.03 -3.50
CA SER A 52 16.79 2.68 -4.92
C SER A 52 15.69 3.26 -5.84
N ILE A 53 14.45 3.33 -5.34
CA ILE A 53 13.31 3.63 -6.22
C ILE A 53 12.73 4.97 -5.79
N THR A 54 12.73 5.90 -6.73
CA THR A 54 12.08 7.20 -6.49
C THR A 54 11.15 7.51 -7.65
N LEU A 55 9.87 7.66 -7.32
CA LEU A 55 8.90 8.14 -8.31
C LEU A 55 8.29 9.46 -7.80
N GLU A 56 7.38 10.02 -8.60
CA GLU A 56 6.92 11.40 -8.35
C GLU A 56 5.58 11.42 -7.60
N ASN A 57 5.15 12.63 -7.26
CA ASN A 57 4.00 12.83 -6.38
C ASN A 57 2.73 12.89 -7.22
N ALA A 58 2.04 11.75 -7.41
CA ALA A 58 1.03 11.70 -8.47
C ALA A 58 -0.31 11.03 -8.14
N LYS A 59 -0.90 10.40 -9.16
CA LYS A 59 -2.32 10.02 -9.13
C LYS A 59 -2.56 8.55 -8.79
N TYR A 60 -1.75 8.04 -7.88
CA TYR A 60 -1.69 6.61 -7.59
C TYR A 60 -2.80 6.16 -6.63
N GLU A 61 -3.92 6.91 -6.50
CA GLU A 61 -4.80 6.86 -5.30
C GLU A 61 -5.47 5.50 -4.98
N THR A 62 -4.83 4.43 -5.39
CA THR A 62 -5.12 3.09 -4.85
C THR A 62 -3.78 2.48 -4.43
N VAL A 63 -3.69 2.27 -3.12
CA VAL A 63 -2.41 1.96 -2.48
C VAL A 63 -2.55 0.53 -1.97
N HIS A 64 -1.84 -0.40 -2.59
CA HIS A 64 -1.99 -1.81 -2.20
C HIS A 64 -0.67 -2.24 -1.53
N TYR A 65 -0.71 -2.95 -0.39
CA TYR A 65 0.53 -3.55 0.12
C TYR A 65 0.29 -5.06 0.25
N LEU A 66 1.34 -5.81 -0.09
CA LEU A 66 1.24 -7.25 -0.23
C LEU A 66 2.27 -7.88 0.71
N THR A 67 1.84 -8.24 1.91
CA THR A 67 2.80 -8.64 2.95
C THR A 67 2.15 -9.83 3.70
N PRO A 68 2.91 -10.74 4.33
CA PRO A 68 2.33 -11.76 5.23
C PRO A 68 1.37 -11.22 6.29
N GLU A 69 0.37 -12.04 6.59
CA GLU A 69 -0.79 -11.56 7.35
C GLU A 69 -0.68 -11.70 8.88
N ALA A 70 0.24 -12.50 9.40
CA ALA A 70 0.49 -12.47 10.85
C ALA A 70 1.75 -11.65 11.19
N GLN A 71 2.04 -11.54 12.48
CA GLN A 71 3.08 -10.60 12.94
C GLN A 71 4.28 -11.36 13.50
N THR A 72 5.45 -10.72 13.37
CA THR A 72 6.64 -11.13 14.12
C THR A 72 7.14 -9.89 14.87
N ASP A 73 7.59 -8.89 14.12
CA ASP A 73 8.28 -7.73 14.71
C ASP A 73 7.71 -6.46 14.07
N ILE A 74 8.19 -5.28 14.48
CA ILE A 74 7.54 -4.03 14.05
C ILE A 74 8.18 -3.58 12.73
N LYS A 75 7.58 -4.04 11.63
CA LYS A 75 8.27 -3.89 10.33
C LYS A 75 8.15 -2.49 9.70
N PHE A 76 6.98 -1.98 9.27
CA PHE A 76 7.00 -0.72 8.48
C PHE A 76 7.21 0.49 9.39
N PRO A 77 7.87 1.55 8.90
CA PRO A 77 7.94 2.82 9.63
C PRO A 77 6.69 3.69 9.43
N LYS A 78 6.37 4.51 10.41
CA LYS A 78 5.38 5.58 10.19
C LYS A 78 5.79 6.62 9.12
N LYS A 79 7.09 6.92 9.02
CA LYS A 79 7.57 7.93 8.06
C LYS A 79 7.30 7.57 6.59
N LEU A 80 7.36 6.28 6.24
CA LEU A 80 7.08 5.90 4.84
C LEU A 80 5.57 5.94 4.55
N ILE A 81 4.70 5.68 5.53
CA ILE A 81 3.27 5.98 5.38
C ILE A 81 3.03 7.48 5.10
N SER A 82 3.74 8.40 5.76
CA SER A 82 3.58 9.83 5.45
C SER A 82 4.05 10.19 4.02
N VAL A 83 5.16 9.59 3.57
CA VAL A 83 5.61 9.78 2.18
C VAL A 83 4.61 9.20 1.16
N LEU A 84 3.97 8.06 1.46
CA LEU A 84 2.88 7.56 0.60
C LEU A 84 1.72 8.55 0.47
N ALA A 85 1.31 9.19 1.58
CA ALA A 85 0.29 10.24 1.51
C ALA A 85 0.73 11.49 0.72
N ASP A 86 2.03 11.79 0.71
CA ASP A 86 2.51 13.02 0.02
C ASP A 86 2.56 12.93 -1.51
N SER A 87 2.38 11.73 -2.04
CA SER A 87 2.18 11.56 -3.49
C SER A 87 0.79 11.99 -3.95
N LEU A 88 -0.24 11.68 -3.15
CA LEU A 88 -1.57 11.54 -3.73
C LEU A 88 -2.39 12.83 -3.72
N LYS A 89 -3.44 12.77 -4.54
CA LYS A 89 -4.58 13.69 -4.47
C LYS A 89 -5.39 13.26 -3.22
N PRO A 90 -5.28 13.95 -2.07
CA PRO A 90 -5.55 13.36 -0.75
C PRO A 90 -6.83 12.56 -0.43
N ASN A 91 -7.70 12.29 -1.40
CA ASN A 91 -8.73 11.23 -1.22
C ASN A 91 -8.19 9.92 -1.82
N GLY A 92 -7.05 9.52 -1.27
CA GLY A 92 -6.44 8.22 -1.55
C GLY A 92 -7.01 7.15 -0.63
N SER A 93 -6.75 5.89 -0.93
CA SER A 93 -7.39 4.81 -0.16
C SER A 93 -6.35 3.67 -0.12
N LEU A 94 -5.99 3.37 1.12
CA LEU A 94 -4.94 2.44 1.46
C LEU A 94 -5.57 1.06 1.65
N ILE A 95 -5.04 0.02 1.01
CA ILE A 95 -5.49 -1.35 1.32
C ILE A 95 -4.33 -2.09 1.96
N GLY A 96 -4.24 -1.94 3.26
CA GLY A 96 -3.03 -2.42 3.93
C GLY A 96 -3.06 -3.05 5.31
N LEU A 97 -3.10 -2.20 6.33
CA LEU A 97 -2.18 -2.38 7.47
C LEU A 97 -2.95 -2.69 8.76
N SER A 98 -2.30 -3.50 9.58
CA SER A 98 -2.99 -4.17 10.72
C SER A 98 -2.96 -3.36 12.02
N ASP A 99 -3.57 -3.89 13.09
CA ASP A 99 -3.93 -3.02 14.24
C ASP A 99 -2.86 -2.65 15.29
N ILE A 100 -1.65 -2.28 14.89
CA ILE A 100 -0.95 -1.11 15.51
C ILE A 100 -1.18 0.17 14.65
N TYR A 101 -1.43 -0.11 13.38
CA TYR A 101 -1.42 0.94 12.40
C TYR A 101 -2.73 1.76 12.48
N LYS A 102 -3.62 1.46 13.44
CA LYS A 102 -4.85 2.25 13.63
C LYS A 102 -4.54 3.63 14.24
N VAL A 103 -3.79 3.66 15.34
CA VAL A 103 -3.23 4.92 15.84
C VAL A 103 -2.28 5.54 14.80
N ASP A 104 -1.56 4.72 14.02
CA ASP A 104 -0.79 5.29 12.90
C ASP A 104 -1.66 6.01 11.85
N ALA A 105 -2.76 5.38 11.43
CA ALA A 105 -3.71 6.02 10.51
C ALA A 105 -4.25 7.34 11.06
N LEU A 106 -4.54 7.38 12.36
CA LEU A 106 -5.02 8.63 12.99
C LEU A 106 -4.03 9.78 12.83
N ILE A 107 -2.78 9.51 13.17
CA ILE A 107 -1.77 10.57 13.31
C ILE A 107 -1.18 11.03 11.97
N ASN A 108 -1.05 10.09 11.04
CA ASN A 108 -0.64 10.41 9.68
C ASN A 108 -1.71 11.13 8.86
N GLY A 109 -2.98 11.11 9.28
CA GLY A 109 -4.01 11.86 8.53
C GLY A 109 -4.89 10.95 7.68
N PHE A 110 -5.07 9.72 8.14
CA PHE A 110 -5.99 8.79 7.45
C PHE A 110 -7.22 8.67 8.34
N GLU A 111 -8.32 8.23 7.73
CA GLU A 111 -9.41 7.68 8.54
C GLU A 111 -9.56 6.23 8.12
N ILE A 112 -10.09 5.43 9.03
CA ILE A 112 -10.17 4.00 8.79
C ILE A 112 -11.61 3.62 8.45
N ILE A 113 -11.71 2.58 7.64
CA ILE A 113 -13.00 2.09 7.15
C ILE A 113 -12.91 0.56 7.15
N ASN A 114 -13.87 -0.08 7.82
CA ASN A 114 -13.74 -1.52 8.09
C ASN A 114 -14.90 -2.34 7.54
N GLU A 115 -14.69 -2.70 6.29
CA GLU A 115 -15.71 -3.34 5.44
C GLU A 115 -14.90 -4.48 4.82
N PRO A 116 -14.98 -5.74 5.29
CA PRO A 116 -13.79 -6.63 5.43
C PRO A 116 -12.80 -6.95 4.29
N ASP A 117 -12.58 -6.04 3.36
CA ASP A 117 -11.21 -5.70 2.99
C ASP A 117 -10.89 -4.40 3.73
N TYR A 118 -9.94 -4.51 4.64
CA TYR A 118 -9.73 -3.50 5.68
C TYR A 118 -8.74 -2.43 5.23
N CYS A 119 -9.20 -1.17 5.08
CA CYS A 119 -8.27 -0.05 4.82
C CYS A 119 -8.68 1.30 5.42
N TRP A 120 -7.98 2.30 4.87
CA TRP A 120 -7.93 3.66 5.39
C TRP A 120 -8.04 4.57 4.17
N ILE A 121 -8.91 5.56 4.14
CA ILE A 121 -8.77 6.60 3.11
C ILE A 121 -8.33 7.88 3.84
N LYS A 122 -7.48 8.63 3.16
CA LYS A 122 -7.05 9.94 3.67
C LYS A 122 -8.16 10.96 3.40
N MET A 123 -8.46 11.77 4.40
CA MET A 123 -9.36 12.91 4.19
C MET A 123 -8.62 14.24 4.40
N TYR A 7 -10.94 5.08 -14.82
CA TYR A 7 -10.08 3.96 -14.41
C TYR A 7 -9.16 4.49 -13.29
N LYS A 8 -8.61 3.62 -12.44
CA LYS A 8 -7.58 4.06 -11.52
C LYS A 8 -6.17 3.61 -11.94
N THR A 9 -5.25 4.53 -11.72
CA THR A 9 -3.81 4.21 -11.72
C THR A 9 -3.38 4.20 -10.26
N GLY A 10 -2.87 3.06 -9.82
CA GLY A 10 -2.35 2.98 -8.45
C GLY A 10 -0.95 2.41 -8.34
N LEU A 11 -0.64 2.02 -7.10
CA LEU A 11 0.73 1.71 -6.73
C LEU A 11 0.69 0.40 -5.93
N LEU A 12 1.71 -0.42 -6.08
CA LEU A 12 1.82 -1.61 -5.26
C LEU A 12 3.17 -1.61 -4.54
N LEU A 13 3.09 -1.96 -3.26
CA LEU A 13 4.28 -2.08 -2.40
C LEU A 13 4.32 -3.52 -1.90
N ILE A 14 5.40 -4.22 -2.23
CA ILE A 14 5.49 -5.65 -1.89
C ILE A 14 6.68 -5.83 -0.94
N HIS A 15 6.52 -6.67 0.07
CA HIS A 15 7.70 -7.08 0.84
C HIS A 15 8.14 -8.47 0.31
N PRO A 16 9.42 -8.69 -0.03
CA PRO A 16 9.83 -9.91 -0.74
C PRO A 16 9.66 -11.29 -0.07
N ALA A 17 9.36 -11.36 1.21
CA ALA A 17 9.58 -12.62 1.94
C ALA A 17 8.69 -13.80 1.51
N VAL A 18 7.37 -13.61 1.43
CA VAL A 18 6.52 -14.64 0.82
C VAL A 18 6.45 -14.45 -0.72
N THR A 19 6.58 -13.22 -1.19
CA THR A 19 6.31 -12.90 -2.60
C THR A 19 7.47 -13.20 -3.58
N THR A 20 8.62 -13.72 -3.13
CA THR A 20 9.61 -14.24 -4.10
C THR A 20 9.20 -15.62 -4.69
N THR A 21 8.06 -16.13 -4.24
CA THR A 21 7.32 -17.21 -4.92
C THR A 21 5.98 -16.59 -5.37
N PRO A 22 5.99 -15.71 -6.38
CA PRO A 22 4.98 -14.66 -6.57
C PRO A 22 3.60 -15.12 -7.09
N GLU A 23 2.95 -16.05 -6.41
CA GLU A 23 1.52 -16.32 -6.65
C GLU A 23 0.63 -15.18 -6.13
N LEU A 24 0.89 -14.72 -4.91
CA LEU A 24 0.16 -13.57 -4.33
C LEU A 24 0.33 -12.29 -5.18
N VAL A 25 1.46 -12.13 -5.88
CA VAL A 25 1.64 -10.99 -6.78
C VAL A 25 0.64 -11.07 -7.96
N GLU A 26 0.57 -12.21 -8.63
CA GLU A 26 -0.45 -12.40 -9.68
C GLU A 26 -1.89 -12.26 -9.17
N ASN A 27 -2.14 -12.76 -7.97
CA ASN A 27 -3.46 -12.61 -7.31
C ASN A 27 -3.90 -11.17 -7.07
N THR A 28 -3.05 -10.34 -6.47
CA THR A 28 -3.43 -8.92 -6.25
C THR A 28 -3.61 -8.17 -7.59
N LYS A 29 -2.74 -8.47 -8.56
CA LYS A 29 -2.93 -7.94 -9.92
C LYS A 29 -4.22 -8.48 -10.58
N ALA A 30 -4.61 -9.73 -10.29
CA ALA A 30 -5.88 -10.25 -10.86
C ALA A 30 -7.13 -9.60 -10.28
N GLN A 31 -7.17 -9.41 -8.96
CA GLN A 31 -8.26 -8.67 -8.32
C GLN A 31 -8.43 -7.27 -8.89
N ALA A 32 -7.35 -6.49 -8.86
CA ALA A 32 -7.41 -5.10 -9.37
C ALA A 32 -7.75 -5.02 -10.86
N ALA A 33 -7.19 -5.91 -11.68
CA ALA A 33 -7.63 -6.02 -13.08
C ALA A 33 -9.14 -6.25 -13.27
N SER A 34 -9.73 -7.22 -12.58
CA SER A 34 -11.13 -7.61 -12.86
C SER A 34 -12.14 -6.58 -12.32
N LYS A 35 -11.71 -5.65 -11.49
CA LYS A 35 -12.53 -4.52 -11.08
C LYS A 35 -12.44 -3.36 -12.09
N LYS A 36 -11.80 -2.28 -11.68
CA LYS A 36 -11.46 -1.18 -12.60
C LYS A 36 -10.06 -0.56 -12.39
N VAL A 37 -9.19 -1.31 -11.74
CA VAL A 37 -7.91 -0.77 -11.25
C VAL A 37 -6.72 -1.54 -11.84
N LYS A 38 -5.93 -0.94 -12.73
CA LYS A 38 -4.63 -1.55 -13.03
C LYS A 38 -3.58 -0.80 -12.22
N PHE A 39 -2.69 -1.57 -11.60
CA PHE A 39 -1.61 -0.96 -10.80
C PHE A 39 -0.43 -0.71 -11.75
N VAL A 40 0.21 0.45 -11.57
CA VAL A 40 1.15 0.99 -12.57
C VAL A 40 2.61 0.94 -12.08
N ASP A 41 2.83 1.11 -10.78
CA ASP A 41 4.21 1.15 -10.25
C ASP A 41 4.43 0.06 -9.21
N GLN A 42 5.70 -0.09 -8.85
CA GLN A 42 6.15 -1.19 -7.99
C GLN A 42 7.20 -0.66 -7.07
N PHE A 43 6.98 -0.85 -5.77
CA PHE A 43 8.10 -0.62 -4.84
C PHE A 43 8.36 -1.94 -4.10
N LEU A 44 9.61 -2.17 -3.72
CA LEU A 44 9.91 -3.23 -2.73
C LEU A 44 10.25 -2.51 -1.42
N ILE A 45 9.97 -3.12 -0.28
CA ILE A 45 10.16 -2.43 0.99
C ILE A 45 11.64 -2.07 1.29
N ASN A 46 12.59 -2.94 0.96
CA ASN A 46 14.00 -2.58 1.16
C ASN A 46 14.56 -1.66 0.05
N LYS A 47 14.04 -1.77 -1.19
CA LYS A 47 14.53 -0.91 -2.28
C LYS A 47 13.93 0.50 -2.24
N LEU A 48 12.70 0.67 -1.76
CA LEU A 48 12.13 2.02 -1.62
C LEU A 48 12.76 2.82 -0.47
N ASN A 49 12.99 2.11 0.63
CA ASN A 49 13.65 2.70 1.79
C ASN A 49 15.14 3.04 1.54
N ASP A 50 15.76 2.29 0.63
CA ASP A 50 17.15 2.61 0.24
C ASP A 50 17.21 3.71 -0.83
N GLY A 51 16.31 3.72 -1.81
CA GLY A 51 16.22 4.87 -2.73
C GLY A 51 16.26 4.56 -4.23
N SER A 52 16.05 3.31 -4.64
CA SER A 52 16.31 2.91 -6.03
C SER A 52 15.25 3.30 -7.08
N ILE A 53 14.05 3.69 -6.68
CA ILE A 53 12.94 3.80 -7.64
C ILE A 53 12.49 5.27 -7.78
N THR A 54 11.79 5.55 -8.88
CA THR A 54 11.44 6.93 -9.24
C THR A 54 10.00 7.25 -8.83
N LEU A 55 9.86 8.26 -7.99
CA LEU A 55 8.55 8.61 -7.42
C LEU A 55 7.90 9.76 -8.19
N GLU A 56 6.72 9.49 -8.75
CA GLU A 56 5.87 10.57 -9.29
C GLU A 56 4.80 10.88 -8.24
N ASN A 57 4.78 12.12 -7.76
CA ASN A 57 3.99 12.46 -6.57
C ASN A 57 2.59 12.95 -6.93
N ALA A 58 1.74 12.08 -7.50
CA ALA A 58 0.32 12.44 -7.66
C ALA A 58 -0.63 11.25 -7.87
N LYS A 59 -0.68 10.68 -9.08
CA LYS A 59 -1.83 9.84 -9.45
C LYS A 59 -1.57 8.34 -9.34
N TYR A 60 -1.20 7.95 -8.13
CA TYR A 60 -1.25 6.53 -7.77
C TYR A 60 -2.32 6.24 -6.69
N GLU A 61 -3.35 7.09 -6.50
CA GLU A 61 -4.12 7.18 -5.24
C GLU A 61 -4.89 5.90 -4.76
N THR A 62 -4.33 4.74 -5.09
CA THR A 62 -4.66 3.46 -4.44
C THR A 62 -3.28 2.87 -4.11
N VAL A 63 -3.01 2.70 -2.83
CA VAL A 63 -1.81 1.97 -2.42
C VAL A 63 -2.29 0.55 -2.10
N HIS A 64 -1.53 -0.43 -2.60
CA HIS A 64 -1.75 -1.83 -2.18
C HIS A 64 -0.47 -2.29 -1.49
N TYR A 65 -0.63 -2.96 -0.35
CA TYR A 65 0.56 -3.46 0.37
C TYR A 65 0.47 -4.97 0.59
N LEU A 66 1.34 -5.70 -0.11
CA LEU A 66 1.24 -7.16 -0.16
C LEU A 66 2.38 -7.77 0.68
N THR A 67 2.12 -7.99 1.97
CA THR A 67 3.20 -8.37 2.90
C THR A 67 2.67 -9.60 3.67
N PRO A 68 3.54 -10.49 4.20
CA PRO A 68 3.09 -11.55 5.11
C PRO A 68 2.75 -11.03 6.51
N GLU A 69 1.68 -11.59 7.08
CA GLU A 69 1.13 -11.05 8.32
C GLU A 69 1.77 -11.67 9.58
N ALA A 70 2.21 -12.93 9.51
CA ALA A 70 2.63 -13.65 10.72
C ALA A 70 4.16 -13.62 10.82
N GLN A 71 4.70 -12.45 11.16
CA GLN A 71 6.13 -12.34 11.50
C GLN A 71 6.26 -12.01 12.99
N THR A 72 7.44 -12.27 13.56
CA THR A 72 7.73 -11.78 14.91
C THR A 72 8.36 -10.37 14.93
N ASP A 73 8.40 -9.67 13.79
CA ASP A 73 8.76 -8.25 13.77
C ASP A 73 7.77 -7.52 12.86
N ILE A 74 6.68 -7.04 13.43
CA ILE A 74 5.57 -6.51 12.61
C ILE A 74 5.67 -4.98 12.52
N LYS A 75 6.68 -4.49 11.82
CA LYS A 75 7.00 -3.05 11.85
C LYS A 75 7.03 -2.47 10.43
N PHE A 76 6.47 -1.27 10.32
CA PHE A 76 6.68 -0.45 9.11
C PHE A 76 7.11 0.92 9.64
N PRO A 77 7.94 1.71 8.93
CA PRO A 77 8.39 2.97 9.52
C PRO A 77 7.34 4.04 9.32
N LYS A 78 7.28 4.97 10.27
CA LYS A 78 6.38 6.12 10.10
C LYS A 78 6.72 7.00 8.89
N LYS A 79 8.02 7.22 8.64
CA LYS A 79 8.45 8.06 7.52
C LYS A 79 8.05 7.50 6.13
N LEU A 80 7.90 6.20 5.98
CA LEU A 80 7.39 5.67 4.69
C LEU A 80 5.88 5.87 4.57
N ILE A 81 5.11 5.87 5.67
CA ILE A 81 3.69 6.24 5.62
C ILE A 81 3.53 7.73 5.24
N SER A 82 4.42 8.63 5.67
CA SER A 82 4.34 10.03 5.21
C SER A 82 4.74 10.21 3.74
N VAL A 83 5.74 9.47 3.25
CA VAL A 83 6.08 9.50 1.81
C VAL A 83 4.98 8.88 0.94
N LEU A 84 4.34 7.80 1.40
CA LEU A 84 3.19 7.23 0.69
C LEU A 84 1.99 8.20 0.66
N ALA A 85 1.71 8.90 1.76
CA ALA A 85 0.66 9.92 1.76
C ALA A 85 0.98 11.13 0.87
N ASP A 86 2.26 11.47 0.69
CA ASP A 86 2.62 12.69 -0.06
C ASP A 86 2.56 12.54 -1.59
N SER A 87 2.78 11.34 -2.08
CA SER A 87 2.57 11.02 -3.49
C SER A 87 1.08 10.85 -3.85
N LEU A 88 0.22 10.62 -2.87
CA LEU A 88 -1.17 10.23 -3.12
C LEU A 88 -2.08 11.23 -2.40
N LYS A 89 -2.63 12.19 -3.15
CA LYS A 89 -3.27 13.38 -2.55
C LYS A 89 -4.65 13.01 -1.93
N PRO A 90 -5.65 13.89 -1.77
CA PRO A 90 -6.77 13.64 -0.81
C PRO A 90 -7.66 12.40 -0.97
N ASN A 91 -7.93 11.88 -2.17
CA ASN A 91 -8.61 10.57 -2.26
C ASN A 91 -7.57 9.43 -2.31
N GLY A 92 -6.64 9.47 -1.37
CA GLY A 92 -5.68 8.36 -1.20
C GLY A 92 -6.35 7.24 -0.43
N SER A 93 -6.03 6.01 -0.78
CA SER A 93 -6.79 4.89 -0.23
C SER A 93 -5.82 3.71 -0.06
N LEU A 94 -5.68 3.35 1.19
CA LEU A 94 -4.63 2.44 1.65
C LEU A 94 -5.26 1.04 1.74
N ILE A 95 -4.62 -0.02 1.24
CA ILE A 95 -5.14 -1.37 1.51
C ILE A 95 -4.06 -2.17 2.21
N GLY A 96 -4.08 -2.04 3.52
CA GLY A 96 -3.00 -2.65 4.28
C GLY A 96 -3.25 -3.25 5.64
N LEU A 97 -3.32 -2.38 6.63
CA LEU A 97 -2.44 -2.53 7.78
C LEU A 97 -3.28 -2.82 9.04
N SER A 98 -2.56 -3.14 10.11
CA SER A 98 -3.16 -3.91 11.22
C SER A 98 -3.39 -3.08 12.50
N ASP A 99 -3.17 -3.67 13.68
CA ASP A 99 -3.68 -3.11 14.93
C ASP A 99 -2.93 -1.87 15.44
N ILE A 100 -1.59 -1.89 15.46
CA ILE A 100 -0.83 -0.64 15.77
C ILE A 100 -1.19 0.49 14.79
N TYR A 101 -1.49 0.07 13.58
CA TYR A 101 -1.65 0.99 12.48
C TYR A 101 -3.00 1.74 12.52
N LYS A 102 -3.98 1.26 13.31
CA LYS A 102 -5.23 2.01 13.54
C LYS A 102 -4.97 3.41 14.14
N VAL A 103 -4.25 3.48 15.26
CA VAL A 103 -3.85 4.78 15.83
C VAL A 103 -2.87 5.54 14.90
N ASP A 104 -2.00 4.81 14.21
CA ASP A 104 -1.13 5.44 13.20
C ASP A 104 -1.92 6.11 12.04
N ALA A 105 -2.96 5.43 11.56
CA ALA A 105 -3.89 6.01 10.59
C ALA A 105 -4.51 7.30 11.13
N LEU A 106 -5.00 7.23 12.37
CA LEU A 106 -5.67 8.37 13.00
C LEU A 106 -4.80 9.65 13.01
N ILE A 107 -3.54 9.48 13.39
CA ILE A 107 -2.66 10.62 13.61
C ILE A 107 -2.07 11.18 12.31
N ASN A 108 -1.79 10.32 11.35
CA ASN A 108 -1.33 10.78 10.04
C ASN A 108 -2.44 11.45 9.21
N GLY A 109 -3.72 11.25 9.55
CA GLY A 109 -4.81 11.85 8.74
C GLY A 109 -5.52 10.85 7.82
N PHE A 110 -5.40 9.56 8.16
CA PHE A 110 -6.05 8.46 7.44
C PHE A 110 -7.18 7.98 8.31
N GLU A 111 -8.42 8.18 7.88
CA GLU A 111 -9.47 7.60 8.69
C GLU A 111 -9.87 6.28 8.04
N ILE A 112 -10.37 5.43 8.91
CA ILE A 112 -10.32 3.98 8.66
C ILE A 112 -11.71 3.43 8.36
N ILE A 113 -11.72 2.44 7.48
CA ILE A 113 -12.98 1.90 6.95
C ILE A 113 -12.86 0.38 6.92
N ASN A 114 -13.78 -0.29 7.60
CA ASN A 114 -13.72 -1.74 7.73
C ASN A 114 -14.87 -2.41 6.96
N GLU A 115 -14.51 -2.87 5.78
CA GLU A 115 -15.48 -3.36 4.79
C GLU A 115 -14.95 -4.70 4.25
N PRO A 116 -15.57 -5.36 3.25
CA PRO A 116 -15.03 -6.62 2.72
C PRO A 116 -13.58 -6.65 2.20
N ASP A 117 -12.98 -5.47 2.03
CA ASP A 117 -11.53 -5.33 2.12
C ASP A 117 -11.27 -4.25 3.19
N TYR A 118 -10.16 -4.35 3.91
CA TYR A 118 -9.97 -3.48 5.08
C TYR A 118 -8.84 -2.49 4.82
N CYS A 119 -9.14 -1.19 4.71
CA CYS A 119 -8.08 -0.16 4.69
C CYS A 119 -8.54 1.16 5.33
N TRP A 120 -7.88 2.22 4.84
CA TRP A 120 -7.98 3.58 5.37
C TRP A 120 -8.08 4.49 4.13
N ILE A 121 -8.68 5.66 4.23
CA ILE A 121 -8.46 6.69 3.21
C ILE A 121 -8.12 7.99 3.93
N LYS A 122 -7.22 8.73 3.30
CA LYS A 122 -6.76 10.00 3.89
C LYS A 122 -7.79 11.10 3.63
N MET A 123 -8.07 11.87 4.67
CA MET A 123 -8.88 13.10 4.51
C MET A 123 -8.03 14.34 4.84
N TYR A 7 -11.25 4.88 -13.95
CA TYR A 7 -10.26 3.85 -13.67
C TYR A 7 -9.24 4.40 -12.65
N LYS A 8 -8.58 3.49 -11.94
CA LYS A 8 -7.76 3.87 -10.81
C LYS A 8 -6.29 3.52 -11.09
N THR A 9 -5.47 4.51 -11.42
CA THR A 9 -4.02 4.26 -11.46
C THR A 9 -3.50 4.24 -10.02
N GLY A 10 -2.92 3.11 -9.66
CA GLY A 10 -2.45 2.93 -8.28
C GLY A 10 -1.06 2.36 -8.14
N LEU A 11 -0.89 1.73 -6.97
CA LEU A 11 0.43 1.33 -6.49
C LEU A 11 0.35 -0.09 -5.97
N LEU A 12 1.45 -0.82 -6.07
CA LEU A 12 1.64 -1.96 -5.21
C LEU A 12 2.98 -1.78 -4.47
N LEU A 13 2.92 -2.02 -3.17
CA LEU A 13 4.11 -2.05 -2.31
C LEU A 13 4.28 -3.47 -1.79
N ILE A 14 5.44 -4.06 -2.10
CA ILE A 14 5.63 -5.48 -1.79
C ILE A 14 6.81 -5.61 -0.82
N HIS A 15 6.70 -6.49 0.17
CA HIS A 15 7.88 -6.92 0.92
C HIS A 15 8.26 -8.32 0.40
N PRO A 16 9.52 -8.57 0.02
CA PRO A 16 9.88 -9.82 -0.68
C PRO A 16 9.63 -11.20 -0.05
N ALA A 17 9.41 -11.29 1.25
CA ALA A 17 9.60 -12.60 1.91
C ALA A 17 8.63 -13.71 1.53
N VAL A 18 7.33 -13.45 1.56
CA VAL A 18 6.36 -14.41 0.99
C VAL A 18 6.15 -14.14 -0.51
N THR A 19 6.19 -12.86 -0.88
CA THR A 19 5.78 -12.44 -2.23
C THR A 19 6.78 -12.85 -3.32
N THR A 20 7.99 -13.30 -2.99
CA THR A 20 9.01 -13.49 -4.04
C THR A 20 8.75 -14.77 -4.88
N THR A 21 7.68 -15.51 -4.57
CA THR A 21 7.21 -16.56 -5.48
C THR A 21 6.02 -15.94 -6.28
N PRO A 22 5.50 -16.55 -7.37
CA PRO A 22 4.53 -15.83 -8.23
C PRO A 22 3.08 -15.72 -7.73
N GLU A 23 2.72 -16.30 -6.58
CA GLU A 23 1.29 -16.45 -6.26
C GLU A 23 0.60 -15.15 -5.84
N LEU A 24 1.16 -14.40 -4.89
CA LEU A 24 0.53 -13.13 -4.47
C LEU A 24 0.60 -12.05 -5.57
N VAL A 25 1.64 -12.09 -6.41
CA VAL A 25 1.74 -11.13 -7.53
C VAL A 25 0.69 -11.44 -8.62
N GLU A 26 0.54 -12.69 -9.02
CA GLU A 26 -0.52 -13.03 -10.00
C GLU A 26 -1.94 -12.74 -9.49
N ASN A 27 -2.20 -12.95 -8.20
CA ASN A 27 -3.50 -12.62 -7.60
C ASN A 27 -3.81 -11.13 -7.58
N THR A 28 -2.83 -10.33 -7.14
CA THR A 28 -2.97 -8.88 -7.15
C THR A 28 -3.21 -8.34 -8.58
N LYS A 29 -2.44 -8.84 -9.54
CA LYS A 29 -2.72 -8.54 -10.96
C LYS A 29 -4.07 -9.11 -11.43
N ALA A 30 -4.55 -10.23 -10.87
CA ALA A 30 -5.88 -10.72 -11.27
C ALA A 30 -7.04 -9.83 -10.80
N GLN A 31 -6.98 -9.35 -9.57
CA GLN A 31 -7.94 -8.34 -9.07
C GLN A 31 -7.93 -7.08 -9.94
N ALA A 32 -6.73 -6.51 -10.13
CA ALA A 32 -6.59 -5.32 -11.00
C ALA A 32 -7.24 -5.53 -12.37
N ALA A 33 -6.99 -6.68 -12.99
CA ALA A 33 -7.41 -6.85 -14.39
C ALA A 33 -8.94 -6.98 -14.49
N SER A 34 -9.54 -7.86 -13.68
CA SER A 34 -10.97 -8.19 -13.86
C SER A 34 -11.90 -7.08 -13.33
N LYS A 35 -11.46 -6.34 -12.31
CA LYS A 35 -12.16 -5.13 -11.87
C LYS A 35 -11.75 -3.89 -12.67
N LYS A 36 -11.36 -2.83 -11.97
CA LYS A 36 -11.25 -1.50 -12.59
C LYS A 36 -10.03 -0.69 -12.15
N VAL A 37 -9.19 -1.25 -11.29
CA VAL A 37 -7.89 -0.64 -10.98
C VAL A 37 -6.73 -1.29 -11.76
N LYS A 38 -5.70 -0.49 -12.05
CA LYS A 38 -4.44 -1.00 -12.59
C LYS A 38 -3.30 -0.59 -11.65
N PHE A 39 -2.33 -1.47 -11.49
CA PHE A 39 -1.16 -1.15 -10.65
C PHE A 39 0.05 -0.82 -11.54
N VAL A 40 0.28 0.48 -11.69
CA VAL A 40 1.29 0.98 -12.64
C VAL A 40 2.73 0.82 -12.13
N ASP A 41 2.96 1.07 -10.83
CA ASP A 41 4.34 1.08 -10.32
C ASP A 41 4.50 0.06 -9.20
N GLN A 42 5.75 -0.16 -8.80
CA GLN A 42 6.07 -1.33 -7.97
C GLN A 42 7.17 -0.91 -7.03
N PHE A 43 6.86 -0.88 -5.74
CA PHE A 43 7.83 -0.36 -4.77
C PHE A 43 8.16 -1.49 -3.80
N LEU A 44 9.43 -1.89 -3.73
CA LEU A 44 9.84 -2.89 -2.75
C LEU A 44 10.21 -2.15 -1.46
N ILE A 45 10.03 -2.79 -0.32
CA ILE A 45 10.31 -2.14 0.97
C ILE A 45 11.79 -1.75 1.14
N ASN A 46 12.72 -2.60 0.72
CA ASN A 46 14.15 -2.22 0.78
C ASN A 46 14.56 -1.24 -0.33
N LYS A 47 13.93 -1.28 -1.51
CA LYS A 47 14.33 -0.40 -2.61
C LYS A 47 13.76 1.02 -2.49
N LEU A 48 12.54 1.17 -1.99
CA LEU A 48 11.98 2.52 -1.76
C LEU A 48 12.70 3.27 -0.62
N ASN A 49 12.99 2.52 0.45
CA ASN A 49 13.79 3.08 1.55
C ASN A 49 15.24 3.40 1.15
N ASP A 50 15.77 2.68 0.15
CA ASP A 50 17.09 3.02 -0.40
C ASP A 50 17.02 4.19 -1.40
N GLY A 51 15.97 4.25 -2.23
CA GLY A 51 15.82 5.41 -3.14
C GLY A 51 16.01 5.12 -4.64
N SER A 52 15.99 3.84 -5.06
CA SER A 52 16.24 3.52 -6.48
C SER A 52 15.06 3.76 -7.45
N ILE A 53 13.87 4.01 -6.92
CA ILE A 53 12.63 4.02 -7.71
C ILE A 53 12.06 5.44 -7.71
N THR A 54 11.90 6.01 -8.90
CA THR A 54 11.68 7.46 -8.99
C THR A 54 10.19 7.77 -9.14
N LEU A 55 9.75 8.52 -8.15
CA LEU A 55 8.32 8.68 -7.87
C LEU A 55 7.75 9.94 -8.51
N GLU A 56 6.47 9.82 -8.85
CA GLU A 56 5.62 11.00 -9.02
C GLU A 56 4.82 11.19 -7.71
N ASN A 57 4.16 12.34 -7.61
CA ASN A 57 3.54 12.73 -6.32
C ASN A 57 2.02 12.83 -6.39
N ALA A 58 1.38 11.95 -7.15
CA ALA A 58 -0.04 12.17 -7.44
C ALA A 58 -0.82 10.92 -7.91
N LYS A 59 -0.62 10.50 -9.16
CA LYS A 59 -1.58 9.59 -9.82
C LYS A 59 -1.49 8.11 -9.42
N TYR A 60 -1.13 7.80 -8.18
CA TYR A 60 -1.23 6.42 -7.67
C TYR A 60 -2.31 6.25 -6.59
N GLU A 61 -3.32 7.14 -6.48
CA GLU A 61 -4.20 7.22 -5.28
C GLU A 61 -5.03 5.95 -4.95
N THR A 62 -4.44 4.77 -5.16
CA THR A 62 -4.98 3.51 -4.64
C THR A 62 -3.74 2.66 -4.32
N VAL A 63 -3.58 2.37 -3.04
CA VAL A 63 -2.35 1.74 -2.54
C VAL A 63 -2.74 0.26 -2.37
N HIS A 64 -1.88 -0.68 -2.74
CA HIS A 64 -2.04 -2.06 -2.24
C HIS A 64 -0.72 -2.41 -1.51
N TYR A 65 -0.74 -3.01 -0.30
CA TYR A 65 0.53 -3.50 0.26
C TYR A 65 0.40 -5.03 0.33
N LEU A 66 1.51 -5.72 0.05
CA LEU A 66 1.61 -7.17 0.26
C LEU A 66 2.79 -7.60 1.14
N THR A 67 2.50 -8.13 2.33
CA THR A 67 3.54 -8.39 3.33
C THR A 67 2.98 -9.62 4.11
N PRO A 68 3.78 -10.49 4.75
CA PRO A 68 3.27 -11.52 5.65
C PRO A 68 2.43 -11.03 6.84
N GLU A 69 1.46 -11.84 7.23
CA GLU A 69 0.73 -11.59 8.48
C GLU A 69 0.87 -12.75 9.49
N ALA A 70 2.00 -13.47 9.44
CA ALA A 70 2.13 -14.73 10.21
C ALA A 70 3.06 -14.53 11.42
N GLN A 71 4.30 -14.15 11.16
CA GLN A 71 5.33 -14.13 12.23
C GLN A 71 5.16 -12.84 13.03
N THR A 72 4.80 -12.98 14.31
CA THR A 72 4.41 -11.81 15.11
C THR A 72 5.61 -10.94 15.50
N ASP A 73 5.92 -9.99 14.64
CA ASP A 73 6.91 -8.94 14.94
C ASP A 73 6.29 -7.61 14.49
N ILE A 74 6.99 -6.49 14.69
CA ILE A 74 6.54 -5.23 14.07
C ILE A 74 7.02 -5.17 12.61
N LYS A 75 6.23 -4.50 11.79
CA LYS A 75 6.49 -4.57 10.32
C LYS A 75 7.09 -3.33 9.62
N PHE A 76 6.53 -2.13 9.78
CA PHE A 76 6.78 -1.06 8.80
C PHE A 76 7.17 0.21 9.53
N PRO A 77 8.01 1.09 8.95
CA PRO A 77 8.35 2.34 9.64
C PRO A 77 7.26 3.40 9.44
N LYS A 78 7.12 4.28 10.43
CA LYS A 78 6.19 5.42 10.27
C LYS A 78 6.57 6.39 9.13
N LYS A 79 7.87 6.61 8.94
CA LYS A 79 8.34 7.52 7.88
C LYS A 79 7.88 7.13 6.47
N LEU A 80 7.77 5.83 6.18
CA LEU A 80 7.30 5.42 4.84
C LEU A 80 5.77 5.60 4.71
N ILE A 81 4.99 5.47 5.78
CA ILE A 81 3.58 5.89 5.77
C ILE A 81 3.45 7.40 5.44
N SER A 82 4.33 8.27 5.95
CA SER A 82 4.29 9.70 5.55
C SER A 82 4.64 9.91 4.07
N VAL A 83 5.62 9.16 3.54
CA VAL A 83 5.92 9.19 2.10
C VAL A 83 4.73 8.72 1.24
N LEU A 84 4.04 7.65 1.66
CA LEU A 84 2.83 7.21 0.95
C LEU A 84 1.73 8.30 0.93
N ALA A 85 1.53 9.01 2.06
CA ALA A 85 0.57 10.12 2.09
C ALA A 85 0.96 11.29 1.16
N ASP A 86 2.25 11.50 0.93
CA ASP A 86 2.70 12.67 0.13
C ASP A 86 2.46 12.58 -1.38
N SER A 87 2.06 11.41 -1.88
CA SER A 87 1.82 11.23 -3.32
C SER A 87 0.32 11.16 -3.68
N LEU A 88 -0.54 11.88 -2.96
CA LEU A 88 -1.98 11.63 -3.03
C LEU A 88 -2.76 12.94 -3.18
N LYS A 89 -3.99 12.81 -3.66
CA LYS A 89 -4.97 13.89 -3.57
C LYS A 89 -6.05 13.35 -2.59
N PRO A 90 -7.32 13.78 -2.56
CA PRO A 90 -8.25 13.40 -1.48
C PRO A 90 -8.53 11.89 -1.41
N ASN A 91 -8.55 11.19 -2.54
CA ASN A 91 -9.02 9.78 -2.55
C ASN A 91 -7.82 8.83 -2.37
N GLY A 92 -6.95 9.13 -1.42
CA GLY A 92 -5.86 8.21 -1.07
C GLY A 92 -6.42 7.13 -0.15
N SER A 93 -6.39 5.89 -0.61
CA SER A 93 -7.17 4.84 0.06
C SER A 93 -6.27 3.60 0.08
N LEU A 94 -5.77 3.30 1.27
CA LEU A 94 -4.74 2.31 1.48
C LEU A 94 -5.45 0.99 1.76
N ILE A 95 -5.07 -0.08 1.07
CA ILE A 95 -5.56 -1.42 1.43
C ILE A 95 -4.46 -2.20 2.11
N GLY A 96 -4.38 -2.00 3.41
CA GLY A 96 -3.17 -2.45 4.09
C GLY A 96 -3.22 -3.02 5.49
N LEU A 97 -3.23 -2.16 6.51
CA LEU A 97 -2.41 -2.46 7.68
C LEU A 97 -3.32 -2.67 8.92
N SER A 98 -2.70 -3.14 10.01
CA SER A 98 -3.48 -3.71 11.13
C SER A 98 -3.46 -2.83 12.39
N ASP A 99 -3.12 -3.40 13.56
CA ASP A 99 -3.56 -2.79 14.84
C ASP A 99 -2.74 -1.59 15.33
N ILE A 100 -1.40 -1.67 15.33
CA ILE A 100 -0.58 -0.46 15.64
C ILE A 100 -0.86 0.68 14.62
N TYR A 101 -1.21 0.24 13.43
CA TYR A 101 -1.37 1.16 12.31
C TYR A 101 -2.72 1.93 12.43
N LYS A 102 -3.62 1.51 13.33
CA LYS A 102 -4.84 2.29 13.60
C LYS A 102 -4.54 3.66 14.22
N VAL A 103 -3.72 3.71 15.26
CA VAL A 103 -3.26 5.00 15.81
C VAL A 103 -2.40 5.78 14.79
N ASP A 104 -1.57 5.07 14.01
CA ASP A 104 -0.87 5.73 12.91
C ASP A 104 -1.83 6.34 11.86
N ALA A 105 -2.89 5.62 11.50
CA ALA A 105 -3.92 6.17 10.59
C ALA A 105 -4.52 7.46 11.17
N LEU A 106 -4.82 7.44 12.46
CA LEU A 106 -5.41 8.60 13.14
C LEU A 106 -4.57 9.87 12.98
N ILE A 107 -3.28 9.73 13.24
CA ILE A 107 -2.39 10.90 13.34
C ILE A 107 -1.95 11.44 11.97
N ASN A 108 -1.76 10.54 11.01
CA ASN A 108 -1.59 10.93 9.60
C ASN A 108 -2.88 11.42 8.91
N GLY A 109 -4.02 11.47 9.60
CA GLY A 109 -5.27 11.88 8.92
C GLY A 109 -5.73 10.90 7.84
N PHE A 110 -5.60 9.63 8.16
CA PHE A 110 -6.25 8.55 7.42
C PHE A 110 -7.39 8.04 8.30
N GLU A 111 -8.59 8.29 7.85
CA GLU A 111 -9.76 7.96 8.67
C GLU A 111 -10.29 6.62 8.17
N ILE A 112 -10.26 5.67 9.10
CA ILE A 112 -10.36 4.26 8.78
C ILE A 112 -11.79 3.85 8.41
N ILE A 113 -11.86 2.81 7.59
CA ILE A 113 -13.15 2.27 7.15
C ILE A 113 -13.01 0.75 7.16
N ASN A 114 -13.98 0.08 7.82
CA ASN A 114 -13.95 -1.37 7.90
C ASN A 114 -15.01 -2.01 7.01
N GLU A 115 -14.63 -2.02 5.75
CA GLU A 115 -15.31 -2.81 4.71
C GLU A 115 -14.58 -4.16 4.62
N PRO A 116 -15.15 -5.22 4.04
CA PRO A 116 -14.45 -6.52 3.95
C PRO A 116 -13.05 -6.57 3.29
N ASP A 117 -12.63 -5.45 2.72
CA ASP A 117 -11.19 -5.19 2.53
C ASP A 117 -10.86 -4.02 3.46
N TYR A 118 -10.10 -4.28 4.53
CA TYR A 118 -9.94 -3.29 5.60
C TYR A 118 -8.89 -2.24 5.20
N CYS A 119 -9.32 -0.98 5.03
CA CYS A 119 -8.35 0.11 4.82
C CYS A 119 -8.79 1.45 5.41
N TRP A 120 -8.07 2.46 4.91
CA TRP A 120 -8.09 3.81 5.45
C TRP A 120 -8.12 4.74 4.25
N ILE A 121 -9.02 5.71 4.22
CA ILE A 121 -8.90 6.74 3.19
C ILE A 121 -8.56 8.05 3.90
N LYS A 122 -7.73 8.83 3.21
CA LYS A 122 -7.24 10.10 3.75
C LYS A 122 -8.33 11.18 3.57
N MET A 123 -8.53 11.94 4.64
CA MET A 123 -9.38 13.14 4.55
C MET A 123 -8.57 14.42 4.80
N TYR A 7 -10.42 4.01 -15.69
CA TYR A 7 -9.31 3.10 -15.39
C TYR A 7 -8.34 3.73 -14.40
N LYS A 8 -8.19 3.07 -13.27
CA LYS A 8 -7.48 3.63 -12.13
C LYS A 8 -5.99 3.25 -12.15
N THR A 9 -5.17 4.21 -11.77
CA THR A 9 -3.73 3.99 -11.60
C THR A 9 -3.44 3.92 -10.10
N GLY A 10 -2.89 2.80 -9.65
CA GLY A 10 -2.58 2.69 -8.22
C GLY A 10 -1.17 2.19 -7.93
N LEU A 11 -1.00 1.71 -6.70
CA LEU A 11 0.33 1.43 -6.15
C LEU A 11 0.30 0.06 -5.48
N LEU A 12 1.38 -0.69 -5.67
CA LEU A 12 1.54 -1.97 -5.01
C LEU A 12 2.88 -2.00 -4.24
N LEU A 13 2.77 -2.00 -2.92
CA LEU A 13 3.96 -2.24 -2.08
C LEU A 13 3.98 -3.71 -1.63
N ILE A 14 5.03 -4.41 -2.01
CA ILE A 14 5.16 -5.84 -1.66
C ILE A 14 6.45 -6.08 -0.88
N HIS A 15 6.38 -6.94 0.14
CA HIS A 15 7.61 -7.36 0.81
C HIS A 15 8.10 -8.65 0.10
N PRO A 16 9.37 -8.74 -0.31
CA PRO A 16 9.83 -9.85 -1.17
C PRO A 16 9.69 -11.31 -0.72
N ALA A 17 9.35 -11.58 0.53
CA ALA A 17 9.56 -12.94 1.05
C ALA A 17 8.71 -14.03 0.40
N VAL A 18 7.40 -13.83 0.30
CA VAL A 18 6.61 -14.76 -0.53
C VAL A 18 6.56 -14.27 -1.99
N THR A 19 6.63 -12.94 -2.23
CA THR A 19 6.39 -12.39 -3.56
C THR A 19 7.57 -12.52 -4.55
N THR A 20 8.72 -13.05 -4.14
CA THR A 20 9.72 -13.52 -5.14
C THR A 20 9.30 -14.88 -5.76
N THR A 21 8.27 -15.52 -5.18
CA THR A 21 7.54 -16.64 -5.79
C THR A 21 6.16 -16.09 -6.21
N PRO A 22 6.09 -15.25 -7.25
CA PRO A 22 5.02 -14.25 -7.44
C PRO A 22 3.63 -14.80 -7.81
N GLU A 23 3.17 -15.83 -7.11
CA GLU A 23 1.77 -16.28 -7.24
C GLU A 23 0.75 -15.23 -6.74
N LEU A 24 0.95 -14.70 -5.53
CA LEU A 24 0.11 -13.60 -5.04
C LEU A 24 0.28 -12.32 -5.87
N VAL A 25 1.46 -12.10 -6.44
CA VAL A 25 1.66 -10.97 -7.37
C VAL A 25 0.78 -11.12 -8.63
N GLU A 26 0.80 -12.27 -9.30
CA GLU A 26 -0.13 -12.49 -10.43
C GLU A 26 -1.61 -12.37 -10.05
N ASN A 27 -1.94 -12.84 -8.85
CA ASN A 27 -3.30 -12.72 -8.30
C ASN A 27 -3.79 -11.28 -8.08
N THR A 28 -2.99 -10.44 -7.42
CA THR A 28 -3.40 -9.03 -7.22
C THR A 28 -3.47 -8.27 -8.56
N LYS A 29 -2.57 -8.59 -9.49
CA LYS A 29 -2.71 -8.08 -10.87
C LYS A 29 -3.95 -8.62 -11.58
N ALA A 30 -4.36 -9.87 -11.33
CA ALA A 30 -5.58 -10.40 -11.98
C ALA A 30 -6.87 -9.74 -11.47
N GLN A 31 -6.98 -9.59 -10.16
CA GLN A 31 -8.06 -8.85 -9.52
C GLN A 31 -8.20 -7.42 -10.02
N ALA A 32 -7.12 -6.65 -10.02
CA ALA A 32 -7.12 -5.31 -10.63
C ALA A 32 -7.51 -5.38 -12.12
N ALA A 33 -6.95 -6.33 -12.86
CA ALA A 33 -7.12 -6.32 -14.32
C ALA A 33 -8.58 -6.54 -14.73
N SER A 34 -9.24 -7.57 -14.19
CA SER A 34 -10.58 -7.95 -14.68
C SER A 34 -11.66 -6.98 -14.18
N LYS A 35 -11.35 -6.14 -13.20
CA LYS A 35 -12.24 -5.05 -12.79
C LYS A 35 -11.98 -3.81 -13.66
N LYS A 36 -11.48 -2.75 -13.06
CA LYS A 36 -11.01 -1.58 -13.83
C LYS A 36 -9.88 -0.80 -13.15
N VAL A 37 -9.02 -1.53 -12.47
CA VAL A 37 -7.77 -0.96 -11.94
C VAL A 37 -6.52 -1.53 -12.63
N LYS A 38 -5.48 -0.70 -12.71
CA LYS A 38 -4.13 -1.20 -12.99
C LYS A 38 -3.21 -0.65 -11.91
N PHE A 39 -2.38 -1.55 -11.41
CA PHE A 39 -1.34 -1.18 -10.43
C PHE A 39 0.00 -1.00 -11.15
N VAL A 40 0.33 0.27 -11.39
CA VAL A 40 1.39 0.60 -12.36
C VAL A 40 2.78 0.85 -11.72
N ASP A 41 2.81 1.03 -10.41
CA ASP A 41 4.06 1.41 -9.71
C ASP A 41 4.39 0.36 -8.65
N GLN A 42 5.56 -0.26 -8.79
CA GLN A 42 5.88 -1.46 -8.01
C GLN A 42 7.02 -1.16 -7.06
N PHE A 43 6.73 -1.19 -5.77
CA PHE A 43 7.75 -0.81 -4.78
C PHE A 43 7.95 -1.96 -3.79
N LEU A 44 9.18 -2.45 -3.73
CA LEU A 44 9.53 -3.47 -2.73
C LEU A 44 9.96 -2.74 -1.45
N ILE A 45 9.73 -3.36 -0.30
CA ILE A 45 10.05 -2.72 0.98
C ILE A 45 11.55 -2.41 1.18
N ASN A 46 12.44 -3.31 0.75
CA ASN A 46 13.89 -3.02 0.87
C ASN A 46 14.41 -2.06 -0.21
N LYS A 47 13.83 -2.06 -1.41
CA LYS A 47 14.28 -1.15 -2.47
C LYS A 47 13.79 0.28 -2.28
N LEU A 48 12.53 0.47 -1.86
CA LEU A 48 12.01 1.82 -1.62
C LEU A 48 12.68 2.51 -0.42
N ASN A 49 12.90 1.74 0.63
CA ASN A 49 13.59 2.25 1.82
C ASN A 49 15.11 2.44 1.61
N ASP A 50 15.69 1.76 0.62
CA ASP A 50 17.09 2.04 0.24
C ASP A 50 17.19 3.30 -0.66
N GLY A 51 16.21 3.53 -1.52
CA GLY A 51 16.22 4.72 -2.38
C GLY A 51 16.24 4.43 -3.88
N SER A 52 15.95 3.20 -4.30
CA SER A 52 16.08 2.83 -5.72
C SER A 52 14.93 3.33 -6.60
N ILE A 53 13.67 3.26 -6.14
CA ILE A 53 12.54 3.47 -7.04
C ILE A 53 11.78 4.73 -6.64
N THR A 54 11.76 5.67 -7.58
CA THR A 54 10.72 6.70 -7.56
C THR A 54 10.18 6.79 -8.99
N LEU A 55 8.98 7.32 -9.17
CA LEU A 55 8.55 7.76 -10.52
C LEU A 55 7.98 9.17 -10.44
N GLU A 56 6.81 9.28 -9.82
CA GLU A 56 6.21 10.60 -9.54
C GLU A 56 5.53 10.58 -8.16
N ASN A 57 5.13 11.75 -7.68
CA ASN A 57 4.66 11.92 -6.31
C ASN A 57 3.21 12.45 -6.35
N ALA A 58 2.27 11.68 -6.92
CA ALA A 58 0.96 12.27 -7.26
C ALA A 58 -0.21 11.28 -7.39
N LYS A 59 -0.48 10.78 -8.60
CA LYS A 59 -1.78 10.18 -8.90
C LYS A 59 -1.75 8.64 -8.84
N TYR A 60 -1.51 8.08 -7.67
CA TYR A 60 -1.67 6.62 -7.46
C TYR A 60 -2.83 6.26 -6.52
N GLU A 61 -3.82 7.13 -6.32
CA GLU A 61 -4.70 7.10 -5.10
C GLU A 61 -5.55 5.81 -4.89
N THR A 62 -4.95 4.66 -5.14
CA THR A 62 -5.48 3.36 -4.69
C THR A 62 -4.26 2.49 -4.41
N VAL A 63 -4.14 2.13 -3.14
CA VAL A 63 -2.87 1.60 -2.62
C VAL A 63 -3.16 0.16 -2.12
N HIS A 64 -2.30 -0.81 -2.45
CA HIS A 64 -2.35 -2.14 -1.81
C HIS A 64 -0.98 -2.41 -1.16
N TYR A 65 -0.95 -2.92 0.09
CA TYR A 65 0.32 -3.43 0.64
C TYR A 65 0.09 -4.91 0.93
N LEU A 66 0.75 -5.76 0.14
CA LEU A 66 0.81 -7.19 0.42
C LEU A 66 2.13 -7.54 1.13
N THR A 67 2.02 -7.80 2.43
CA THR A 67 3.15 -8.41 3.16
C THR A 67 2.57 -9.73 3.72
N PRO A 68 3.13 -10.89 3.36
CA PRO A 68 2.46 -12.17 3.57
C PRO A 68 2.38 -12.63 5.04
N GLU A 69 3.35 -13.40 5.51
CA GLU A 69 3.18 -14.12 6.80
C GLU A 69 3.79 -13.41 8.02
N ALA A 70 4.79 -12.54 7.83
CA ALA A 70 5.54 -12.03 8.99
C ALA A 70 5.07 -10.62 9.38
N GLN A 71 3.81 -10.52 9.79
CA GLN A 71 3.30 -9.29 10.40
C GLN A 71 2.99 -9.58 11.87
N THR A 72 3.93 -9.25 12.75
CA THR A 72 3.66 -9.29 14.19
C THR A 72 3.97 -7.92 14.82
N ASP A 73 5.21 -7.46 14.67
CA ASP A 73 5.65 -6.26 15.43
C ASP A 73 5.40 -5.00 14.58
N ILE A 74 5.96 -3.88 15.00
CA ILE A 74 5.96 -2.66 14.16
C ILE A 74 7.12 -2.75 13.14
N LYS A 75 6.99 -3.64 12.16
CA LYS A 75 7.96 -3.64 11.03
C LYS A 75 7.62 -2.73 9.82
N PHE A 76 7.01 -1.55 10.00
CA PHE A 76 7.00 -0.56 8.91
C PHE A 76 7.46 0.75 9.56
N PRO A 77 8.15 1.65 8.86
CA PRO A 77 8.53 2.91 9.49
C PRO A 77 7.37 3.90 9.43
N LYS A 78 7.29 4.78 10.41
CA LYS A 78 6.36 5.92 10.31
C LYS A 78 6.69 6.86 9.13
N LYS A 79 7.98 7.07 8.88
CA LYS A 79 8.41 7.94 7.78
C LYS A 79 7.98 7.45 6.38
N LEU A 80 7.84 6.15 6.18
CA LEU A 80 7.33 5.67 4.88
C LEU A 80 5.81 5.86 4.78
N ILE A 81 5.06 5.82 5.88
CA ILE A 81 3.64 6.21 5.85
C ILE A 81 3.49 7.72 5.52
N SER A 82 4.42 8.58 5.97
CA SER A 82 4.36 10.00 5.55
C SER A 82 4.69 10.20 4.07
N VAL A 83 5.66 9.46 3.54
CA VAL A 83 5.94 9.50 2.08
C VAL A 83 4.79 8.90 1.26
N LEU A 84 4.15 7.83 1.73
CA LEU A 84 2.95 7.29 1.08
C LEU A 84 1.81 8.33 1.01
N ALA A 85 1.55 9.03 2.12
CA ALA A 85 0.56 10.11 2.12
C ALA A 85 0.96 11.34 1.27
N ASP A 86 2.25 11.63 1.14
CA ASP A 86 2.68 12.87 0.47
C ASP A 86 2.74 12.80 -1.06
N SER A 87 2.67 11.60 -1.60
CA SER A 87 2.35 11.43 -3.02
C SER A 87 0.87 11.76 -3.28
N LEU A 88 -0.03 11.26 -2.44
CA LEU A 88 -1.44 11.21 -2.81
C LEU A 88 -2.23 12.38 -2.23
N LYS A 89 -3.40 12.58 -2.84
CA LYS A 89 -4.21 13.79 -2.58
C LYS A 89 -5.45 13.33 -1.76
N PRO A 90 -6.40 14.21 -1.41
CA PRO A 90 -7.46 13.83 -0.46
C PRO A 90 -8.37 12.61 -0.74
N ASN A 91 -8.35 12.04 -1.95
CA ASN A 91 -9.02 10.74 -2.17
C ASN A 91 -8.01 9.58 -2.22
N GLY A 92 -6.92 9.67 -1.47
CA GLY A 92 -6.00 8.53 -1.32
C GLY A 92 -6.72 7.43 -0.57
N SER A 93 -6.50 6.17 -0.92
CA SER A 93 -7.33 5.12 -0.32
C SER A 93 -6.47 3.87 -0.15
N LEU A 94 -6.15 3.64 1.11
CA LEU A 94 -5.22 2.58 1.49
C LEU A 94 -6.01 1.29 1.72
N ILE A 95 -5.45 0.15 1.33
CA ILE A 95 -6.03 -1.12 1.78
C ILE A 95 -4.85 -1.87 2.38
N GLY A 96 -4.63 -1.64 3.66
CA GLY A 96 -3.29 -1.94 4.19
C GLY A 96 -3.15 -2.51 5.60
N LEU A 97 -3.08 -1.69 6.65
CA LEU A 97 -2.25 -2.09 7.79
C LEU A 97 -3.13 -2.31 9.06
N SER A 98 -2.54 -2.89 10.11
CA SER A 98 -3.31 -3.55 11.18
C SER A 98 -3.38 -2.70 12.48
N ASP A 99 -3.46 -3.34 13.66
CA ASP A 99 -3.88 -2.62 14.89
C ASP A 99 -2.93 -1.54 15.42
N ILE A 100 -1.61 -1.75 15.47
CA ILE A 100 -0.70 -0.61 15.78
C ILE A 100 -0.89 0.52 14.75
N TYR A 101 -1.17 0.09 13.53
CA TYR A 101 -1.29 1.02 12.43
C TYR A 101 -2.63 1.79 12.48
N LYS A 102 -3.56 1.37 13.34
CA LYS A 102 -4.82 2.12 13.58
C LYS A 102 -4.57 3.50 14.19
N VAL A 103 -3.81 3.54 15.29
CA VAL A 103 -3.40 4.83 15.87
C VAL A 103 -2.46 5.60 14.91
N ASP A 104 -1.64 4.90 14.14
CA ASP A 104 -0.86 5.57 13.10
C ASP A 104 -1.75 6.25 12.03
N ALA A 105 -2.77 5.55 11.53
CA ALA A 105 -3.73 6.16 10.60
C ALA A 105 -4.38 7.41 11.20
N LEU A 106 -4.76 7.33 12.47
CA LEU A 106 -5.41 8.47 13.16
C LEU A 106 -4.54 9.74 13.13
N ILE A 107 -3.27 9.57 13.49
CA ILE A 107 -2.39 10.73 13.71
C ILE A 107 -1.80 11.31 12.41
N ASN A 108 -1.54 10.44 11.44
CA ASN A 108 -1.11 10.86 10.12
C ASN A 108 -2.22 11.52 9.28
N GLY A 109 -3.49 11.36 9.64
CA GLY A 109 -4.55 12.03 8.86
C GLY A 109 -5.29 11.07 7.93
N PHE A 110 -5.36 9.80 8.32
CA PHE A 110 -6.09 8.79 7.54
C PHE A 110 -7.39 8.48 8.29
N GLU A 111 -8.35 7.93 7.55
CA GLU A 111 -9.69 7.67 8.10
C GLU A 111 -10.04 6.20 7.84
N ILE A 112 -10.03 5.45 8.94
CA ILE A 112 -10.21 4.01 8.91
C ILE A 112 -11.69 3.62 8.89
N ILE A 113 -12.07 3.08 7.75
CA ILE A 113 -13.38 2.44 7.64
C ILE A 113 -13.16 0.92 7.53
N ASN A 114 -13.98 0.18 8.29
CA ASN A 114 -13.77 -1.27 8.43
C ASN A 114 -14.81 -2.04 7.63
N GLU A 115 -14.34 -2.48 6.48
CA GLU A 115 -15.06 -3.46 5.67
C GLU A 115 -14.16 -4.71 5.57
N PRO A 116 -14.64 -5.86 5.02
CA PRO A 116 -13.80 -7.07 4.95
C PRO A 116 -12.43 -7.00 4.24
N ASP A 117 -12.17 -5.88 3.58
CA ASP A 117 -10.80 -5.50 3.21
C ASP A 117 -10.58 -4.15 3.93
N TYR A 118 -9.65 -4.10 4.89
CA TYR A 118 -9.63 -2.95 5.81
C TYR A 118 -8.95 -1.78 5.09
N CYS A 119 -9.51 -0.59 5.29
CA CYS A 119 -9.17 0.53 4.40
C CYS A 119 -9.07 1.99 4.87
N TRP A 120 -7.92 2.64 4.73
CA TRP A 120 -7.74 3.98 5.29
C TRP A 120 -7.68 4.99 4.15
N ILE A 121 -8.70 5.83 4.03
CA ILE A 121 -8.61 6.95 3.07
C ILE A 121 -8.21 8.22 3.84
N LYS A 122 -7.40 9.02 3.17
CA LYS A 122 -6.84 10.22 3.81
C LYS A 122 -7.74 11.44 3.58
N MET A 123 -8.40 11.91 4.63
CA MET A 123 -9.45 12.93 4.47
C MET A 123 -8.91 14.32 4.81
N TYR A 7 -10.99 4.81 -14.63
CA TYR A 7 -9.74 4.06 -14.46
C TYR A 7 -8.85 4.80 -13.48
N LYS A 8 -8.52 4.13 -12.39
CA LYS A 8 -7.51 4.63 -11.48
C LYS A 8 -6.14 4.07 -11.85
N THR A 9 -5.12 4.90 -11.73
CA THR A 9 -3.76 4.35 -11.59
C THR A 9 -3.52 4.16 -10.09
N GLY A 10 -2.86 3.07 -9.73
CA GLY A 10 -2.55 2.83 -8.32
C GLY A 10 -1.12 2.41 -8.03
N LEU A 11 -0.99 1.96 -6.79
CA LEU A 11 0.31 1.61 -6.22
C LEU A 11 0.19 0.24 -5.58
N LEU A 12 1.23 -0.58 -5.74
CA LEU A 12 1.32 -1.81 -4.98
C LEU A 12 2.68 -1.76 -4.26
N LEU A 13 2.61 -2.01 -2.96
CA LEU A 13 3.79 -1.92 -2.08
C LEU A 13 3.95 -3.30 -1.43
N ILE A 14 5.09 -3.95 -1.64
CA ILE A 14 5.19 -5.39 -1.37
C ILE A 14 6.41 -5.68 -0.49
N HIS A 15 6.27 -6.59 0.47
CA HIS A 15 7.43 -7.05 1.24
C HIS A 15 7.77 -8.48 0.78
N PRO A 16 9.03 -8.78 0.43
CA PRO A 16 9.37 -10.06 -0.22
C PRO A 16 9.12 -11.39 0.50
N ALA A 17 8.82 -11.40 1.79
CA ALA A 17 8.97 -12.65 2.56
C ALA A 17 8.02 -13.79 2.19
N VAL A 18 6.71 -13.53 2.12
CA VAL A 18 5.80 -14.52 1.54
C VAL A 18 5.66 -14.28 0.02
N THR A 19 5.79 -13.02 -0.41
CA THR A 19 5.46 -12.64 -1.79
C THR A 19 6.59 -12.86 -2.81
N THR A 20 7.76 -13.38 -2.44
CA THR A 20 8.75 -13.79 -3.46
C THR A 20 8.42 -15.13 -4.15
N THR A 21 7.25 -15.71 -3.87
CA THR A 21 6.74 -16.79 -4.71
C THR A 21 5.69 -16.11 -5.66
N PRO A 22 5.18 -16.74 -6.73
CA PRO A 22 4.35 -16.01 -7.71
C PRO A 22 2.89 -15.73 -7.32
N GLU A 23 2.36 -16.36 -6.27
CA GLU A 23 0.90 -16.42 -6.11
C GLU A 23 0.24 -15.11 -5.66
N LEU A 24 0.73 -14.46 -4.62
CA LEU A 24 0.11 -13.20 -4.16
C LEU A 24 0.35 -12.05 -5.15
N VAL A 25 1.46 -12.07 -5.88
CA VAL A 25 1.68 -11.10 -6.97
C VAL A 25 0.68 -11.32 -8.12
N GLU A 26 0.54 -12.55 -8.61
CA GLU A 26 -0.50 -12.83 -9.64
C GLU A 26 -1.93 -12.52 -9.16
N ASN A 27 -2.21 -12.79 -7.89
CA ASN A 27 -3.51 -12.47 -7.29
C ASN A 27 -3.86 -10.97 -7.29
N THR A 28 -2.96 -10.11 -6.81
CA THR A 28 -3.25 -8.66 -6.84
C THR A 28 -3.33 -8.11 -8.27
N LYS A 29 -2.47 -8.62 -9.16
CA LYS A 29 -2.61 -8.32 -10.60
C LYS A 29 -3.90 -8.90 -11.19
N ALA A 30 -4.42 -10.03 -10.71
CA ALA A 30 -5.67 -10.59 -11.24
C ALA A 30 -6.91 -9.74 -10.91
N GLN A 31 -7.03 -9.32 -9.66
CA GLN A 31 -8.08 -8.35 -9.29
C GLN A 31 -7.98 -7.06 -10.11
N ALA A 32 -6.79 -6.46 -10.10
CA ALA A 32 -6.51 -5.26 -10.91
C ALA A 32 -6.88 -5.42 -12.40
N ALA A 33 -6.59 -6.59 -12.97
CA ALA A 33 -6.70 -6.75 -14.43
C ALA A 33 -8.12 -7.06 -14.93
N SER A 34 -8.82 -8.03 -14.34
CA SER A 34 -10.26 -8.22 -14.64
C SER A 34 -11.17 -7.02 -14.30
N LYS A 35 -10.78 -6.17 -13.37
CA LYS A 35 -11.50 -4.91 -13.14
C LYS A 35 -10.98 -3.82 -14.09
N LYS A 36 -10.60 -2.68 -13.53
CA LYS A 36 -10.32 -1.47 -14.31
C LYS A 36 -9.16 -0.61 -13.75
N VAL A 37 -8.72 -0.95 -12.56
CA VAL A 37 -7.50 -0.38 -11.97
C VAL A 37 -6.33 -1.35 -12.18
N LYS A 38 -5.38 -0.99 -13.03
CA LYS A 38 -4.14 -1.77 -13.14
C LYS A 38 -3.03 -1.09 -12.32
N PHE A 39 -2.15 -1.89 -11.73
CA PHE A 39 -1.13 -1.34 -10.81
C PHE A 39 0.12 -0.91 -11.57
N VAL A 40 0.16 0.40 -11.77
CA VAL A 40 1.22 1.05 -12.57
C VAL A 40 2.60 1.01 -11.90
N ASP A 41 2.66 1.13 -10.58
CA ASP A 41 3.98 1.31 -9.93
C ASP A 41 4.24 0.21 -8.90
N GLN A 42 5.49 0.17 -8.44
CA GLN A 42 5.96 -0.97 -7.63
C GLN A 42 7.02 -0.47 -6.67
N PHE A 43 6.81 -0.74 -5.40
CA PHE A 43 7.84 -0.41 -4.41
C PHE A 43 8.02 -1.63 -3.50
N LEU A 44 9.23 -2.17 -3.46
CA LEU A 44 9.53 -3.21 -2.47
C LEU A 44 9.99 -2.51 -1.19
N ILE A 45 9.74 -3.12 -0.03
CA ILE A 45 10.07 -2.46 1.24
C ILE A 45 11.58 -2.21 1.46
N ASN A 46 12.44 -3.15 1.08
CA ASN A 46 13.89 -2.95 1.28
C ASN A 46 14.51 -2.06 0.20
N LYS A 47 13.98 -2.06 -1.03
CA LYS A 47 14.50 -1.17 -2.07
C LYS A 47 13.94 0.26 -1.99
N LEU A 48 12.76 0.47 -1.41
CA LEU A 48 12.27 1.84 -1.22
C LEU A 48 13.06 2.59 -0.14
N ASN A 49 13.40 1.91 0.95
CA ASN A 49 14.16 2.52 2.05
C ASN A 49 15.67 2.64 1.74
N ASP A 50 16.19 1.74 0.90
CA ASP A 50 17.60 1.82 0.49
C ASP A 50 17.81 2.86 -0.62
N GLY A 51 16.87 2.98 -1.57
CA GLY A 51 16.90 4.13 -2.48
C GLY A 51 16.89 3.82 -3.99
N SER A 52 16.55 2.60 -4.41
CA SER A 52 16.63 2.24 -5.83
C SER A 52 15.50 2.83 -6.70
N ILE A 53 14.32 3.05 -6.14
CA ILE A 53 13.13 3.33 -6.98
C ILE A 53 12.68 4.77 -6.71
N THR A 54 12.67 5.56 -7.76
CA THR A 54 12.11 6.91 -7.66
C THR A 54 11.03 7.07 -8.73
N LEU A 55 9.82 7.34 -8.27
CA LEU A 55 8.74 7.71 -9.18
C LEU A 55 8.19 9.08 -8.73
N GLU A 56 7.00 9.43 -9.20
CA GLU A 56 6.53 10.81 -9.07
C GLU A 56 5.57 10.98 -7.88
N ASN A 57 5.28 12.24 -7.59
CA ASN A 57 4.23 12.59 -6.62
C ASN A 57 2.89 12.74 -7.36
N ALA A 58 2.07 11.68 -7.41
CA ALA A 58 0.92 11.72 -8.31
C ALA A 58 -0.34 11.02 -7.79
N LYS A 59 -1.23 10.74 -8.74
CA LYS A 59 -2.59 10.26 -8.42
C LYS A 59 -2.65 8.72 -8.48
N TYR A 60 -1.81 8.09 -7.67
CA TYR A 60 -1.88 6.64 -7.43
C TYR A 60 -2.95 6.25 -6.40
N GLU A 61 -3.97 7.09 -6.16
CA GLU A 61 -4.86 7.01 -4.97
C GLU A 61 -5.67 5.68 -4.83
N THR A 62 -5.01 4.58 -5.16
CA THR A 62 -5.47 3.24 -4.80
C THR A 62 -4.20 2.44 -4.50
N VAL A 63 -4.10 2.05 -3.23
CA VAL A 63 -2.82 1.74 -2.60
C VAL A 63 -2.93 0.34 -1.95
N HIS A 64 -2.23 -0.63 -2.51
CA HIS A 64 -2.32 -2.03 -2.07
C HIS A 64 -1.03 -2.44 -1.36
N TYR A 65 -0.97 -2.60 -0.03
CA TYR A 65 0.26 -3.19 0.52
C TYR A 65 -0.04 -4.69 0.62
N LEU A 66 1.00 -5.46 0.30
CA LEU A 66 1.01 -6.90 0.49
C LEU A 66 2.17 -7.38 1.36
N THR A 67 1.87 -7.92 2.52
CA THR A 67 2.92 -8.22 3.51
C THR A 67 2.40 -9.46 4.27
N PRO A 68 3.24 -10.31 4.87
CA PRO A 68 2.78 -11.38 5.77
C PRO A 68 1.90 -10.94 6.95
N GLU A 69 0.75 -11.61 7.10
CA GLU A 69 -0.28 -11.15 8.06
C GLU A 69 -0.58 -12.23 9.13
N ALA A 70 0.40 -13.08 9.46
CA ALA A 70 0.12 -14.25 10.30
C ALA A 70 0.55 -13.94 11.74
N GLN A 71 1.86 -13.82 11.98
CA GLN A 71 2.34 -13.29 13.25
C GLN A 71 2.29 -11.76 13.17
N THR A 72 1.45 -11.14 13.99
CA THR A 72 1.49 -9.67 14.12
C THR A 72 2.59 -9.27 15.11
N ASP A 73 3.83 -9.27 14.62
CA ASP A 73 4.94 -8.66 15.37
C ASP A 73 5.79 -7.82 14.40
N ILE A 74 5.12 -6.99 13.60
CA ILE A 74 5.80 -6.29 12.48
C ILE A 74 5.94 -4.81 12.84
N LYS A 75 6.99 -4.17 12.33
CA LYS A 75 7.11 -2.71 12.42
C LYS A 75 7.32 -2.09 11.04
N PHE A 76 6.65 -0.97 10.83
CA PHE A 76 6.94 -0.12 9.66
C PHE A 76 7.21 1.29 10.20
N PRO A 77 8.06 2.11 9.57
CA PRO A 77 8.36 3.42 10.16
C PRO A 77 7.25 4.41 9.79
N LYS A 78 7.02 5.38 10.67
CA LYS A 78 6.05 6.44 10.37
C LYS A 78 6.46 7.30 9.15
N LYS A 79 7.75 7.56 9.00
CA LYS A 79 8.22 8.40 7.89
C LYS A 79 8.02 7.79 6.49
N LEU A 80 7.96 6.47 6.34
CA LEU A 80 7.59 5.89 5.03
C LEU A 80 6.07 6.01 4.78
N ILE A 81 5.24 5.97 5.81
CA ILE A 81 3.81 6.26 5.64
C ILE A 81 3.60 7.73 5.18
N SER A 82 4.37 8.69 5.71
CA SER A 82 4.26 10.08 5.24
C SER A 82 4.75 10.26 3.80
N VAL A 83 5.85 9.60 3.42
CA VAL A 83 6.36 9.70 2.03
C VAL A 83 5.37 9.10 1.01
N LEU A 84 4.71 7.98 1.31
CA LEU A 84 3.68 7.47 0.40
C LEU A 84 2.46 8.40 0.33
N ALA A 85 2.02 8.99 1.45
CA ALA A 85 0.95 10.00 1.40
C ALA A 85 1.34 11.28 0.63
N ASP A 86 2.62 11.65 0.63
CA ASP A 86 3.04 12.89 -0.04
C ASP A 86 3.05 12.84 -1.58
N SER A 87 2.89 11.65 -2.14
CA SER A 87 2.57 11.52 -3.56
C SER A 87 1.14 11.97 -3.88
N LEU A 88 0.20 11.72 -2.99
CA LEU A 88 -1.19 11.57 -3.41
C LEU A 88 -1.95 12.90 -3.49
N LYS A 89 -3.02 12.82 -4.27
CA LYS A 89 -4.12 13.78 -4.25
C LYS A 89 -4.95 13.44 -3.00
N PRO A 90 -4.84 14.17 -1.87
CA PRO A 90 -5.13 13.64 -0.51
C PRO A 90 -6.46 12.90 -0.18
N ASN A 91 -7.26 12.52 -1.16
CA ASN A 91 -8.31 11.49 -0.94
C ASN A 91 -7.82 10.16 -1.55
N GLY A 92 -6.62 9.77 -1.12
CA GLY A 92 -6.09 8.42 -1.37
C GLY A 92 -6.88 7.40 -0.58
N SER A 93 -6.76 6.13 -0.94
CA SER A 93 -7.57 5.11 -0.26
C SER A 93 -6.71 3.84 -0.23
N LEU A 94 -6.46 3.41 0.99
CA LEU A 94 -5.48 2.38 1.28
C LEU A 94 -6.25 1.06 1.46
N ILE A 95 -5.73 -0.05 0.96
CA ILE A 95 -6.28 -1.35 1.34
C ILE A 95 -5.09 -2.08 1.95
N GLY A 96 -4.94 -1.92 3.25
CA GLY A 96 -3.63 -2.21 3.83
C GLY A 96 -3.55 -2.83 5.22
N LEU A 97 -3.42 -2.00 6.25
CA LEU A 97 -2.63 -2.42 7.42
C LEU A 97 -3.56 -2.48 8.65
N SER A 98 -3.05 -3.04 9.75
CA SER A 98 -3.97 -3.62 10.76
C SER A 98 -3.78 -3.02 12.17
N ASP A 99 -3.35 -3.82 13.16
CA ASP A 99 -3.61 -3.46 14.58
C ASP A 99 -2.86 -2.23 15.10
N ILE A 100 -1.52 -2.27 15.17
CA ILE A 100 -0.76 -1.04 15.53
C ILE A 100 -1.03 0.11 14.53
N TYR A 101 -1.35 -0.30 13.32
CA TYR A 101 -1.44 0.62 12.21
C TYR A 101 -2.76 1.43 12.27
N LYS A 102 -3.78 0.98 13.01
CA LYS A 102 -4.97 1.81 13.30
C LYS A 102 -4.61 3.17 13.92
N VAL A 103 -3.81 3.17 15.00
CA VAL A 103 -3.31 4.43 15.57
C VAL A 103 -2.37 5.17 14.59
N ASP A 104 -1.59 4.42 13.80
CA ASP A 104 -0.78 5.03 12.73
C ASP A 104 -1.61 5.78 11.68
N ALA A 105 -2.71 5.17 11.26
CA ALA A 105 -3.67 5.82 10.37
C ALA A 105 -4.25 7.08 11.02
N LEU A 106 -4.60 7.00 12.31
CA LEU A 106 -5.17 8.15 13.03
C LEU A 106 -4.28 9.39 12.97
N ILE A 107 -2.99 9.18 13.23
CA ILE A 107 -2.06 10.30 13.40
C ILE A 107 -1.60 10.88 12.06
N ASN A 108 -1.38 10.02 11.06
CA ASN A 108 -1.12 10.50 9.69
C ASN A 108 -2.37 11.09 8.99
N GLY A 109 -3.54 11.16 9.65
CA GLY A 109 -4.75 11.62 8.96
C GLY A 109 -5.22 10.71 7.82
N PHE A 110 -5.16 9.42 8.12
CA PHE A 110 -5.79 8.35 7.34
C PHE A 110 -6.97 7.85 8.16
N GLU A 111 -8.15 8.12 7.65
CA GLU A 111 -9.37 7.86 8.42
C GLU A 111 -9.96 6.52 7.95
N ILE A 112 -9.89 5.59 8.89
CA ILE A 112 -10.06 4.16 8.62
C ILE A 112 -11.53 3.73 8.58
N ILE A 113 -11.76 2.63 7.88
CA ILE A 113 -13.10 2.01 7.86
C ILE A 113 -12.91 0.50 7.73
N ASN A 114 -13.56 -0.21 8.65
CA ASN A 114 -13.26 -1.64 8.86
C ASN A 114 -14.31 -2.55 8.22
N GLU A 115 -13.96 -3.00 7.04
CA GLU A 115 -14.89 -3.72 6.16
C GLU A 115 -14.17 -4.98 5.62
N PRO A 116 -14.83 -5.92 4.92
CA PRO A 116 -14.17 -7.15 4.45
C PRO A 116 -12.90 -7.04 3.58
N ASP A 117 -12.61 -5.84 3.11
CA ASP A 117 -11.26 -5.50 2.64
C ASP A 117 -10.85 -4.26 3.44
N TYR A 118 -9.84 -4.34 4.29
CA TYR A 118 -9.69 -3.31 5.31
C TYR A 118 -9.05 -2.07 4.68
N CYS A 119 -9.56 -0.90 5.06
CA CYS A 119 -9.24 0.31 4.28
C CYS A 119 -9.07 1.74 4.84
N TRP A 120 -7.94 2.40 4.65
CA TRP A 120 -7.74 3.75 5.23
C TRP A 120 -7.73 4.78 4.09
N ILE A 121 -8.71 5.68 4.04
CA ILE A 121 -8.60 6.80 3.08
C ILE A 121 -8.11 8.02 3.87
N LYS A 122 -7.29 8.81 3.20
CA LYS A 122 -6.77 10.04 3.81
C LYS A 122 -7.83 11.14 3.71
N MET A 123 -8.04 11.85 4.80
CA MET A 123 -8.88 13.06 4.78
C MET A 123 -8.03 14.30 5.07
N TYR A 7 -11.13 4.49 -15.22
CA TYR A 7 -9.96 3.62 -14.97
C TYR A 7 -9.14 4.27 -13.86
N LYS A 8 -8.97 3.54 -12.76
CA LYS A 8 -8.04 3.98 -11.73
C LYS A 8 -6.61 3.53 -12.05
N THR A 9 -5.66 4.41 -11.75
CA THR A 9 -4.25 3.99 -11.73
C THR A 9 -3.87 3.87 -10.24
N GLY A 10 -3.09 2.86 -9.87
CA GLY A 10 -2.74 2.71 -8.44
C GLY A 10 -1.29 2.43 -8.11
N LEU A 11 -1.16 1.84 -6.93
CA LEU A 11 0.14 1.57 -6.31
C LEU A 11 0.18 0.14 -5.77
N LEU A 12 1.31 -0.53 -5.88
CA LEU A 12 1.56 -1.71 -5.08
C LEU A 12 2.88 -1.49 -4.31
N LEU A 13 2.80 -1.81 -3.02
CA LEU A 13 3.99 -1.79 -2.13
C LEU A 13 4.21 -3.19 -1.56
N ILE A 14 5.38 -3.76 -1.83
CA ILE A 14 5.56 -5.22 -1.64
C ILE A 14 6.83 -5.58 -0.87
N HIS A 15 6.71 -6.56 0.02
CA HIS A 15 7.89 -7.12 0.70
C HIS A 15 8.18 -8.52 0.10
N PRO A 16 9.43 -8.82 -0.31
CA PRO A 16 9.74 -10.03 -1.08
C PRO A 16 9.46 -11.43 -0.50
N ALA A 17 9.17 -11.58 0.78
CA ALA A 17 9.33 -12.90 1.41
C ALA A 17 8.46 -14.03 0.85
N VAL A 18 7.15 -13.83 0.72
CA VAL A 18 6.34 -14.79 -0.05
C VAL A 18 6.31 -14.37 -1.53
N THR A 19 6.44 -13.07 -1.80
CA THR A 19 6.22 -12.53 -3.15
C THR A 19 7.39 -12.72 -4.15
N THR A 20 8.50 -13.34 -3.74
CA THR A 20 9.53 -13.74 -4.72
C THR A 20 9.10 -15.01 -5.51
N THR A 21 7.91 -15.55 -5.24
CA THR A 21 7.28 -16.49 -6.16
C THR A 21 6.24 -15.63 -6.95
N PRO A 22 5.62 -16.10 -8.04
CA PRO A 22 4.51 -15.34 -8.66
C PRO A 22 3.12 -15.34 -8.04
N GLU A 23 2.87 -15.99 -6.89
CA GLU A 23 1.47 -16.23 -6.51
C GLU A 23 0.70 -15.01 -5.99
N LEU A 24 1.25 -14.26 -5.03
CA LEU A 24 0.62 -13.01 -4.60
C LEU A 24 0.69 -11.91 -5.67
N VAL A 25 1.75 -11.90 -6.48
CA VAL A 25 1.86 -10.89 -7.54
C VAL A 25 0.81 -11.12 -8.63
N GLU A 26 0.63 -12.35 -9.10
CA GLU A 26 -0.44 -12.64 -10.07
C GLU A 26 -1.85 -12.45 -9.50
N ASN A 27 -2.04 -12.72 -8.20
CA ASN A 27 -3.33 -12.47 -7.54
C ASN A 27 -3.71 -10.99 -7.46
N THR A 28 -2.81 -10.12 -7.01
CA THR A 28 -3.14 -8.68 -6.97
C THR A 28 -3.35 -8.12 -8.40
N LYS A 29 -2.50 -8.53 -9.33
CA LYS A 29 -2.72 -8.20 -10.75
C LYS A 29 -4.00 -8.84 -11.31
N ALA A 30 -4.44 -10.00 -10.83
CA ALA A 30 -5.69 -10.60 -11.34
C ALA A 30 -6.95 -9.81 -10.92
N GLN A 31 -7.04 -9.43 -9.66
CA GLN A 31 -8.13 -8.55 -9.20
C GLN A 31 -8.17 -7.24 -10.00
N ALA A 32 -7.05 -6.54 -10.05
CA ALA A 32 -6.99 -5.30 -10.85
C ALA A 32 -7.32 -5.54 -12.33
N ALA A 33 -6.84 -6.65 -12.90
CA ALA A 33 -6.94 -6.85 -14.37
C ALA A 33 -8.40 -7.08 -14.80
N SER A 34 -9.12 -8.00 -14.16
CA SER A 34 -10.44 -8.40 -14.67
C SER A 34 -11.50 -7.31 -14.43
N LYS A 35 -11.25 -6.42 -13.45
CA LYS A 35 -12.06 -5.22 -13.27
C LYS A 35 -11.53 -4.11 -14.19
N LYS A 36 -10.99 -3.06 -13.59
CA LYS A 36 -10.66 -1.83 -14.35
C LYS A 36 -9.59 -0.96 -13.70
N VAL A 37 -8.85 -1.55 -12.77
CA VAL A 37 -7.65 -0.91 -12.20
C VAL A 37 -6.36 -1.49 -12.80
N LYS A 38 -5.29 -0.69 -12.82
CA LYS A 38 -3.95 -1.23 -13.08
C LYS A 38 -3.02 -0.75 -11.98
N PHE A 39 -2.22 -1.68 -11.48
CA PHE A 39 -1.17 -1.33 -10.51
C PHE A 39 0.15 -1.06 -11.24
N VAL A 40 0.43 0.23 -11.40
CA VAL A 40 1.48 0.71 -12.30
C VAL A 40 2.84 0.98 -11.63
N ASP A 41 2.82 1.18 -10.32
CA ASP A 41 3.98 1.71 -9.58
C ASP A 41 4.38 0.71 -8.49
N GLN A 42 5.63 0.25 -8.55
CA GLN A 42 6.06 -0.79 -7.60
C GLN A 42 7.13 -0.23 -6.68
N PHE A 43 6.83 -0.36 -5.40
CA PHE A 43 7.74 0.17 -4.37
C PHE A 43 8.03 -0.97 -3.39
N LEU A 44 9.22 -1.54 -3.53
CA LEU A 44 9.60 -2.70 -2.69
C LEU A 44 10.17 -2.17 -1.37
N ILE A 45 10.01 -2.92 -0.27
CA ILE A 45 10.38 -2.38 1.06
C ILE A 45 11.88 -2.05 1.20
N ASN A 46 12.77 -2.89 0.66
CA ASN A 46 14.20 -2.56 0.69
C ASN A 46 14.61 -1.54 -0.39
N LYS A 47 13.94 -1.50 -1.54
CA LYS A 47 14.31 -0.54 -2.59
C LYS A 47 13.75 0.87 -2.36
N LEU A 48 12.59 1.01 -1.71
CA LEU A 48 12.07 2.35 -1.41
C LEU A 48 12.82 3.02 -0.25
N ASN A 49 13.13 2.24 0.77
CA ASN A 49 13.95 2.74 1.89
C ASN A 49 15.42 3.00 1.49
N ASP A 50 15.92 2.27 0.50
CA ASP A 50 17.27 2.53 -0.03
C ASP A 50 17.28 3.70 -1.02
N GLY A 51 16.28 3.80 -1.91
CA GLY A 51 16.20 4.96 -2.81
C GLY A 51 16.41 4.70 -4.31
N SER A 52 16.35 3.44 -4.76
CA SER A 52 16.54 3.15 -6.20
C SER A 52 15.36 3.55 -7.12
N ILE A 53 14.24 3.95 -6.54
CA ILE A 53 12.98 4.13 -7.29
C ILE A 53 12.58 5.60 -7.27
N THR A 54 12.45 6.20 -8.46
CA THR A 54 12.23 7.65 -8.52
C THR A 54 10.73 7.92 -8.70
N LEU A 55 10.27 8.65 -7.70
CA LEU A 55 8.84 8.72 -7.39
C LEU A 55 8.19 9.95 -8.02
N GLU A 56 6.92 9.77 -8.32
CA GLU A 56 6.02 10.88 -8.66
C GLU A 56 4.99 11.05 -7.54
N ASN A 57 4.25 12.15 -7.59
CA ASN A 57 3.46 12.58 -6.42
C ASN A 57 1.94 12.65 -6.66
N ALA A 58 1.36 11.65 -7.31
CA ALA A 58 -0.01 11.85 -7.80
C ALA A 58 -0.89 10.63 -8.14
N LYS A 59 -0.63 9.93 -9.25
CA LYS A 59 -1.70 9.10 -9.87
C LYS A 59 -1.96 7.72 -9.27
N TYR A 60 -1.73 7.56 -7.98
CA TYR A 60 -1.75 6.22 -7.37
C TYR A 60 -2.95 6.04 -6.41
N GLU A 61 -4.03 6.82 -6.50
CA GLU A 61 -5.06 6.88 -5.43
C GLU A 61 -5.82 5.56 -5.11
N THR A 62 -5.16 4.43 -5.35
CA THR A 62 -5.66 3.12 -4.89
C THR A 62 -4.40 2.31 -4.59
N VAL A 63 -4.26 1.99 -3.33
CA VAL A 63 -2.98 1.49 -2.81
C VAL A 63 -3.22 0.07 -2.26
N HIS A 64 -2.32 -0.85 -2.60
CA HIS A 64 -2.33 -2.18 -1.96
C HIS A 64 -0.94 -2.40 -1.33
N TYR A 65 -0.88 -2.89 -0.09
CA TYR A 65 0.41 -3.40 0.41
C TYR A 65 0.29 -4.93 0.44
N LEU A 66 1.39 -5.59 0.10
CA LEU A 66 1.52 -7.04 0.27
C LEU A 66 2.73 -7.31 1.16
N THR A 67 2.48 -7.62 2.43
CA THR A 67 3.57 -8.10 3.29
C THR A 67 3.02 -9.28 4.13
N PRO A 68 3.51 -10.50 3.93
CA PRO A 68 3.19 -11.63 4.83
C PRO A 68 3.39 -11.36 6.33
N GLU A 69 2.41 -11.74 7.12
CA GLU A 69 2.37 -11.36 8.55
C GLU A 69 2.39 -12.56 9.50
N ALA A 70 3.01 -13.67 9.10
CA ALA A 70 2.88 -14.92 9.87
C ALA A 70 4.11 -15.13 10.77
N GLN A 71 5.28 -15.34 10.18
CA GLN A 71 6.45 -15.75 10.96
C GLN A 71 7.08 -14.52 11.63
N THR A 72 7.57 -13.58 10.84
CA THR A 72 8.37 -12.48 11.38
C THR A 72 7.44 -11.31 11.72
N ASP A 73 7.88 -10.42 12.61
CA ASP A 73 6.96 -9.39 13.13
C ASP A 73 6.64 -8.34 12.05
N ILE A 74 5.79 -7.37 12.39
CA ILE A 74 5.26 -6.46 11.36
C ILE A 74 6.07 -5.15 11.37
N LYS A 75 7.09 -5.10 10.52
CA LYS A 75 8.08 -4.01 10.57
C LYS A 75 7.71 -3.05 9.44
N PHE A 76 6.92 -2.04 9.76
CA PHE A 76 6.67 -0.94 8.81
C PHE A 76 6.89 0.43 9.46
N PRO A 77 8.10 0.99 9.40
CA PRO A 77 8.40 2.26 10.06
C PRO A 77 7.45 3.39 9.64
N LYS A 78 7.22 4.31 10.57
CA LYS A 78 6.26 5.41 10.32
C LYS A 78 6.66 6.34 9.14
N LYS A 79 7.95 6.58 8.96
CA LYS A 79 8.42 7.46 7.87
C LYS A 79 7.98 6.99 6.47
N LEU A 80 7.84 5.69 6.26
CA LEU A 80 7.38 5.21 4.94
C LEU A 80 5.86 5.41 4.78
N ILE A 81 5.08 5.36 5.86
CA ILE A 81 3.66 5.75 5.81
C ILE A 81 3.50 7.25 5.48
N SER A 82 4.38 8.14 5.96
CA SER A 82 4.31 9.55 5.53
C SER A 82 4.70 9.75 4.05
N VAL A 83 5.69 8.99 3.56
CA VAL A 83 6.02 9.01 2.12
C VAL A 83 4.88 8.40 1.26
N LEU A 84 4.22 7.35 1.75
CA LEU A 84 3.06 6.78 1.08
C LEU A 84 1.91 7.80 0.93
N ALA A 85 1.61 8.53 2.00
CA ALA A 85 0.58 9.58 1.94
C ALA A 85 0.94 10.77 1.04
N ASP A 86 2.22 11.09 0.90
CA ASP A 86 2.62 12.32 0.19
C ASP A 86 2.47 12.28 -1.34
N SER A 87 2.20 11.10 -1.89
CA SER A 87 2.06 10.93 -3.34
C SER A 87 0.62 10.71 -3.80
N LEU A 88 -0.34 11.29 -3.09
CA LEU A 88 -1.75 10.98 -3.30
C LEU A 88 -2.57 12.27 -3.34
N LYS A 89 -3.77 12.17 -3.88
CA LYS A 89 -4.75 13.26 -3.79
C LYS A 89 -5.83 12.88 -2.75
N PRO A 90 -6.78 13.76 -2.40
CA PRO A 90 -7.70 13.51 -1.27
C PRO A 90 -8.58 12.25 -1.30
N ASN A 91 -8.68 11.56 -2.44
CA ASN A 91 -9.33 10.23 -2.45
C ASN A 91 -8.27 9.10 -2.49
N GLY A 92 -7.26 9.21 -1.62
CA GLY A 92 -6.30 8.11 -1.46
C GLY A 92 -6.94 7.03 -0.60
N SER A 93 -6.72 5.76 -0.92
CA SER A 93 -7.38 4.71 -0.15
C SER A 93 -6.42 3.52 -0.08
N LEU A 94 -5.84 3.34 1.09
CA LEU A 94 -4.82 2.34 1.33
C LEU A 94 -5.54 1.07 1.77
N ILE A 95 -5.22 -0.04 1.14
CA ILE A 95 -5.71 -1.34 1.64
C ILE A 95 -4.57 -2.05 2.34
N GLY A 96 -4.50 -1.79 3.63
CA GLY A 96 -3.25 -2.08 4.31
C GLY A 96 -3.26 -2.60 5.75
N LEU A 97 -3.13 -1.73 6.74
CA LEU A 97 -2.33 -2.13 7.91
C LEU A 97 -3.23 -2.20 9.16
N SER A 98 -2.71 -2.75 10.25
CA SER A 98 -3.60 -3.30 11.30
C SER A 98 -3.44 -2.61 12.67
N ASP A 99 -3.02 -3.31 13.73
CA ASP A 99 -3.36 -2.87 15.09
C ASP A 99 -2.56 -1.66 15.60
N ILE A 100 -1.23 -1.68 15.58
CA ILE A 100 -0.46 -0.44 15.88
C ILE A 100 -0.79 0.69 14.85
N TYR A 101 -1.12 0.23 13.66
CA TYR A 101 -1.31 1.10 12.53
C TYR A 101 -2.67 1.85 12.59
N LYS A 102 -3.55 1.48 13.53
CA LYS A 102 -4.79 2.23 13.76
C LYS A 102 -4.51 3.65 14.26
N VAL A 103 -3.77 3.76 15.37
CA VAL A 103 -3.30 5.07 15.85
C VAL A 103 -2.35 5.75 14.84
N ASP A 104 -1.58 4.96 14.08
CA ASP A 104 -0.77 5.54 12.99
C ASP A 104 -1.64 6.18 11.89
N ALA A 105 -2.69 5.50 11.44
CA ALA A 105 -3.66 6.10 10.50
C ALA A 105 -4.24 7.41 11.03
N LEU A 106 -4.56 7.44 12.32
CA LEU A 106 -5.14 8.65 12.93
C LEU A 106 -4.18 9.86 12.89
N ILE A 107 -2.91 9.65 13.24
CA ILE A 107 -1.97 10.77 13.34
C ILE A 107 -1.42 11.20 11.96
N ASN A 108 -1.22 10.26 11.05
CA ASN A 108 -0.74 10.56 9.71
C ASN A 108 -1.77 11.26 8.80
N GLY A 109 -3.05 11.25 9.15
CA GLY A 109 -4.04 11.94 8.32
C GLY A 109 -4.88 10.97 7.48
N PHE A 110 -5.05 9.74 7.97
CA PHE A 110 -5.95 8.79 7.31
C PHE A 110 -7.18 8.70 8.21
N GLU A 111 -8.29 8.24 7.64
CA GLU A 111 -9.38 7.75 8.47
C GLU A 111 -9.55 6.29 8.09
N ILE A 112 -10.06 5.52 9.02
CA ILE A 112 -10.16 4.07 8.81
C ILE A 112 -11.61 3.72 8.49
N ILE A 113 -11.73 2.68 7.67
CA ILE A 113 -13.03 2.21 7.21
C ILE A 113 -12.97 0.68 7.19
N ASN A 114 -13.90 0.10 7.94
CA ASN A 114 -13.84 -1.33 8.21
C ASN A 114 -15.03 -2.05 7.60
N GLU A 115 -14.71 -2.64 6.46
CA GLU A 115 -15.69 -3.22 5.55
C GLU A 115 -15.13 -4.60 5.14
N PRO A 116 -15.78 -5.39 4.28
CA PRO A 116 -15.19 -6.66 3.82
C PRO A 116 -13.79 -6.63 3.16
N ASP A 117 -13.28 -5.43 2.93
CA ASP A 117 -11.85 -5.23 2.69
C ASP A 117 -11.40 -4.01 3.51
N TYR A 118 -10.54 -4.30 4.47
CA TYR A 118 -10.22 -3.32 5.52
C TYR A 118 -9.10 -2.37 5.08
N CYS A 119 -9.40 -1.07 4.94
CA CYS A 119 -8.31 -0.06 4.80
C CYS A 119 -8.65 1.31 5.40
N TRP A 120 -7.91 2.32 4.88
CA TRP A 120 -7.93 3.69 5.41
C TRP A 120 -7.95 4.60 4.18
N ILE A 121 -8.84 5.58 4.10
CA ILE A 121 -8.67 6.61 3.07
C ILE A 121 -8.18 7.91 3.76
N LYS A 122 -7.31 8.60 3.03
CA LYS A 122 -6.74 9.86 3.52
C LYS A 122 -7.66 11.04 3.15
N MET A 123 -8.30 11.63 4.15
CA MET A 123 -9.04 12.88 3.94
C MET A 123 -8.41 14.06 4.69
N TYR A 7 -10.70 4.37 -15.80
CA TYR A 7 -9.75 3.27 -15.53
C TYR A 7 -8.63 3.83 -14.64
N LYS A 8 -8.50 3.23 -13.46
CA LYS A 8 -7.69 3.86 -12.41
C LYS A 8 -6.25 3.32 -12.40
N THR A 9 -5.32 4.23 -12.14
CA THR A 9 -3.95 3.83 -11.79
C THR A 9 -3.85 3.77 -10.27
N GLY A 10 -3.11 2.79 -9.79
CA GLY A 10 -2.76 2.79 -8.36
C GLY A 10 -1.29 2.49 -8.06
N LEU A 11 -1.07 2.04 -6.84
CA LEU A 11 0.27 1.81 -6.31
C LEU A 11 0.24 0.46 -5.63
N LEU A 12 1.28 -0.34 -5.78
CA LEU A 12 1.35 -1.58 -5.03
C LEU A 12 2.68 -1.54 -4.25
N LEU A 13 2.60 -1.81 -2.95
CA LEU A 13 3.76 -1.78 -2.05
C LEU A 13 4.00 -3.23 -1.60
N ILE A 14 5.18 -3.76 -1.90
CA ILE A 14 5.43 -5.19 -1.67
C ILE A 14 6.67 -5.37 -0.78
N HIS A 15 6.62 -6.33 0.15
CA HIS A 15 7.87 -6.84 0.74
C HIS A 15 8.19 -8.16 0.00
N PRO A 16 9.42 -8.36 -0.50
CA PRO A 16 9.73 -9.49 -1.38
C PRO A 16 9.58 -10.94 -0.92
N ALA A 17 9.39 -11.21 0.36
CA ALA A 17 9.71 -12.57 0.85
C ALA A 17 8.96 -13.75 0.22
N VAL A 18 7.64 -13.70 0.12
CA VAL A 18 6.91 -14.72 -0.67
C VAL A 18 6.61 -14.21 -2.11
N THR A 19 6.43 -12.90 -2.28
CA THR A 19 6.33 -12.27 -3.61
C THR A 19 7.55 -12.28 -4.55
N THR A 20 8.70 -12.85 -4.19
CA THR A 20 9.76 -13.04 -5.19
C THR A 20 9.46 -14.21 -6.15
N THR A 21 8.45 -15.04 -5.87
CA THR A 21 7.93 -15.94 -6.91
C THR A 21 6.65 -15.25 -7.49
N PRO A 22 6.07 -15.69 -8.62
CA PRO A 22 4.98 -14.91 -9.25
C PRO A 22 3.57 -14.99 -8.63
N GLU A 23 3.35 -15.79 -7.60
CA GLU A 23 1.96 -16.20 -7.27
C GLU A 23 1.12 -15.08 -6.63
N LEU A 24 1.62 -14.43 -5.57
CA LEU A 24 0.87 -13.33 -4.95
C LEU A 24 0.77 -12.08 -5.86
N VAL A 25 1.81 -11.84 -6.66
CA VAL A 25 1.78 -10.73 -7.63
C VAL A 25 0.74 -11.02 -8.73
N GLU A 26 0.73 -12.21 -9.33
CA GLU A 26 -0.28 -12.55 -10.34
C GLU A 26 -1.73 -12.49 -9.82
N ASN A 27 -1.97 -12.88 -8.56
CA ASN A 27 -3.33 -12.79 -7.99
C ASN A 27 -3.79 -11.34 -7.79
N THR A 28 -2.91 -10.53 -7.22
CA THR A 28 -3.17 -9.10 -7.08
C THR A 28 -3.40 -8.42 -8.44
N LYS A 29 -2.54 -8.72 -9.41
CA LYS A 29 -2.78 -8.32 -10.80
C LYS A 29 -4.07 -8.92 -11.39
N ALA A 30 -4.51 -10.11 -10.95
CA ALA A 30 -5.76 -10.67 -11.50
C ALA A 30 -7.02 -9.90 -11.07
N GLN A 31 -7.11 -9.53 -9.80
CA GLN A 31 -8.19 -8.63 -9.35
C GLN A 31 -8.14 -7.28 -10.09
N ALA A 32 -6.97 -6.63 -10.04
CA ALA A 32 -6.75 -5.38 -10.78
C ALA A 32 -7.12 -5.48 -12.29
N ALA A 33 -6.86 -6.62 -12.91
CA ALA A 33 -6.97 -6.74 -14.38
C ALA A 33 -8.39 -7.06 -14.89
N SER A 34 -9.09 -8.05 -14.30
CA SER A 34 -10.51 -8.25 -14.63
C SER A 34 -11.41 -7.02 -14.38
N LYS A 35 -11.12 -6.22 -13.36
CA LYS A 35 -12.05 -5.16 -12.94
C LYS A 35 -11.76 -3.93 -13.80
N LYS A 36 -11.27 -2.88 -13.16
CA LYS A 36 -11.14 -1.55 -13.80
C LYS A 36 -9.81 -0.86 -13.45
N VAL A 37 -9.12 -1.38 -12.45
CA VAL A 37 -7.95 -0.69 -11.88
C VAL A 37 -6.71 -1.55 -12.09
N LYS A 38 -5.80 -1.12 -12.95
CA LYS A 38 -4.49 -1.79 -13.03
C LYS A 38 -3.47 -0.99 -12.22
N PHE A 39 -2.62 -1.72 -11.52
CA PHE A 39 -1.59 -1.09 -10.69
C PHE A 39 -0.36 -0.90 -11.59
N VAL A 40 0.29 0.26 -11.43
CA VAL A 40 1.21 0.76 -12.47
C VAL A 40 2.65 0.92 -11.99
N ASP A 41 2.84 1.22 -10.70
CA ASP A 41 4.18 1.40 -10.16
C ASP A 41 4.40 0.39 -9.03
N GLN A 42 5.66 0.33 -8.60
CA GLN A 42 6.07 -0.74 -7.69
C GLN A 42 7.09 -0.18 -6.72
N PHE A 43 6.79 -0.35 -5.44
CA PHE A 43 7.74 0.06 -4.41
C PHE A 43 8.02 -1.13 -3.48
N LEU A 44 9.26 -1.61 -3.51
CA LEU A 44 9.67 -2.69 -2.60
C LEU A 44 10.14 -2.08 -1.27
N ILE A 45 9.97 -2.80 -0.17
CA ILE A 45 10.33 -2.25 1.15
C ILE A 45 11.83 -1.96 1.29
N ASN A 46 12.71 -2.80 0.78
CA ASN A 46 14.16 -2.51 0.85
C ASN A 46 14.63 -1.52 -0.23
N LYS A 47 13.99 -1.48 -1.40
CA LYS A 47 14.38 -0.53 -2.45
C LYS A 47 13.83 0.88 -2.22
N LEU A 48 12.65 1.03 -1.62
CA LEU A 48 12.14 2.38 -1.34
C LEU A 48 12.86 3.06 -0.17
N ASN A 49 13.14 2.28 0.85
CA ASN A 49 13.90 2.77 2.00
C ASN A 49 15.39 3.03 1.67
N ASP A 50 15.91 2.32 0.67
CA ASP A 50 17.30 2.57 0.22
C ASP A 50 17.37 3.73 -0.79
N GLY A 51 16.45 3.81 -1.75
CA GLY A 51 16.36 5.02 -2.59
C GLY A 51 16.40 4.84 -4.11
N SER A 52 16.20 3.64 -4.65
CA SER A 52 16.31 3.44 -6.11
C SER A 52 15.11 3.96 -6.94
N ILE A 53 13.97 4.15 -6.30
CA ILE A 53 12.70 4.38 -7.00
C ILE A 53 12.18 5.79 -6.72
N THR A 54 12.00 6.57 -7.77
CA THR A 54 11.57 7.95 -7.54
C THR A 54 10.06 8.11 -7.73
N LEU A 55 9.64 9.19 -7.10
CA LEU A 55 8.25 9.42 -6.69
C LEU A 55 7.61 10.55 -7.50
N GLU A 56 6.53 10.28 -8.22
CA GLU A 56 5.68 11.39 -8.66
C GLU A 56 4.49 11.49 -7.69
N ASN A 57 3.75 12.58 -7.80
CA ASN A 57 2.90 13.02 -6.66
C ASN A 57 1.38 13.11 -6.88
N ALA A 58 0.72 12.07 -7.37
CA ALA A 58 -0.68 12.26 -7.76
C ALA A 58 -1.56 11.00 -7.88
N LYS A 59 -1.56 10.34 -9.03
CA LYS A 59 -2.68 9.44 -9.38
C LYS A 59 -2.37 7.96 -9.13
N TYR A 60 -2.04 7.66 -7.89
CA TYR A 60 -1.95 6.26 -7.46
C TYR A 60 -3.05 5.90 -6.43
N GLU A 61 -4.16 6.64 -6.35
CA GLU A 61 -5.07 6.61 -5.16
C GLU A 61 -5.76 5.25 -4.81
N THR A 62 -5.07 4.15 -5.09
CA THR A 62 -5.37 2.85 -4.48
C THR A 62 -4.06 2.18 -4.10
N VAL A 63 -3.90 2.01 -2.80
CA VAL A 63 -2.59 1.71 -2.23
C VAL A 63 -2.70 0.32 -1.59
N HIS A 64 -2.19 -0.68 -2.27
CA HIS A 64 -2.26 -2.07 -1.74
C HIS A 64 -0.93 -2.43 -1.06
N TYR A 65 -0.98 -3.02 0.15
CA TYR A 65 0.26 -3.49 0.79
C TYR A 65 0.21 -5.02 0.91
N LEU A 66 1.07 -5.66 0.13
CA LEU A 66 1.32 -7.08 0.25
C LEU A 66 2.59 -7.34 1.06
N THR A 67 2.45 -7.72 2.34
CA THR A 67 3.63 -8.20 3.09
C THR A 67 3.31 -9.61 3.59
N PRO A 68 3.70 -10.67 2.88
CA PRO A 68 3.62 -12.04 3.40
C PRO A 68 4.77 -12.40 4.35
N GLU A 69 4.56 -12.22 5.64
CA GLU A 69 5.51 -12.74 6.64
C GLU A 69 4.85 -13.77 7.59
N ALA A 70 3.55 -13.62 7.86
CA ALA A 70 2.82 -14.67 8.58
C ALA A 70 1.33 -14.52 8.23
N GLN A 71 0.60 -13.73 9.00
CA GLN A 71 -0.77 -13.37 8.61
C GLN A 71 -0.86 -11.86 8.28
N THR A 72 -0.49 -11.01 9.23
CA THR A 72 -0.74 -9.57 9.10
C THR A 72 0.52 -8.81 8.63
N ASP A 73 0.34 -7.51 8.40
CA ASP A 73 1.49 -6.62 8.16
C ASP A 73 2.05 -6.22 9.53
N ILE A 74 3.14 -6.88 9.95
CA ILE A 74 3.89 -6.44 11.14
C ILE A 74 4.48 -5.02 11.01
N LYS A 75 5.60 -4.75 11.71
CA LYS A 75 5.96 -3.35 11.98
C LYS A 75 6.61 -2.63 10.79
N PHE A 76 6.19 -1.38 10.65
CA PHE A 76 6.53 -0.58 9.46
C PHE A 76 7.06 0.77 9.95
N PRO A 77 7.97 1.46 9.24
CA PRO A 77 8.49 2.71 9.76
C PRO A 77 7.53 3.86 9.46
N LYS A 78 7.52 4.86 10.34
CA LYS A 78 6.64 6.03 10.13
C LYS A 78 6.96 6.84 8.85
N LYS A 79 8.25 7.02 8.57
CA LYS A 79 8.68 7.79 7.39
C LYS A 79 8.14 7.23 6.06
N LEU A 80 7.97 5.91 5.96
CA LEU A 80 7.41 5.35 4.71
C LEU A 80 5.89 5.55 4.63
N ILE A 81 5.17 5.59 5.75
CA ILE A 81 3.76 6.01 5.75
C ILE A 81 3.60 7.49 5.32
N SER A 82 4.53 8.39 5.66
CA SER A 82 4.44 9.77 5.13
C SER A 82 4.75 9.85 3.62
N VAL A 83 5.70 9.05 3.13
CA VAL A 83 5.95 8.96 1.68
C VAL A 83 4.76 8.33 0.94
N LEU A 84 4.13 7.30 1.52
CA LEU A 84 2.92 6.71 0.95
C LEU A 84 1.77 7.73 0.83
N ALA A 85 1.53 8.51 1.89
CA ALA A 85 0.49 9.55 1.86
C ALA A 85 0.76 10.71 0.88
N ASP A 86 2.03 11.03 0.64
CA ASP A 86 2.37 12.29 -0.06
C ASP A 86 1.93 12.37 -1.53
N SER A 87 1.95 11.23 -2.19
CA SER A 87 1.68 11.16 -3.64
C SER A 87 0.21 10.90 -4.00
N LEU A 88 -0.71 11.41 -3.19
CA LEU A 88 -2.10 10.98 -3.28
C LEU A 88 -3.06 12.18 -3.26
N LYS A 89 -4.34 11.85 -3.44
CA LYS A 89 -5.38 12.86 -3.65
C LYS A 89 -6.34 12.76 -2.44
N PRO A 90 -7.34 13.64 -2.32
CA PRO A 90 -8.41 13.48 -1.32
C PRO A 90 -9.16 12.14 -1.24
N ASN A 91 -9.26 11.35 -2.32
CA ASN A 91 -9.79 9.97 -2.20
C ASN A 91 -8.64 8.95 -2.22
N GLY A 92 -7.62 9.16 -1.39
CA GLY A 92 -6.56 8.16 -1.24
C GLY A 92 -7.08 6.98 -0.42
N SER A 93 -6.69 5.76 -0.75
CA SER A 93 -7.29 4.62 -0.05
C SER A 93 -6.20 3.56 0.12
N LEU A 94 -5.73 3.44 1.35
CA LEU A 94 -4.67 2.50 1.73
C LEU A 94 -5.44 1.23 2.10
N ILE A 95 -5.07 0.08 1.56
CA ILE A 95 -5.63 -1.21 2.00
C ILE A 95 -4.55 -2.02 2.68
N GLY A 96 -4.50 -1.84 3.98
CA GLY A 96 -3.37 -2.44 4.71
C GLY A 96 -3.57 -2.99 6.12
N LEU A 97 -3.43 -2.10 7.10
CA LEU A 97 -2.69 -2.47 8.31
C LEU A 97 -3.66 -2.45 9.51
N SER A 98 -3.23 -2.97 10.66
CA SER A 98 -4.18 -3.46 11.67
C SER A 98 -4.27 -2.56 12.91
N ASP A 99 -4.20 -3.12 14.12
CA ASP A 99 -4.73 -2.41 15.30
C ASP A 99 -3.81 -1.33 15.89
N ILE A 100 -2.53 -1.62 16.14
CA ILE A 100 -1.59 -0.53 16.47
C ILE A 100 -1.50 0.54 15.35
N TYR A 101 -1.71 0.06 14.15
CA TYR A 101 -1.62 0.90 12.96
C TYR A 101 -2.88 1.80 12.83
N LYS A 102 -3.96 1.51 13.56
CA LYS A 102 -5.08 2.46 13.74
C LYS A 102 -4.63 3.79 14.36
N VAL A 103 -3.89 3.74 15.47
CA VAL A 103 -3.35 4.97 16.07
C VAL A 103 -2.33 5.66 15.13
N ASP A 104 -1.55 4.85 14.42
CA ASP A 104 -0.69 5.38 13.33
C ASP A 104 -1.49 6.07 12.22
N ALA A 105 -2.59 5.45 11.78
CA ALA A 105 -3.47 6.06 10.78
C ALA A 105 -4.05 7.40 11.26
N LEU A 106 -4.49 7.42 12.52
CA LEU A 106 -5.06 8.62 13.12
C LEU A 106 -4.08 9.81 13.11
N ILE A 107 -2.84 9.58 13.53
CA ILE A 107 -1.88 10.70 13.65
C ILE A 107 -1.33 11.13 12.28
N ASN A 108 -1.13 10.21 11.34
CA ASN A 108 -0.64 10.59 10.00
C ASN A 108 -1.68 11.32 9.14
N GLY A 109 -2.98 11.19 9.45
CA GLY A 109 -4.00 11.85 8.63
C GLY A 109 -4.74 10.88 7.70
N PHE A 110 -4.93 9.64 8.16
CA PHE A 110 -5.84 8.72 7.45
C PHE A 110 -7.10 8.57 8.30
N GLU A 111 -8.17 8.13 7.64
CA GLU A 111 -9.47 7.96 8.31
C GLU A 111 -9.90 6.50 8.10
N ILE A 112 -9.81 5.72 9.18
CA ILE A 112 -9.96 4.27 9.08
C ILE A 112 -11.42 3.86 8.91
N ILE A 113 -11.61 2.80 8.13
CA ILE A 113 -12.95 2.36 7.74
C ILE A 113 -12.92 0.86 7.45
N ASN A 114 -13.85 0.17 8.08
CA ASN A 114 -13.92 -1.29 7.95
C ASN A 114 -14.95 -1.65 6.87
N GLU A 115 -14.40 -1.95 5.71
CA GLU A 115 -15.17 -2.55 4.61
C GLU A 115 -14.73 -4.01 4.45
N PRO A 116 -15.36 -4.84 3.59
CA PRO A 116 -14.98 -6.26 3.48
C PRO A 116 -13.51 -6.62 3.18
N ASP A 117 -12.73 -5.64 2.76
CA ASP A 117 -11.27 -5.67 2.97
C ASP A 117 -10.94 -4.31 3.57
N TYR A 118 -10.48 -4.31 4.82
CA TYR A 118 -10.45 -3.07 5.60
C TYR A 118 -9.19 -2.26 5.28
N CYS A 119 -9.38 -0.94 5.17
CA CYS A 119 -8.25 0.01 5.09
C CYS A 119 -8.59 1.36 5.73
N TRP A 120 -7.86 2.36 5.22
CA TRP A 120 -7.91 3.72 5.74
C TRP A 120 -7.93 4.61 4.49
N ILE A 121 -8.84 5.56 4.41
CA ILE A 121 -8.78 6.53 3.31
C ILE A 121 -8.42 7.89 3.91
N LYS A 122 -7.64 8.63 3.13
CA LYS A 122 -7.10 9.91 3.62
C LYS A 122 -8.19 10.99 3.50
N MET A 123 -8.32 11.77 4.56
CA MET A 123 -9.17 12.97 4.53
C MET A 123 -8.31 14.23 4.71
N TYR A 7 -10.57 4.71 -15.60
CA TYR A 7 -9.57 3.73 -15.18
C TYR A 7 -8.87 4.27 -13.93
N LYS A 8 -8.27 3.39 -13.13
CA LYS A 8 -7.42 3.85 -12.05
C LYS A 8 -5.94 3.51 -12.29
N THR A 9 -5.13 4.47 -11.88
CA THR A 9 -3.68 4.27 -11.73
C THR A 9 -3.44 4.18 -10.22
N GLY A 10 -2.88 3.06 -9.80
CA GLY A 10 -2.62 2.89 -8.36
C GLY A 10 -1.23 2.40 -7.99
N LEU A 11 -1.14 1.88 -6.76
CA LEU A 11 0.16 1.65 -6.13
C LEU A 11 0.14 0.27 -5.48
N LEU A 12 1.25 -0.46 -5.61
CA LEU A 12 1.42 -1.66 -4.84
C LEU A 12 2.75 -1.56 -4.07
N LEU A 13 2.66 -1.92 -2.79
CA LEU A 13 3.86 -2.09 -1.96
C LEU A 13 4.00 -3.57 -1.60
N ILE A 14 5.12 -4.16 -1.99
CA ILE A 14 5.32 -5.60 -1.79
C ILE A 14 6.51 -5.82 -0.84
N HIS A 15 6.43 -6.79 0.07
CA HIS A 15 7.64 -7.27 0.74
C HIS A 15 8.10 -8.55 0.01
N PRO A 16 9.37 -8.68 -0.40
CA PRO A 16 9.81 -9.79 -1.27
C PRO A 16 9.71 -11.25 -0.79
N ALA A 17 9.44 -11.49 0.49
CA ALA A 17 9.73 -12.83 1.04
C ALA A 17 8.87 -13.97 0.50
N VAL A 18 7.55 -13.83 0.47
CA VAL A 18 6.71 -14.81 -0.24
C VAL A 18 6.62 -14.45 -1.74
N THR A 19 6.69 -13.16 -2.08
CA THR A 19 6.41 -12.71 -3.46
C THR A 19 7.56 -12.85 -4.46
N THR A 20 8.73 -13.37 -4.08
CA THR A 20 9.71 -13.81 -5.09
C THR A 20 9.30 -15.17 -5.71
N THR A 21 8.26 -15.78 -5.17
CA THR A 21 7.52 -16.87 -5.82
C THR A 21 6.11 -16.32 -6.15
N PRO A 22 6.00 -15.40 -7.12
CA PRO A 22 4.91 -14.42 -7.21
C PRO A 22 3.52 -14.98 -7.58
N GLU A 23 2.97 -15.91 -6.79
CA GLU A 23 1.57 -16.30 -6.97
C GLU A 23 0.61 -15.22 -6.46
N LEU A 24 0.79 -14.72 -5.23
CA LEU A 24 -0.06 -13.62 -4.73
C LEU A 24 0.12 -12.32 -5.53
N VAL A 25 1.30 -12.09 -6.10
CA VAL A 25 1.50 -10.95 -7.02
C VAL A 25 0.64 -11.10 -8.29
N GLU A 26 0.68 -12.24 -8.96
CA GLU A 26 -0.23 -12.46 -10.11
C GLU A 26 -1.73 -12.38 -9.74
N ASN A 27 -2.08 -12.86 -8.55
CA ASN A 27 -3.45 -12.75 -8.03
C ASN A 27 -3.92 -11.30 -7.82
N THR A 28 -3.15 -10.46 -7.13
CA THR A 28 -3.58 -9.05 -6.95
C THR A 28 -3.65 -8.30 -8.30
N LYS A 29 -2.71 -8.58 -9.20
CA LYS A 29 -2.82 -8.09 -10.57
C LYS A 29 -4.05 -8.66 -11.30
N ALA A 30 -4.45 -9.91 -11.05
CA ALA A 30 -5.62 -10.46 -11.74
C ALA A 30 -6.95 -9.82 -11.31
N GLN A 31 -7.14 -9.63 -10.01
CA GLN A 31 -8.32 -8.91 -9.51
C GLN A 31 -8.37 -7.48 -10.05
N ALA A 32 -7.29 -6.73 -9.87
CA ALA A 32 -7.23 -5.34 -10.39
C ALA A 32 -7.47 -5.27 -11.90
N ALA A 33 -6.91 -6.22 -12.66
CA ALA A 33 -6.91 -6.10 -14.12
C ALA A 33 -8.22 -6.50 -14.80
N SER A 34 -8.83 -7.64 -14.43
CA SER A 34 -10.20 -7.95 -14.88
C SER A 34 -11.29 -6.92 -14.51
N LYS A 35 -11.05 -6.08 -13.52
CA LYS A 35 -11.93 -4.95 -13.25
C LYS A 35 -11.51 -3.75 -14.11
N LYS A 36 -10.86 -2.79 -13.49
CA LYS A 36 -10.59 -1.49 -14.16
C LYS A 36 -9.30 -0.80 -13.65
N VAL A 37 -8.48 -1.56 -12.96
CA VAL A 37 -7.35 -1.00 -12.22
C VAL A 37 -6.03 -1.68 -12.63
N LYS A 38 -5.14 -0.98 -13.31
CA LYS A 38 -3.76 -1.49 -13.43
C LYS A 38 -2.92 -0.75 -12.39
N PHE A 39 -2.09 -1.50 -11.69
CA PHE A 39 -1.13 -0.88 -10.75
C PHE A 39 0.14 -0.60 -11.55
N VAL A 40 0.75 0.56 -11.29
CA VAL A 40 1.75 1.11 -12.23
C VAL A 40 3.12 1.38 -11.58
N ASP A 41 3.14 1.62 -10.28
CA ASP A 41 4.37 1.94 -9.55
C ASP A 41 4.55 0.90 -8.45
N GLN A 42 5.69 0.21 -8.53
CA GLN A 42 5.90 -0.99 -7.70
C GLN A 42 7.02 -0.68 -6.73
N PHE A 43 6.66 -0.73 -5.45
CA PHE A 43 7.61 -0.33 -4.42
C PHE A 43 7.82 -1.51 -3.47
N LEU A 44 8.97 -2.13 -3.58
CA LEU A 44 9.34 -3.21 -2.68
C LEU A 44 9.95 -2.57 -1.44
N ILE A 45 9.80 -3.23 -0.29
CA ILE A 45 10.18 -2.59 0.99
C ILE A 45 11.69 -2.29 1.09
N ASN A 46 12.54 -3.18 0.61
CA ASN A 46 13.99 -2.90 0.58
C ASN A 46 14.39 -1.94 -0.56
N LYS A 47 13.68 -1.96 -1.70
CA LYS A 47 14.05 -1.10 -2.83
C LYS A 47 13.56 0.36 -2.68
N LEU A 48 12.41 0.59 -2.04
CA LEU A 48 11.99 1.99 -1.79
C LEU A 48 12.84 2.68 -0.72
N ASN A 49 13.18 1.92 0.33
CA ASN A 49 14.07 2.46 1.38
C ASN A 49 15.54 2.57 0.91
N ASP A 50 15.93 1.87 -0.15
CA ASP A 50 17.27 2.08 -0.74
C ASP A 50 17.27 3.21 -1.78
N GLY A 51 16.22 3.34 -2.60
CA GLY A 51 16.18 4.41 -3.61
C GLY A 51 16.20 3.96 -5.07
N SER A 52 15.92 2.69 -5.35
CA SER A 52 16.10 2.15 -6.71
C SER A 52 14.98 2.47 -7.73
N ILE A 53 13.91 3.14 -7.30
CA ILE A 53 12.67 3.17 -8.09
C ILE A 53 12.40 4.60 -8.57
N THR A 54 11.43 4.76 -9.48
CA THR A 54 10.99 6.13 -9.77
C THR A 54 9.68 6.43 -9.01
N LEU A 55 9.46 7.72 -8.84
CA LEU A 55 8.33 8.20 -8.04
C LEU A 55 7.53 9.27 -8.78
N GLU A 56 6.23 9.31 -8.47
CA GLU A 56 5.44 10.53 -8.76
C GLU A 56 4.63 10.87 -7.50
N ASN A 57 4.01 12.06 -7.49
CA ASN A 57 3.40 12.56 -6.24
C ASN A 57 1.89 12.84 -6.37
N ALA A 58 1.09 11.93 -6.94
CA ALA A 58 -0.30 12.29 -7.25
C ALA A 58 -1.27 11.12 -7.46
N LYS A 59 -1.31 10.53 -8.66
CA LYS A 59 -2.45 9.69 -9.06
C LYS A 59 -2.15 8.21 -8.90
N TYR A 60 -1.92 7.80 -7.67
CA TYR A 60 -1.89 6.36 -7.34
C TYR A 60 -3.08 5.94 -6.44
N GLU A 61 -4.19 6.68 -6.39
CA GLU A 61 -5.15 6.62 -5.25
C GLU A 61 -5.85 5.26 -4.95
N THR A 62 -5.16 4.17 -5.24
CA THR A 62 -5.51 2.84 -4.70
C THR A 62 -4.21 2.18 -4.25
N VAL A 63 -4.14 1.96 -2.95
CA VAL A 63 -2.86 1.64 -2.31
C VAL A 63 -2.98 0.21 -1.76
N HIS A 64 -2.26 -0.71 -2.36
CA HIS A 64 -2.29 -2.11 -1.89
C HIS A 64 -0.97 -2.39 -1.17
N TYR A 65 -0.97 -3.02 0.01
CA TYR A 65 0.29 -3.63 0.50
C TYR A 65 0.07 -5.15 0.50
N LEU A 66 1.12 -5.86 0.13
CA LEU A 66 1.19 -7.32 0.27
C LEU A 66 2.40 -7.63 1.15
N THR A 67 2.17 -7.99 2.40
CA THR A 67 3.26 -8.51 3.24
C THR A 67 2.70 -9.61 4.15
N PRO A 68 3.20 -10.85 4.09
CA PRO A 68 2.87 -11.89 5.08
C PRO A 68 3.14 -11.46 6.53
N GLU A 69 2.14 -11.62 7.40
CA GLU A 69 2.24 -11.05 8.76
C GLU A 69 2.55 -12.11 9.83
N ALA A 70 3.28 -13.18 9.48
CA ALA A 70 3.44 -14.32 10.39
C ALA A 70 4.87 -14.44 10.93
N GLN A 71 5.86 -14.47 10.03
CA GLN A 71 7.24 -14.81 10.45
C GLN A 71 7.97 -13.62 11.10
N THR A 72 7.93 -12.44 10.47
CA THR A 72 8.42 -11.22 11.14
C THR A 72 7.50 -10.78 12.29
N ASP A 73 8.10 -10.18 13.32
CA ASP A 73 7.30 -9.53 14.37
C ASP A 73 6.93 -8.13 13.86
N ILE A 74 7.51 -7.05 14.40
CA ILE A 74 7.01 -5.70 14.07
C ILE A 74 7.73 -5.21 12.80
N LYS A 75 7.01 -4.39 12.05
CA LYS A 75 7.46 -4.10 10.66
C LYS A 75 7.64 -2.60 10.26
N PHE A 76 6.63 -1.99 9.60
CA PHE A 76 6.88 -0.83 8.72
C PHE A 76 7.15 0.45 9.53
N PRO A 77 7.96 1.38 9.01
CA PRO A 77 8.22 2.63 9.73
C PRO A 77 7.11 3.65 9.50
N LYS A 78 6.89 4.52 10.50
CA LYS A 78 5.95 5.63 10.30
C LYS A 78 6.38 6.63 9.21
N LYS A 79 7.69 6.85 9.05
CA LYS A 79 8.19 7.81 8.03
C LYS A 79 7.90 7.38 6.59
N LEU A 80 7.83 6.09 6.30
CA LEU A 80 7.47 5.65 4.94
C LEU A 80 5.95 5.78 4.70
N ILE A 81 5.10 5.65 5.73
CA ILE A 81 3.69 6.05 5.60
C ILE A 81 3.57 7.57 5.31
N SER A 82 4.42 8.44 5.88
CA SER A 82 4.38 9.87 5.48
C SER A 82 4.76 10.08 4.01
N VAL A 83 5.77 9.36 3.52
CA VAL A 83 6.12 9.41 2.09
C VAL A 83 4.95 8.97 1.17
N LEU A 84 4.25 7.89 1.52
CA LEU A 84 3.04 7.50 0.76
C LEU A 84 1.93 8.56 0.82
N ALA A 85 1.74 9.21 1.97
CA ALA A 85 0.78 10.31 2.06
C ALA A 85 1.14 11.50 1.14
N ASP A 86 2.43 11.72 0.88
CA ASP A 86 2.85 12.85 0.02
C ASP A 86 2.53 12.72 -1.48
N SER A 87 2.12 11.53 -1.91
CA SER A 87 1.72 11.30 -3.31
C SER A 87 0.20 11.20 -3.53
N LEU A 88 -0.61 11.56 -2.53
CA LEU A 88 -2.02 11.21 -2.54
C LEU A 88 -2.87 12.44 -2.14
N LYS A 89 -3.47 13.11 -3.12
CA LYS A 89 -4.45 14.16 -2.81
C LYS A 89 -5.79 13.50 -2.33
N PRO A 90 -6.97 14.14 -2.34
CA PRO A 90 -8.08 13.74 -1.44
C PRO A 90 -8.59 12.29 -1.42
N ASN A 91 -8.75 11.59 -2.54
CA ASN A 91 -9.44 10.28 -2.49
C ASN A 91 -8.42 9.12 -2.56
N GLY A 92 -7.34 9.25 -1.81
CA GLY A 92 -6.44 8.10 -1.57
C GLY A 92 -7.16 7.07 -0.74
N SER A 93 -7.00 5.78 -1.02
CA SER A 93 -7.47 4.82 -0.02
C SER A 93 -6.43 3.71 0.05
N LEU A 94 -6.49 3.07 1.20
CA LEU A 94 -5.38 2.25 1.66
C LEU A 94 -5.85 0.85 2.06
N ILE A 95 -5.58 -0.19 1.28
CA ILE A 95 -6.20 -1.49 1.57
C ILE A 95 -5.05 -2.32 2.14
N GLY A 96 -4.80 -2.11 3.43
CA GLY A 96 -3.45 -2.41 3.91
C GLY A 96 -3.23 -2.99 5.30
N LEU A 97 -3.22 -2.13 6.32
CA LEU A 97 -2.38 -2.39 7.50
C LEU A 97 -3.28 -2.56 8.74
N SER A 98 -2.70 -3.00 9.85
CA SER A 98 -3.50 -3.66 10.90
C SER A 98 -3.64 -2.80 12.18
N ASP A 99 -3.50 -3.41 13.37
CA ASP A 99 -4.02 -2.80 14.60
C ASP A 99 -3.19 -1.65 15.18
N ILE A 100 -1.86 -1.78 15.31
CA ILE A 100 -1.03 -0.62 15.69
C ILE A 100 -1.14 0.52 14.64
N TYR A 101 -1.38 0.08 13.41
CA TYR A 101 -1.35 0.98 12.28
C TYR A 101 -2.64 1.85 12.24
N LYS A 102 -3.69 1.44 12.97
CA LYS A 102 -4.88 2.30 13.21
C LYS A 102 -4.52 3.63 13.87
N VAL A 103 -3.78 3.62 14.98
CA VAL A 103 -3.35 4.88 15.61
C VAL A 103 -2.37 5.65 14.69
N ASP A 104 -1.53 4.93 13.95
CA ASP A 104 -0.70 5.58 12.93
C ASP A 104 -1.52 6.26 11.82
N ALA A 105 -2.57 5.59 11.31
CA ALA A 105 -3.51 6.20 10.37
C ALA A 105 -4.15 7.47 10.93
N LEU A 106 -4.55 7.42 12.20
CA LEU A 106 -5.24 8.56 12.83
C LEU A 106 -4.36 9.81 12.90
N ILE A 107 -3.08 9.65 13.29
CA ILE A 107 -2.21 10.82 13.43
C ILE A 107 -1.64 11.31 12.08
N ASN A 108 -1.38 10.40 11.14
CA ASN A 108 -0.84 10.81 9.82
C ASN A 108 -1.85 11.53 8.93
N GLY A 109 -3.15 11.40 9.20
CA GLY A 109 -4.15 12.03 8.30
C GLY A 109 -4.83 11.01 7.39
N PHE A 110 -4.98 9.79 7.88
CA PHE A 110 -5.83 8.79 7.21
C PHE A 110 -7.11 8.63 8.05
N GLU A 111 -8.15 8.11 7.40
CA GLU A 111 -9.44 7.92 8.09
C GLU A 111 -9.93 6.49 7.81
N ILE A 112 -9.92 5.69 8.86
CA ILE A 112 -10.07 4.24 8.73
C ILE A 112 -11.53 3.79 8.78
N ILE A 113 -11.77 2.66 8.14
CA ILE A 113 -13.08 2.01 8.20
C ILE A 113 -12.89 0.50 7.96
N ASN A 114 -13.48 -0.27 8.85
CA ASN A 114 -13.35 -1.73 8.78
C ASN A 114 -14.51 -2.35 8.01
N GLU A 115 -14.21 -2.63 6.76
CA GLU A 115 -15.09 -3.42 5.88
C GLU A 115 -14.44 -4.80 5.65
N PRO A 116 -15.07 -5.73 4.91
CA PRO A 116 -14.46 -7.06 4.69
C PRO A 116 -13.05 -7.14 4.07
N ASP A 117 -12.58 -6.04 3.52
CA ASP A 117 -11.14 -5.79 3.40
C ASP A 117 -10.88 -4.52 4.22
N TYR A 118 -9.69 -4.37 4.82
CA TYR A 118 -9.50 -3.29 5.77
C TYR A 118 -9.07 -2.03 5.00
N CYS A 119 -9.60 -0.87 5.38
CA CYS A 119 -9.33 0.34 4.59
C CYS A 119 -9.16 1.81 5.07
N TRP A 120 -8.02 2.47 4.82
CA TRP A 120 -7.82 3.84 5.33
C TRP A 120 -7.83 4.82 4.13
N ILE A 121 -8.79 5.74 4.09
CA ILE A 121 -8.74 6.79 3.06
C ILE A 121 -8.36 8.12 3.70
N LYS A 122 -7.59 8.92 2.95
CA LYS A 122 -7.11 10.21 3.44
C LYS A 122 -8.19 11.29 3.34
N MET A 123 -8.70 11.72 4.49
CA MET A 123 -9.88 12.59 4.51
C MET A 123 -9.44 14.05 4.72
N TYR A 7 -11.11 4.65 -14.62
CA TYR A 7 -9.95 3.78 -14.36
C TYR A 7 -9.09 4.41 -13.25
N LYS A 8 -8.29 3.58 -12.58
CA LYS A 8 -7.30 4.10 -11.65
C LYS A 8 -5.90 3.56 -11.99
N THR A 9 -4.94 4.44 -11.83
CA THR A 9 -3.52 4.06 -11.76
C THR A 9 -3.20 3.92 -10.26
N GLY A 10 -2.78 2.75 -9.81
CA GLY A 10 -2.47 2.59 -8.39
C GLY A 10 -1.03 2.17 -8.09
N LEU A 11 -0.88 1.67 -6.88
CA LEU A 11 0.43 1.48 -6.26
C LEU A 11 0.45 0.09 -5.64
N LEU A 12 1.57 -0.60 -5.78
CA LEU A 12 1.76 -1.81 -5.02
C LEU A 12 3.06 -1.69 -4.22
N LEU A 13 2.92 -1.99 -2.94
CA LEU A 13 4.07 -2.11 -2.03
C LEU A 13 4.12 -3.56 -1.57
N ILE A 14 5.23 -4.23 -1.85
CA ILE A 14 5.31 -5.68 -1.62
C ILE A 14 6.55 -6.01 -0.80
N HIS A 15 6.42 -6.95 0.14
CA HIS A 15 7.58 -7.43 0.89
C HIS A 15 8.00 -8.81 0.31
N PRO A 16 9.27 -9.04 -0.03
CA PRO A 16 9.67 -10.25 -0.76
C PRO A 16 9.47 -11.64 -0.14
N ALA A 17 9.19 -11.73 1.15
CA ALA A 17 9.40 -13.03 1.84
C ALA A 17 8.48 -14.17 1.44
N VAL A 18 7.16 -13.96 1.41
CA VAL A 18 6.27 -14.96 0.81
C VAL A 18 6.19 -14.77 -0.73
N THR A 19 6.35 -13.53 -1.20
CA THR A 19 6.09 -13.20 -2.60
C THR A 19 7.21 -13.54 -3.59
N THR A 20 8.34 -14.11 -3.16
CA THR A 20 9.29 -14.67 -4.14
C THR A 20 8.84 -16.02 -4.71
N THR A 21 7.64 -16.47 -4.32
CA THR A 21 6.89 -17.52 -5.02
C THR A 21 5.65 -16.83 -5.62
N PRO A 22 5.82 -16.02 -6.66
CA PRO A 22 4.91 -14.89 -6.98
C PRO A 22 3.54 -15.28 -7.56
N GLU A 23 2.90 -16.29 -7.01
CA GLU A 23 1.46 -16.51 -7.24
C GLU A 23 0.59 -15.39 -6.64
N LEU A 24 0.94 -14.91 -5.45
CA LEU A 24 0.22 -13.77 -4.84
C LEU A 24 0.34 -12.49 -5.68
N VAL A 25 1.46 -12.32 -6.40
CA VAL A 25 1.58 -11.19 -7.34
C VAL A 25 0.55 -11.29 -8.48
N GLU A 26 0.45 -12.45 -9.13
CA GLU A 26 -0.57 -12.64 -10.17
C GLU A 26 -2.02 -12.47 -9.67
N ASN A 27 -2.28 -12.85 -8.41
CA ASN A 27 -3.62 -12.72 -7.82
C ASN A 27 -4.03 -11.27 -7.54
N THR A 28 -3.15 -10.49 -6.91
CA THR A 28 -3.46 -9.06 -6.70
C THR A 28 -3.64 -8.32 -8.05
N LYS A 29 -2.78 -8.64 -9.02
CA LYS A 29 -2.99 -8.17 -10.39
C LYS A 29 -4.30 -8.70 -11.00
N ALA A 30 -4.69 -9.96 -10.74
CA ALA A 30 -5.94 -10.46 -11.33
C ALA A 30 -7.21 -9.82 -10.74
N GLN A 31 -7.22 -9.61 -9.43
CA GLN A 31 -8.31 -8.88 -8.77
C GLN A 31 -8.48 -7.47 -9.36
N ALA A 32 -7.42 -6.68 -9.35
CA ALA A 32 -7.51 -5.31 -9.89
C ALA A 32 -7.80 -5.27 -11.40
N ALA A 33 -7.20 -6.20 -12.16
CA ALA A 33 -7.24 -6.12 -13.64
C ALA A 33 -8.54 -6.62 -14.28
N SER A 34 -9.17 -7.68 -13.77
CA SER A 34 -10.51 -8.06 -14.23
C SER A 34 -11.56 -6.95 -14.05
N LYS A 35 -11.38 -6.07 -13.07
CA LYS A 35 -12.18 -4.87 -12.95
C LYS A 35 -11.55 -3.78 -13.83
N LYS A 36 -11.15 -2.68 -13.21
CA LYS A 36 -10.72 -1.49 -13.96
C LYS A 36 -9.73 -0.63 -13.17
N VAL A 37 -8.86 -1.38 -12.52
CA VAL A 37 -7.67 -0.86 -11.84
C VAL A 37 -6.46 -1.70 -12.27
N LYS A 38 -5.52 -1.14 -13.03
CA LYS A 38 -4.24 -1.84 -13.22
C LYS A 38 -3.19 -1.11 -12.37
N PHE A 39 -2.28 -1.86 -11.76
CA PHE A 39 -1.26 -1.23 -10.91
C PHE A 39 -0.07 -0.88 -11.82
N VAL A 40 0.49 0.29 -11.56
CA VAL A 40 1.43 0.91 -12.52
C VAL A 40 2.87 0.89 -11.98
N ASP A 41 3.04 1.08 -10.67
CA ASP A 41 4.41 1.14 -10.13
C ASP A 41 4.63 0.07 -9.05
N GLN A 42 5.89 -0.05 -8.68
CA GLN A 42 6.29 -1.10 -7.73
C GLN A 42 7.24 -0.47 -6.73
N PHE A 43 6.87 -0.64 -5.47
CA PHE A 43 7.74 -0.19 -4.39
C PHE A 43 8.01 -1.38 -3.47
N LEU A 44 9.27 -1.74 -3.33
CA LEU A 44 9.65 -2.85 -2.44
C LEU A 44 9.99 -2.25 -1.07
N ILE A 45 9.75 -2.99 0.00
CA ILE A 45 10.08 -2.49 1.33
C ILE A 45 11.59 -2.23 1.57
N ASN A 46 12.46 -3.10 1.08
CA ASN A 46 13.91 -2.87 1.25
C ASN A 46 14.47 -1.84 0.24
N LYS A 47 13.89 -1.75 -0.96
CA LYS A 47 14.36 -0.75 -1.94
C LYS A 47 13.80 0.65 -1.67
N LEU A 48 12.58 0.77 -1.13
CA LEU A 48 12.05 2.11 -0.82
C LEU A 48 12.81 2.78 0.34
N ASN A 49 13.14 2.00 1.36
CA ASN A 49 13.87 2.54 2.52
C ASN A 49 15.37 2.74 2.26
N ASP A 50 15.95 1.90 1.40
CA ASP A 50 17.38 2.06 1.07
C ASP A 50 17.60 3.18 0.03
N GLY A 51 16.70 3.33 -0.94
CA GLY A 51 16.77 4.50 -1.82
C GLY A 51 16.81 4.21 -3.34
N SER A 52 16.48 3.01 -3.79
CA SER A 52 16.64 2.67 -5.21
C SER A 52 15.53 3.22 -6.12
N ILE A 53 14.32 3.46 -5.60
CA ILE A 53 13.18 3.78 -6.46
C ILE A 53 12.74 5.22 -6.18
N THR A 54 12.79 6.03 -7.22
CA THR A 54 12.27 7.40 -7.12
C THR A 54 11.28 7.63 -8.26
N LEU A 55 10.05 7.93 -7.87
CA LEU A 55 9.05 8.38 -8.84
C LEU A 55 8.58 9.79 -8.44
N GLU A 56 7.49 10.23 -9.06
CA GLU A 56 6.97 11.58 -8.82
C GLU A 56 5.82 11.54 -7.82
N ASN A 57 5.42 12.72 -7.36
CA ASN A 57 4.20 12.85 -6.57
C ASN A 57 2.98 12.78 -7.49
N ALA A 58 2.34 11.60 -7.59
CA ALA A 58 1.36 11.42 -8.67
C ALA A 58 0.02 10.77 -8.29
N LYS A 59 -0.56 10.08 -9.28
CA LYS A 59 -1.99 9.73 -9.22
C LYS A 59 -2.29 8.30 -8.79
N TYR A 60 -1.42 7.76 -7.94
CA TYR A 60 -1.47 6.33 -7.60
C TYR A 60 -2.54 6.06 -6.52
N GLU A 61 -3.54 6.96 -6.36
CA GLU A 61 -4.46 6.99 -5.20
C GLU A 61 -5.32 5.73 -4.99
N THR A 62 -4.75 4.58 -5.29
CA THR A 62 -5.28 3.29 -4.83
C THR A 62 -4.05 2.44 -4.54
N VAL A 63 -3.92 2.11 -3.27
CA VAL A 63 -2.65 1.62 -2.74
C VAL A 63 -2.87 0.19 -2.21
N HIS A 64 -1.98 -0.74 -2.54
CA HIS A 64 -2.06 -2.09 -1.97
C HIS A 64 -0.74 -2.41 -1.24
N TYR A 65 -0.78 -2.98 -0.04
CA TYR A 65 0.44 -3.51 0.61
C TYR A 65 0.28 -5.02 0.79
N LEU A 66 1.07 -5.78 0.02
CA LEU A 66 1.16 -7.21 0.21
C LEU A 66 2.39 -7.58 1.04
N THR A 67 2.11 -7.88 2.31
CA THR A 67 3.11 -8.46 3.21
C THR A 67 2.34 -9.62 3.88
N PRO A 68 2.98 -10.69 4.38
CA PRO A 68 2.29 -11.71 5.19
C PRO A 68 1.44 -11.17 6.35
N GLU A 69 0.18 -11.64 6.37
CA GLU A 69 -0.82 -11.07 7.28
C GLU A 69 -1.06 -11.92 8.54
N ALA A 70 -0.05 -12.63 9.03
CA ALA A 70 -0.29 -13.63 10.09
C ALA A 70 0.12 -13.02 11.44
N GLN A 71 1.39 -12.68 11.60
CA GLN A 71 1.92 -12.29 12.92
C GLN A 71 1.78 -10.77 13.01
N THR A 72 0.95 -10.29 13.93
CA THR A 72 0.92 -8.84 14.24
C THR A 72 2.11 -8.44 15.11
N ASP A 73 3.27 -8.30 14.47
CA ASP A 73 4.54 -8.11 15.20
C ASP A 73 5.39 -6.98 14.58
N ILE A 74 5.19 -6.69 13.30
CA ILE A 74 6.11 -5.80 12.57
C ILE A 74 5.92 -4.32 12.94
N LYS A 75 6.97 -3.55 12.72
CA LYS A 75 6.89 -2.08 12.83
C LYS A 75 7.09 -1.44 11.46
N PHE A 76 6.50 -0.26 11.28
CA PHE A 76 6.79 0.56 10.09
C PHE A 76 7.11 1.96 10.60
N PRO A 77 7.98 2.75 9.94
CA PRO A 77 8.29 4.08 10.46
C PRO A 77 7.21 5.07 10.04
N LYS A 78 6.98 6.09 10.86
CA LYS A 78 6.02 7.14 10.50
C LYS A 78 6.44 7.94 9.24
N LYS A 79 7.74 8.17 9.07
CA LYS A 79 8.23 8.95 7.91
C LYS A 79 7.90 8.30 6.55
N LEU A 80 7.87 6.97 6.48
CA LEU A 80 7.52 6.32 5.20
C LEU A 80 5.99 6.39 4.95
N ILE A 81 5.15 6.39 5.99
CA ILE A 81 3.73 6.68 5.81
C ILE A 81 3.49 8.13 5.33
N SER A 82 4.30 9.12 5.75
CA SER A 82 4.17 10.47 5.19
C SER A 82 4.60 10.56 3.72
N VAL A 83 5.67 9.85 3.34
CA VAL A 83 6.07 9.77 1.92
C VAL A 83 5.03 9.01 1.08
N LEU A 84 4.43 7.96 1.62
CA LEU A 84 3.35 7.23 0.95
C LEU A 84 2.14 8.16 0.65
N ALA A 85 1.70 8.92 1.64
CA ALA A 85 0.63 9.91 1.43
C ALA A 85 0.98 11.08 0.52
N ASP A 86 2.25 11.49 0.48
CA ASP A 86 2.60 12.78 -0.17
C ASP A 86 2.70 12.73 -1.71
N SER A 87 2.66 11.55 -2.29
CA SER A 87 2.45 11.42 -3.74
C SER A 87 1.01 11.76 -4.16
N LEU A 88 0.03 11.43 -3.33
CA LEU A 88 -1.29 11.13 -3.88
C LEU A 88 -2.18 12.36 -4.07
N LYS A 89 -3.25 12.08 -4.81
CA LYS A 89 -4.43 12.95 -4.94
C LYS A 89 -5.22 12.82 -3.63
N PRO A 90 -5.15 13.77 -2.69
CA PRO A 90 -5.38 13.50 -1.26
C PRO A 90 -6.64 12.74 -0.79
N ASN A 91 -7.61 12.44 -1.65
CA ASN A 91 -8.60 11.37 -1.35
C ASN A 91 -8.06 10.02 -1.86
N GLY A 92 -6.85 9.69 -1.40
CA GLY A 92 -6.21 8.42 -1.74
C GLY A 92 -6.63 7.35 -0.75
N SER A 93 -6.53 6.08 -1.13
CA SER A 93 -7.04 5.03 -0.27
C SER A 93 -5.90 4.05 -0.11
N LEU A 94 -6.02 3.30 0.95
CA LEU A 94 -4.99 2.37 1.36
C LEU A 94 -5.67 1.02 1.54
N ILE A 95 -5.02 -0.08 1.18
CA ILE A 95 -5.56 -1.41 1.53
C ILE A 95 -4.45 -2.20 2.20
N GLY A 96 -4.39 -2.03 3.50
CA GLY A 96 -3.19 -2.49 4.19
C GLY A 96 -3.25 -3.10 5.58
N LEU A 97 -3.17 -2.22 6.58
CA LEU A 97 -2.22 -2.43 7.68
C LEU A 97 -2.98 -2.61 8.98
N SER A 98 -2.41 -3.44 9.85
CA SER A 98 -3.17 -4.10 10.92
C SER A 98 -3.28 -3.24 12.20
N ASP A 99 -3.09 -3.87 13.37
CA ASP A 99 -3.66 -3.31 14.61
C ASP A 99 -2.91 -2.11 15.20
N ILE A 100 -1.59 -2.20 15.37
CA ILE A 100 -0.82 -1.00 15.75
C ILE A 100 -1.01 0.17 14.75
N TYR A 101 -1.22 -0.23 13.51
CA TYR A 101 -1.27 0.72 12.42
C TYR A 101 -2.63 1.47 12.40
N LYS A 102 -3.65 0.99 13.11
CA LYS A 102 -4.93 1.72 13.27
C LYS A 102 -4.72 3.10 13.92
N VAL A 103 -4.10 3.12 15.10
CA VAL A 103 -3.78 4.41 15.76
C VAL A 103 -2.76 5.23 14.95
N ASP A 104 -1.81 4.55 14.29
CA ASP A 104 -0.93 5.27 13.35
C ASP A 104 -1.68 5.96 12.20
N ALA A 105 -2.70 5.29 11.64
CA ALA A 105 -3.57 5.91 10.64
C ALA A 105 -4.26 7.16 11.19
N LEU A 106 -4.75 7.06 12.42
CA LEU A 106 -5.43 8.20 13.06
C LEU A 106 -4.56 9.46 13.09
N ILE A 107 -3.34 9.28 13.56
CA ILE A 107 -2.46 10.42 13.85
C ILE A 107 -1.78 11.02 12.61
N ASN A 108 -1.47 10.17 11.63
CA ASN A 108 -0.94 10.67 10.35
C ASN A 108 -1.99 11.39 9.50
N GLY A 109 -3.28 11.17 9.75
CA GLY A 109 -4.30 11.83 8.93
C GLY A 109 -4.95 10.88 7.91
N PHE A 110 -5.08 9.61 8.29
CA PHE A 110 -5.90 8.68 7.51
C PHE A 110 -7.18 8.43 8.32
N GLU A 111 -8.21 7.98 7.60
CA GLU A 111 -9.52 7.77 8.20
C GLU A 111 -9.92 6.33 7.90
N ILE A 112 -9.81 5.49 8.92
CA ILE A 112 -9.92 4.04 8.71
C ILE A 112 -11.37 3.62 8.51
N ILE A 113 -11.53 2.69 7.58
CA ILE A 113 -12.85 2.17 7.21
C ILE A 113 -12.76 0.65 7.27
N ASN A 114 -13.57 0.06 8.14
CA ASN A 114 -13.47 -1.39 8.37
C ASN A 114 -14.66 -2.11 7.74
N GLU A 115 -14.40 -2.56 6.52
CA GLU A 115 -15.43 -3.09 5.63
C GLU A 115 -14.85 -4.40 5.04
N PRO A 116 -15.59 -5.13 4.18
CA PRO A 116 -15.05 -6.36 3.56
C PRO A 116 -13.71 -6.26 2.79
N ASP A 117 -13.26 -5.05 2.52
CA ASP A 117 -11.84 -4.80 2.24
C ASP A 117 -11.40 -3.76 3.28
N TYR A 118 -10.53 -4.16 4.22
CA TYR A 118 -10.22 -3.31 5.36
C TYR A 118 -9.04 -2.39 5.01
N CYS A 119 -9.29 -1.09 4.85
CA CYS A 119 -8.17 -0.11 4.72
C CYS A 119 -8.49 1.28 5.31
N TRP A 120 -7.75 2.27 4.79
CA TRP A 120 -7.71 3.65 5.31
C TRP A 120 -7.74 4.63 4.13
N ILE A 121 -8.61 5.64 4.12
CA ILE A 121 -8.42 6.73 3.14
C ILE A 121 -8.05 8.04 3.87
N LYS A 122 -7.20 8.81 3.20
CA LYS A 122 -6.73 10.11 3.72
C LYS A 122 -7.81 11.16 3.47
N MET A 123 -8.42 11.63 4.55
CA MET A 123 -9.61 12.48 4.45
C MET A 123 -9.27 13.88 4.98
N TYR A 7 -11.38 4.44 -14.24
CA TYR A 7 -10.35 3.40 -14.22
C TYR A 7 -9.13 3.95 -13.47
N LYS A 8 -8.77 3.28 -12.39
CA LYS A 8 -7.77 3.83 -11.48
C LYS A 8 -6.37 3.31 -11.82
N THR A 9 -5.38 4.19 -11.68
CA THR A 9 -4.00 3.72 -11.60
C THR A 9 -3.65 3.63 -10.11
N GLY A 10 -2.89 2.61 -9.70
CA GLY A 10 -2.54 2.52 -8.28
C GLY A 10 -1.07 2.22 -7.99
N LEU A 11 -0.91 1.76 -6.77
CA LEU A 11 0.41 1.50 -6.20
C LEU A 11 0.37 0.13 -5.53
N LEU A 12 1.44 -0.64 -5.68
CA LEU A 12 1.57 -1.85 -4.91
C LEU A 12 2.91 -1.78 -4.15
N LEU A 13 2.80 -2.04 -2.87
CA LEU A 13 3.97 -2.12 -1.97
C LEU A 13 4.08 -3.56 -1.49
N ILE A 14 5.21 -4.18 -1.79
CA ILE A 14 5.36 -5.62 -1.54
C ILE A 14 6.56 -5.82 -0.60
N HIS A 15 6.46 -6.73 0.36
CA HIS A 15 7.66 -7.18 1.06
C HIS A 15 8.16 -8.45 0.36
N PRO A 16 9.44 -8.55 -0.01
CA PRO A 16 9.93 -9.63 -0.88
C PRO A 16 9.81 -11.09 -0.46
N ALA A 17 9.57 -11.41 0.82
CA ALA A 17 9.85 -12.79 1.27
C ALA A 17 9.05 -13.84 0.51
N VAL A 18 7.74 -13.68 0.42
CA VAL A 18 6.88 -14.76 -0.14
C VAL A 18 6.70 -14.40 -1.63
N THR A 19 6.73 -13.10 -1.95
CA THR A 19 6.38 -12.56 -3.26
C THR A 19 7.54 -12.54 -4.27
N THR A 20 8.76 -13.00 -3.93
CA THR A 20 9.79 -13.16 -4.98
C THR A 20 9.55 -14.43 -5.84
N THR A 21 8.50 -15.19 -5.56
CA THR A 21 7.99 -16.16 -6.55
C THR A 21 6.79 -15.47 -7.27
N PRO A 22 6.25 -15.98 -8.39
CA PRO A 22 5.25 -15.21 -9.16
C PRO A 22 3.81 -15.16 -8.63
N GLU A 23 3.47 -15.92 -7.59
CA GLU A 23 2.05 -16.25 -7.36
C GLU A 23 1.22 -15.10 -6.80
N LEU A 24 1.65 -14.42 -5.74
CA LEU A 24 0.87 -13.28 -5.20
C LEU A 24 0.87 -12.07 -6.14
N VAL A 25 1.94 -11.88 -6.91
CA VAL A 25 1.98 -10.81 -7.91
C VAL A 25 0.95 -11.06 -9.02
N GLU A 26 0.91 -12.25 -9.63
CA GLU A 26 -0.14 -12.56 -10.62
C GLU A 26 -1.57 -12.48 -10.04
N ASN A 27 -1.72 -12.95 -8.81
CA ASN A 27 -3.01 -12.87 -8.09
C ASN A 27 -3.54 -11.44 -7.89
N THR A 28 -2.72 -10.53 -7.36
CA THR A 28 -3.18 -9.15 -7.17
C THR A 28 -3.41 -8.42 -8.51
N LYS A 29 -2.58 -8.73 -9.51
CA LYS A 29 -2.84 -8.25 -10.87
C LYS A 29 -4.10 -8.88 -11.50
N ALA A 30 -4.47 -10.11 -11.13
CA ALA A 30 -5.72 -10.70 -11.65
C ALA A 30 -6.97 -10.00 -11.09
N GLN A 31 -7.02 -9.78 -9.77
CA GLN A 31 -8.08 -9.00 -9.15
C GLN A 31 -8.23 -7.58 -9.72
N ALA A 32 -7.10 -6.87 -9.82
CA ALA A 32 -7.05 -5.60 -10.56
C ALA A 32 -7.65 -5.75 -11.97
N ALA A 33 -7.22 -6.77 -12.71
CA ALA A 33 -7.59 -6.85 -14.13
C ALA A 33 -9.12 -6.98 -14.34
N SER A 34 -9.76 -7.92 -13.65
CA SER A 34 -11.16 -8.25 -13.96
C SER A 34 -12.15 -7.18 -13.43
N LYS A 35 -11.74 -6.36 -12.47
CA LYS A 35 -12.54 -5.19 -12.06
C LYS A 35 -12.24 -3.97 -12.96
N LYS A 36 -11.61 -2.97 -12.37
CA LYS A 36 -11.51 -1.64 -13.01
C LYS A 36 -10.24 -0.86 -12.67
N VAL A 37 -9.47 -1.33 -11.70
CA VAL A 37 -8.13 -0.78 -11.44
C VAL A 37 -7.01 -1.63 -12.07
N LYS A 38 -5.91 -0.98 -12.44
CA LYS A 38 -4.66 -1.69 -12.76
C LYS A 38 -3.54 -1.03 -11.94
N PHE A 39 -2.61 -1.85 -11.48
CA PHE A 39 -1.45 -1.33 -10.72
C PHE A 39 -0.30 -1.05 -11.68
N VAL A 40 0.39 0.07 -11.45
CA VAL A 40 1.33 0.60 -12.44
C VAL A 40 2.79 0.66 -11.93
N ASP A 41 2.97 0.90 -10.63
CA ASP A 41 4.33 0.97 -10.06
C ASP A 41 4.48 -0.07 -8.95
N GLN A 42 5.73 -0.21 -8.54
CA GLN A 42 6.10 -1.28 -7.60
C GLN A 42 7.10 -0.70 -6.61
N PHE A 43 6.77 -0.84 -5.34
CA PHE A 43 7.65 -0.32 -4.30
C PHE A 43 7.93 -1.41 -3.25
N LEU A 44 9.14 -1.96 -3.26
CA LEU A 44 9.47 -3.02 -2.28
C LEU A 44 9.95 -2.37 -0.98
N ILE A 45 9.70 -3.04 0.16
CA ILE A 45 10.09 -2.46 1.45
C ILE A 45 11.60 -2.26 1.63
N ASN A 46 12.43 -3.20 1.17
CA ASN A 46 13.88 -3.04 1.29
C ASN A 46 14.47 -2.15 0.18
N LYS A 47 13.89 -2.12 -1.01
CA LYS A 47 14.38 -1.25 -2.08
C LYS A 47 13.93 0.21 -1.91
N LEU A 48 12.75 0.46 -1.35
CA LEU A 48 12.31 1.85 -1.14
C LEU A 48 13.08 2.57 -0.03
N ASN A 49 13.32 1.82 1.05
CA ASN A 49 14.12 2.36 2.16
C ASN A 49 15.63 2.35 1.88
N ASP A 50 16.10 1.60 0.87
CA ASP A 50 17.51 1.69 0.45
C ASP A 50 17.73 2.79 -0.60
N GLY A 51 16.86 2.92 -1.61
CA GLY A 51 17.00 4.04 -2.56
C GLY A 51 17.02 3.67 -4.06
N SER A 52 16.60 2.46 -4.44
CA SER A 52 16.66 2.06 -5.86
C SER A 52 15.57 2.69 -6.75
N ILE A 53 14.44 3.04 -6.15
CA ILE A 53 13.23 3.43 -6.89
C ILE A 53 12.93 4.89 -6.63
N THR A 54 12.88 5.68 -7.69
CA THR A 54 12.59 7.10 -7.47
C THR A 54 11.11 7.36 -7.75
N LEU A 55 10.70 8.47 -7.17
CA LEU A 55 9.29 8.65 -6.79
C LEU A 55 8.77 10.00 -7.27
N GLU A 56 7.73 9.92 -8.09
CA GLU A 56 6.98 11.13 -8.43
C GLU A 56 5.71 11.22 -7.56
N ASN A 57 5.07 12.38 -7.64
CA ASN A 57 3.98 12.69 -6.71
C ASN A 57 2.67 12.71 -7.51
N ALA A 58 2.01 11.56 -7.65
CA ALA A 58 0.97 11.47 -8.67
C ALA A 58 -0.34 10.78 -8.25
N LYS A 59 -1.06 10.32 -9.28
CA LYS A 59 -2.48 9.97 -9.12
C LYS A 59 -2.75 8.49 -8.76
N TYR A 60 -1.87 7.91 -7.96
CA TYR A 60 -1.89 6.46 -7.68
C TYR A 60 -2.92 6.13 -6.59
N GLU A 61 -3.93 7.00 -6.35
CA GLU A 61 -4.77 6.99 -5.12
C GLU A 61 -5.60 5.70 -4.89
N THR A 62 -4.99 4.57 -5.22
CA THR A 62 -5.45 3.25 -4.76
C THR A 62 -4.16 2.48 -4.48
N VAL A 63 -4.00 2.15 -3.21
CA VAL A 63 -2.72 1.73 -2.67
C VAL A 63 -2.91 0.29 -2.14
N HIS A 64 -1.98 -0.62 -2.45
CA HIS A 64 -2.07 -2.00 -1.95
C HIS A 64 -0.78 -2.33 -1.16
N TYR A 65 -0.85 -2.96 0.02
CA TYR A 65 0.36 -3.46 0.68
C TYR A 65 0.18 -4.97 0.91
N LEU A 66 0.96 -5.74 0.16
CA LEU A 66 1.06 -7.18 0.39
C LEU A 66 2.31 -7.53 1.22
N THR A 67 2.14 -7.77 2.52
CA THR A 67 3.22 -8.38 3.31
C THR A 67 2.66 -9.63 4.01
N PRO A 68 2.75 -10.83 3.42
CA PRO A 68 2.42 -12.07 4.12
C PRO A 68 3.56 -12.53 5.04
N GLU A 69 3.48 -12.22 6.33
CA GLU A 69 4.40 -12.80 7.31
C GLU A 69 3.67 -13.61 8.40
N ALA A 70 2.45 -13.24 8.74
CA ALA A 70 1.63 -14.09 9.61
C ALA A 70 0.16 -13.86 9.23
N GLN A 71 -0.61 -13.18 10.08
CA GLN A 71 -1.97 -12.74 9.69
C GLN A 71 -2.00 -11.21 9.58
N THR A 72 -1.76 -10.52 10.69
CA THR A 72 -1.55 -9.07 10.65
C THR A 72 -0.09 -8.72 10.32
N ASP A 73 0.12 -7.49 9.84
CA ASP A 73 1.44 -7.13 9.28
C ASP A 73 2.45 -6.91 10.43
N ILE A 74 3.70 -6.60 10.09
CA ILE A 74 4.67 -6.17 11.11
C ILE A 74 4.93 -4.65 11.05
N LYS A 75 5.96 -4.21 11.78
CA LYS A 75 6.11 -2.78 12.10
C LYS A 75 6.70 -2.00 10.94
N PHE A 76 6.19 -0.77 10.83
CA PHE A 76 6.48 0.07 9.65
C PHE A 76 6.91 1.44 10.18
N PRO A 77 7.78 2.18 9.48
CA PRO A 77 8.20 3.47 10.02
C PRO A 77 7.17 4.56 9.70
N LYS A 78 7.06 5.54 10.59
CA LYS A 78 6.18 6.68 10.31
C LYS A 78 6.59 7.48 9.06
N LYS A 79 7.90 7.64 8.85
CA LYS A 79 8.40 8.40 7.69
C LYS A 79 7.94 7.85 6.34
N LEU A 80 7.80 6.52 6.21
CA LEU A 80 7.33 5.97 4.92
C LEU A 80 5.82 6.15 4.76
N ILE A 81 5.03 6.16 5.82
CA ILE A 81 3.61 6.55 5.72
C ILE A 81 3.45 8.02 5.29
N SER A 82 4.33 8.94 5.72
CA SER A 82 4.26 10.32 5.22
C SER A 82 4.66 10.44 3.73
N VAL A 83 5.66 9.69 3.30
CA VAL A 83 6.04 9.66 1.86
C VAL A 83 4.97 8.97 1.00
N LEU A 84 4.31 7.93 1.52
CA LEU A 84 3.20 7.29 0.83
C LEU A 84 2.03 8.27 0.61
N ALA A 85 1.65 9.03 1.64
CA ALA A 85 0.60 10.05 1.50
C ALA A 85 0.98 11.23 0.58
N ASP A 86 2.26 11.58 0.49
CA ASP A 86 2.64 12.84 -0.19
C ASP A 86 2.64 12.81 -1.72
N SER A 87 2.51 11.63 -2.30
CA SER A 87 2.25 11.50 -3.74
C SER A 87 0.80 11.81 -4.12
N LEU A 88 -0.14 11.48 -3.26
CA LEU A 88 -1.45 11.09 -3.77
C LEU A 88 -2.46 12.24 -3.92
N LYS A 89 -3.59 11.83 -4.46
CA LYS A 89 -4.67 12.71 -4.92
C LYS A 89 -5.73 12.54 -3.82
N PRO A 90 -5.89 13.47 -2.85
CA PRO A 90 -6.43 13.19 -1.50
C PRO A 90 -7.75 12.41 -1.27
N ASN A 91 -8.29 11.71 -2.26
CA ASN A 91 -9.20 10.59 -2.00
C ASN A 91 -8.38 9.29 -2.18
N GLY A 92 -7.34 9.16 -1.35
CA GLY A 92 -6.39 8.03 -1.45
C GLY A 92 -6.76 6.97 -0.44
N SER A 93 -6.71 5.71 -0.83
CA SER A 93 -7.28 4.65 0.02
C SER A 93 -6.27 3.50 0.07
N LEU A 94 -5.67 3.36 1.24
CA LEU A 94 -4.60 2.40 1.48
C LEU A 94 -5.22 1.10 2.01
N ILE A 95 -4.82 -0.04 1.46
CA ILE A 95 -5.52 -1.30 1.77
C ILE A 95 -4.53 -2.21 2.47
N GLY A 96 -4.44 -2.00 3.77
CA GLY A 96 -3.30 -2.53 4.49
C GLY A 96 -3.42 -3.06 5.91
N LEU A 97 -3.32 -2.18 6.88
CA LEU A 97 -2.55 -2.54 8.10
C LEU A 97 -3.52 -2.56 9.31
N SER A 98 -3.04 -3.08 10.44
CA SER A 98 -3.93 -3.61 11.49
C SER A 98 -4.03 -2.67 12.71
N ASP A 99 -4.36 -3.20 13.89
CA ASP A 99 -4.83 -2.35 15.00
C ASP A 99 -3.81 -1.38 15.61
N ILE A 100 -2.56 -1.78 15.84
CA ILE A 100 -1.54 -0.78 16.20
C ILE A 100 -1.33 0.29 15.10
N TYR A 101 -1.52 -0.17 13.88
CA TYR A 101 -1.37 0.70 12.72
C TYR A 101 -2.61 1.63 12.56
N LYS A 102 -3.70 1.35 13.27
CA LYS A 102 -4.82 2.30 13.44
C LYS A 102 -4.38 3.58 14.19
N VAL A 103 -3.68 3.46 15.32
CA VAL A 103 -3.15 4.65 16.00
C VAL A 103 -2.17 5.42 15.08
N ASP A 104 -1.37 4.68 14.32
CA ASP A 104 -0.56 5.30 13.26
C ASP A 104 -1.42 6.02 12.20
N ALA A 105 -2.45 5.36 11.68
CA ALA A 105 -3.40 6.00 10.75
C ALA A 105 -4.03 7.28 11.33
N LEU A 106 -4.38 7.24 12.61
CA LEU A 106 -5.00 8.39 13.27
C LEU A 106 -4.08 9.62 13.30
N ILE A 107 -2.82 9.42 13.71
CA ILE A 107 -1.90 10.57 13.86
C ILE A 107 -1.38 11.08 12.51
N ASN A 108 -1.14 10.19 11.55
CA ASN A 108 -0.68 10.58 10.21
C ASN A 108 -1.75 11.27 9.35
N GLY A 109 -3.03 11.17 9.67
CA GLY A 109 -4.05 11.83 8.85
C GLY A 109 -4.82 10.87 7.95
N PHE A 110 -4.96 9.62 8.40
CA PHE A 110 -5.79 8.64 7.68
C PHE A 110 -7.08 8.42 8.48
N GLU A 111 -8.07 7.91 7.76
CA GLU A 111 -9.42 7.72 8.33
C GLU A 111 -9.86 6.28 8.07
N ILE A 112 -9.90 5.50 9.14
CA ILE A 112 -9.96 4.04 9.03
C ILE A 112 -11.38 3.48 8.87
N ILE A 113 -11.59 2.96 7.68
CA ILE A 113 -12.94 2.61 7.20
C ILE A 113 -13.00 1.12 6.90
N ASN A 114 -14.10 0.52 7.37
CA ASN A 114 -14.20 -0.94 7.41
C ASN A 114 -15.36 -1.50 6.58
N GLU A 115 -14.98 -1.90 5.38
CA GLU A 115 -15.82 -2.77 4.52
C GLU A 115 -15.06 -4.08 4.31
N PRO A 116 -15.54 -5.05 3.52
CA PRO A 116 -14.79 -6.31 3.27
C PRO A 116 -13.36 -6.21 2.71
N ASP A 117 -12.97 -5.03 2.25
CA ASP A 117 -11.55 -4.67 2.21
C ASP A 117 -11.38 -3.71 3.38
N TYR A 118 -10.63 -4.12 4.40
CA TYR A 118 -10.26 -3.18 5.47
C TYR A 118 -9.09 -2.28 5.07
N CYS A 119 -9.32 -0.96 4.96
CA CYS A 119 -8.19 -0.01 4.90
C CYS A 119 -8.52 1.34 5.55
N TRP A 120 -7.75 2.32 5.08
CA TRP A 120 -7.77 3.69 5.62
C TRP A 120 -7.86 4.58 4.38
N ILE A 121 -8.49 5.74 4.48
CA ILE A 121 -8.33 6.74 3.41
C ILE A 121 -7.90 8.06 4.04
N LYS A 122 -7.05 8.75 3.30
CA LYS A 122 -6.51 10.03 3.75
C LYS A 122 -7.52 11.16 3.51
N MET A 123 -8.07 11.69 4.60
CA MET A 123 -8.88 12.92 4.50
C MET A 123 -8.16 14.02 5.28
N TYR A 7 -10.81 5.10 -14.33
CA TYR A 7 -9.66 4.18 -14.21
C TYR A 7 -8.68 4.75 -13.18
N LYS A 8 -8.43 3.98 -12.12
CA LYS A 8 -7.36 4.36 -11.20
C LYS A 8 -6.03 3.75 -11.65
N THR A 9 -4.98 4.54 -11.48
CA THR A 9 -3.62 3.99 -11.45
C THR A 9 -3.28 3.84 -9.98
N GLY A 10 -2.59 2.76 -9.64
CA GLY A 10 -2.21 2.57 -8.23
C GLY A 10 -0.77 2.16 -7.95
N LEU A 11 -0.62 1.78 -6.68
CA LEU A 11 0.68 1.63 -6.05
C LEU A 11 0.65 0.30 -5.31
N LEU A 12 1.45 -0.66 -5.71
CA LEU A 12 1.40 -1.96 -5.04
C LEU A 12 2.80 -2.17 -4.46
N LEU A 13 2.81 -2.51 -3.18
CA LEU A 13 4.09 -2.73 -2.49
C LEU A 13 4.22 -4.22 -2.16
N ILE A 14 5.46 -4.67 -2.15
CA ILE A 14 5.78 -6.09 -2.06
C ILE A 14 6.88 -6.35 -1.03
N HIS A 15 6.62 -6.99 0.09
CA HIS A 15 7.77 -7.40 0.92
C HIS A 15 8.20 -8.79 0.39
N PRO A 16 9.49 -9.00 0.09
CA PRO A 16 9.95 -10.21 -0.62
C PRO A 16 9.72 -11.60 -0.03
N ALA A 17 9.47 -11.74 1.27
CA ALA A 17 9.63 -13.07 1.89
C ALA A 17 8.74 -14.14 1.27
N VAL A 18 7.45 -13.87 1.13
CA VAL A 18 6.52 -14.93 0.70
C VAL A 18 6.37 -14.77 -0.84
N THR A 19 6.56 -13.55 -1.34
CA THR A 19 6.27 -13.19 -2.73
C THR A 19 7.44 -13.48 -3.70
N THR A 20 8.59 -14.01 -3.25
CA THR A 20 9.58 -14.52 -4.23
C THR A 20 9.15 -15.89 -4.83
N THR A 21 8.00 -16.39 -4.39
CA THR A 21 7.25 -17.44 -5.09
C THR A 21 5.99 -16.75 -5.66
N PRO A 22 6.13 -15.91 -6.70
CA PRO A 22 5.21 -14.79 -6.99
C PRO A 22 3.83 -15.18 -7.56
N GLU A 23 3.21 -16.20 -6.99
CA GLU A 23 1.76 -16.40 -7.18
C GLU A 23 0.93 -15.26 -6.56
N LEU A 24 1.32 -14.78 -5.38
CA LEU A 24 0.66 -13.61 -4.77
C LEU A 24 0.71 -12.34 -5.66
N VAL A 25 1.78 -12.21 -6.45
CA VAL A 25 1.89 -11.09 -7.41
C VAL A 25 0.86 -11.21 -8.53
N GLU A 26 0.72 -12.38 -9.15
CA GLU A 26 -0.31 -12.56 -10.18
C GLU A 26 -1.75 -12.38 -9.66
N ASN A 27 -1.99 -12.77 -8.40
CA ASN A 27 -3.33 -12.65 -7.81
C ASN A 27 -3.71 -11.21 -7.48
N THR A 28 -2.83 -10.48 -6.81
CA THR A 28 -3.12 -9.07 -6.50
C THR A 28 -3.31 -8.26 -7.79
N LYS A 29 -2.44 -8.50 -8.79
CA LYS A 29 -2.62 -7.90 -10.10
C LYS A 29 -3.89 -8.42 -10.81
N ALA A 30 -4.31 -9.67 -10.61
CA ALA A 30 -5.59 -10.12 -11.18
C ALA A 30 -6.82 -9.47 -10.53
N GLN A 31 -6.77 -9.30 -9.20
CA GLN A 31 -7.85 -8.61 -8.47
C GLN A 31 -8.11 -7.20 -9.02
N ALA A 32 -7.07 -6.37 -9.08
CA ALA A 32 -7.23 -5.02 -9.61
C ALA A 32 -7.55 -5.01 -11.12
N ALA A 33 -6.89 -5.88 -11.89
CA ALA A 33 -6.97 -5.81 -13.36
C ALA A 33 -8.33 -6.24 -13.95
N SER A 34 -8.98 -7.27 -13.41
CA SER A 34 -10.37 -7.59 -13.80
C SER A 34 -11.36 -6.43 -13.57
N LYS A 35 -11.10 -5.56 -12.58
CA LYS A 35 -12.10 -4.57 -12.18
C LYS A 35 -11.98 -3.33 -13.05
N LYS A 36 -11.35 -2.30 -12.52
CA LYS A 36 -11.00 -1.11 -13.33
C LYS A 36 -9.69 -0.42 -12.91
N VAL A 37 -8.81 -1.20 -12.33
CA VAL A 37 -7.61 -0.66 -11.67
C VAL A 37 -6.36 -1.43 -12.15
N LYS A 38 -5.48 -0.79 -12.92
CA LYS A 38 -4.16 -1.40 -13.19
C LYS A 38 -3.11 -0.73 -12.30
N PHE A 39 -2.20 -1.54 -11.77
CA PHE A 39 -1.11 -1.00 -10.95
C PHE A 39 0.08 -0.66 -11.86
N VAL A 40 0.72 0.46 -11.57
CA VAL A 40 1.66 1.08 -12.52
C VAL A 40 3.11 1.10 -11.99
N ASP A 41 3.28 1.26 -10.68
CA ASP A 41 4.62 1.15 -10.09
C ASP A 41 4.60 0.05 -9.03
N GLN A 42 5.81 -0.31 -8.58
CA GLN A 42 5.95 -1.23 -7.47
C GLN A 42 6.83 -0.54 -6.45
N PHE A 43 6.69 -0.92 -5.20
CA PHE A 43 7.60 -0.45 -4.15
C PHE A 43 7.98 -1.64 -3.28
N LEU A 44 9.24 -2.08 -3.31
CA LEU A 44 9.65 -3.16 -2.42
C LEU A 44 10.00 -2.52 -1.07
N ILE A 45 9.81 -3.24 0.02
CA ILE A 45 10.08 -2.66 1.35
C ILE A 45 11.56 -2.29 1.57
N ASN A 46 12.50 -3.12 1.12
CA ASN A 46 13.93 -2.80 1.26
C ASN A 46 14.44 -1.81 0.21
N LYS A 47 13.88 -1.79 -1.01
CA LYS A 47 14.37 -0.87 -2.04
C LYS A 47 13.77 0.54 -1.91
N LEU A 48 12.55 0.68 -1.39
CA LEU A 48 12.00 2.03 -1.13
C LEU A 48 12.72 2.72 0.04
N ASN A 49 13.00 1.96 1.08
CA ASN A 49 13.77 2.49 2.21
C ASN A 49 15.27 2.69 1.90
N ASP A 50 15.81 2.04 0.86
CA ASP A 50 17.20 2.28 0.47
C ASP A 50 17.33 3.37 -0.62
N GLY A 51 16.51 3.34 -1.69
CA GLY A 51 16.54 4.45 -2.66
C GLY A 51 16.59 4.06 -4.15
N SER A 52 16.31 2.81 -4.52
CA SER A 52 16.44 2.40 -5.94
C SER A 52 15.30 2.85 -6.87
N ILE A 53 14.20 3.37 -6.32
CA ILE A 53 12.98 3.61 -7.10
C ILE A 53 12.70 5.11 -7.17
N THR A 54 12.64 5.65 -8.39
CA THR A 54 12.56 7.11 -8.52
C THR A 54 11.10 7.53 -8.74
N LEU A 55 10.69 8.35 -7.78
CA LEU A 55 9.25 8.54 -7.48
C LEU A 55 8.83 9.98 -7.68
N GLU A 56 7.86 10.17 -8.57
CA GLU A 56 7.18 11.46 -8.66
C GLU A 56 5.85 11.39 -7.89
N ASN A 57 5.24 12.55 -7.71
CA ASN A 57 4.10 12.67 -6.79
C ASN A 57 2.83 12.90 -7.61
N ALA A 58 2.16 11.83 -8.04
CA ALA A 58 0.83 12.01 -8.64
C ALA A 58 -0.18 10.91 -8.31
N LYS A 59 -0.68 10.21 -9.34
CA LYS A 59 -1.98 9.53 -9.23
C LYS A 59 -1.85 8.03 -8.96
N TYR A 60 -1.15 7.68 -7.89
CA TYR A 60 -1.19 6.27 -7.46
C TYR A 60 -1.92 6.00 -6.13
N GLU A 61 -2.67 6.93 -5.51
CA GLU A 61 -3.14 6.63 -4.13
C GLU A 61 -4.37 5.68 -4.10
N THR A 62 -4.25 4.61 -4.89
CA THR A 62 -4.94 3.36 -4.54
C THR A 62 -3.76 2.43 -4.24
N VAL A 63 -3.66 2.15 -2.95
CA VAL A 63 -2.37 1.76 -2.36
C VAL A 63 -2.53 0.35 -1.78
N HIS A 64 -1.88 -0.64 -2.38
CA HIS A 64 -2.06 -2.04 -1.98
C HIS A 64 -0.73 -2.58 -1.41
N TYR A 65 -0.58 -2.77 -0.09
CA TYR A 65 0.68 -3.37 0.41
C TYR A 65 0.49 -4.89 0.59
N LEU A 66 1.51 -5.68 0.28
CA LEU A 66 1.34 -7.14 0.22
C LEU A 66 2.36 -7.80 1.16
N THR A 67 2.13 -7.87 2.49
CA THR A 67 3.24 -8.33 3.36
C THR A 67 2.74 -9.38 4.39
N PRO A 68 2.62 -10.67 4.02
CA PRO A 68 2.37 -11.72 5.01
C PRO A 68 3.67 -12.12 5.72
N GLU A 69 3.87 -11.69 6.96
CA GLU A 69 4.99 -12.21 7.76
C GLU A 69 4.57 -12.92 9.06
N ALA A 70 3.45 -12.54 9.67
CA ALA A 70 2.91 -13.33 10.78
C ALA A 70 1.38 -13.14 10.91
N GLN A 71 0.81 -13.82 11.90
CA GLN A 71 -0.60 -13.54 12.26
C GLN A 71 -0.78 -12.22 13.02
N THR A 72 0.19 -11.83 13.85
CA THR A 72 -0.02 -10.68 14.75
C THR A 72 0.14 -9.36 13.96
N ASP A 73 1.25 -8.65 14.10
CA ASP A 73 1.52 -7.52 13.20
C ASP A 73 2.97 -7.55 12.71
N ILE A 74 3.31 -6.58 11.85
CA ILE A 74 4.72 -6.36 11.47
C ILE A 74 5.21 -5.05 12.13
N LYS A 75 6.26 -4.44 11.56
CA LYS A 75 6.57 -3.05 11.90
C LYS A 75 6.62 -2.27 10.57
N PHE A 76 6.08 -1.05 10.59
CA PHE A 76 6.27 -0.14 9.44
C PHE A 76 6.73 1.21 9.99
N PRO A 77 7.54 1.99 9.26
CA PRO A 77 7.87 3.34 9.73
C PRO A 77 6.75 4.31 9.35
N LYS A 78 6.58 5.34 10.17
CA LYS A 78 5.65 6.43 9.82
C LYS A 78 6.06 7.19 8.54
N LYS A 79 7.37 7.35 8.32
CA LYS A 79 7.87 8.08 7.15
C LYS A 79 7.42 7.49 5.80
N LEU A 80 7.32 6.17 5.69
CA LEU A 80 6.91 5.58 4.39
C LEU A 80 5.39 5.73 4.18
N ILE A 81 4.59 5.75 5.24
CA ILE A 81 3.18 6.13 5.15
C ILE A 81 3.05 7.60 4.64
N SER A 82 3.90 8.53 5.10
CA SER A 82 3.84 9.92 4.60
C SER A 82 4.34 10.08 3.15
N VAL A 83 5.28 9.25 2.70
CA VAL A 83 5.67 9.21 1.27
C VAL A 83 4.46 8.83 0.40
N LEU A 84 3.73 7.81 0.81
CA LEU A 84 2.60 7.32 0.01
C LEU A 84 1.42 8.30 -0.02
N ALA A 85 1.12 8.98 1.09
CA ALA A 85 0.18 10.11 1.07
C ALA A 85 0.66 11.31 0.23
N ASP A 86 1.97 11.51 0.12
CA ASP A 86 2.48 12.69 -0.60
C ASP A 86 2.37 12.64 -2.13
N SER A 87 2.02 11.48 -2.67
CA SER A 87 1.74 11.35 -4.11
C SER A 87 0.46 12.10 -4.52
N LEU A 88 -0.64 11.86 -3.81
CA LEU A 88 -1.95 12.42 -4.20
C LEU A 88 -2.21 13.69 -3.36
N LYS A 89 -3.46 13.85 -2.96
CA LYS A 89 -3.96 15.08 -2.33
C LYS A 89 -4.68 14.53 -1.06
N PRO A 90 -5.84 14.97 -0.60
CA PRO A 90 -6.58 14.28 0.47
C PRO A 90 -7.16 12.91 0.04
N ASN A 91 -7.89 12.82 -1.08
CA ASN A 91 -8.66 11.57 -1.37
C ASN A 91 -7.79 10.42 -1.95
N GLY A 92 -6.71 10.08 -1.26
CA GLY A 92 -6.05 8.79 -1.45
C GLY A 92 -6.59 7.75 -0.48
N SER A 93 -6.32 6.47 -0.74
CA SER A 93 -6.91 5.43 0.09
C SER A 93 -5.86 4.31 0.12
N LEU A 94 -6.02 3.51 1.15
CA LEU A 94 -4.97 2.62 1.63
C LEU A 94 -5.62 1.24 1.70
N ILE A 95 -5.05 0.17 1.14
CA ILE A 95 -5.59 -1.18 1.40
C ILE A 95 -4.51 -1.99 2.08
N GLY A 96 -4.46 -1.82 3.38
CA GLY A 96 -3.24 -2.22 4.07
C GLY A 96 -3.29 -2.85 5.46
N LEU A 97 -3.27 -2.03 6.51
CA LEU A 97 -2.53 -2.45 7.71
C LEU A 97 -3.51 -2.64 8.89
N SER A 98 -3.02 -3.22 9.99
CA SER A 98 -3.91 -3.86 10.99
C SER A 98 -4.01 -3.07 12.31
N ASP A 99 -4.19 -3.73 13.45
CA ASP A 99 -4.65 -3.05 14.68
C ASP A 99 -3.71 -1.99 15.29
N ILE A 100 -2.41 -2.25 15.42
CA ILE A 100 -1.48 -1.16 15.83
C ILE A 100 -1.54 0.02 14.84
N TYR A 101 -1.80 -0.34 13.60
CA TYR A 101 -1.78 0.65 12.55
C TYR A 101 -3.05 1.54 12.57
N LYS A 102 -4.01 1.26 13.47
CA LYS A 102 -5.15 2.16 13.69
C LYS A 102 -4.71 3.49 14.32
N VAL A 103 -3.92 3.43 15.39
CA VAL A 103 -3.27 4.66 15.92
C VAL A 103 -2.32 5.28 14.87
N ASP A 104 -1.66 4.46 14.06
CA ASP A 104 -0.87 4.99 12.94
C ASP A 104 -1.73 5.77 11.92
N ALA A 105 -2.85 5.18 11.50
CA ALA A 105 -3.77 5.88 10.58
C ALA A 105 -4.28 7.20 11.16
N LEU A 106 -4.57 7.22 12.47
CA LEU A 106 -5.00 8.47 13.12
C LEU A 106 -3.97 9.59 13.01
N ILE A 107 -2.73 9.26 13.34
CA ILE A 107 -1.69 10.28 13.52
C ILE A 107 -1.08 10.77 12.20
N ASN A 108 -0.97 9.86 11.24
CA ASN A 108 -0.55 10.20 9.89
C ASN A 108 -1.60 10.98 9.10
N GLY A 109 -2.87 10.99 9.52
CA GLY A 109 -3.87 11.79 8.79
C GLY A 109 -4.77 10.93 7.91
N PHE A 110 -4.99 9.69 8.31
CA PHE A 110 -5.93 8.82 7.60
C PHE A 110 -7.17 8.69 8.48
N GLU A 111 -8.28 8.31 7.87
CA GLU A 111 -9.39 7.80 8.69
C GLU A 111 -9.66 6.39 8.21
N ILE A 112 -10.21 5.62 9.13
CA ILE A 112 -10.30 4.18 8.94
C ILE A 112 -11.76 3.74 8.77
N ILE A 113 -11.88 2.64 8.05
CA ILE A 113 -13.19 2.04 7.80
C ILE A 113 -12.98 0.54 7.56
N ASN A 114 -13.64 -0.23 8.41
CA ASN A 114 -13.49 -1.68 8.37
C ASN A 114 -14.75 -2.33 7.81
N GLU A 115 -14.60 -2.66 6.54
CA GLU A 115 -15.59 -3.49 5.82
C GLU A 115 -14.82 -4.69 5.24
N PRO A 116 -15.42 -5.63 4.50
CA PRO A 116 -14.69 -6.82 4.02
C PRO A 116 -13.40 -6.64 3.20
N ASP A 117 -13.13 -5.41 2.77
CA ASP A 117 -11.78 -5.01 2.41
C ASP A 117 -11.42 -3.84 3.35
N TYR A 118 -10.47 -4.06 4.26
CA TYR A 118 -10.25 -3.09 5.35
C TYR A 118 -9.16 -2.10 4.99
N CYS A 119 -9.53 -0.81 4.86
CA CYS A 119 -8.52 0.23 4.68
C CYS A 119 -8.90 1.59 5.30
N TRP A 120 -8.15 2.56 4.81
CA TRP A 120 -8.03 3.90 5.39
C TRP A 120 -8.05 4.89 4.22
N ILE A 121 -8.87 5.93 4.25
CA ILE A 121 -8.68 7.03 3.30
C ILE A 121 -8.37 8.32 4.07
N LYS A 122 -7.52 9.13 3.46
CA LYS A 122 -7.09 10.41 4.05
C LYS A 122 -8.16 11.48 3.82
N MET A 123 -8.81 11.88 4.90
CA MET A 123 -9.72 13.04 4.85
C MET A 123 -9.04 14.21 5.57
N TYR A 7 -10.04 4.66 -16.26
CA TYR A 7 -9.19 3.50 -15.92
C TYR A 7 -8.16 3.99 -14.91
N LYS A 8 -8.17 3.38 -13.73
CA LYS A 8 -7.47 3.96 -12.59
C LYS A 8 -6.02 3.47 -12.52
N THR A 9 -5.13 4.39 -12.14
CA THR A 9 -3.73 4.01 -11.88
C THR A 9 -3.61 3.83 -10.36
N GLY A 10 -2.86 2.83 -9.90
CA GLY A 10 -2.61 2.74 -8.45
C GLY A 10 -1.16 2.48 -8.04
N LEU A 11 -1.05 1.98 -6.81
CA LEU A 11 0.26 1.75 -6.19
C LEU A 11 0.27 0.36 -5.56
N LEU A 12 1.38 -0.36 -5.69
CA LEU A 12 1.60 -1.53 -4.87
C LEU A 12 2.95 -1.35 -4.15
N LEU A 13 2.91 -1.76 -2.88
CA LEU A 13 4.09 -1.72 -2.02
C LEU A 13 4.32 -3.10 -1.41
N ILE A 14 5.50 -3.65 -1.70
CA ILE A 14 5.69 -5.12 -1.57
C ILE A 14 6.92 -5.44 -0.73
N HIS A 15 6.78 -6.47 0.10
CA HIS A 15 7.94 -7.06 0.75
C HIS A 15 8.19 -8.43 0.08
N PRO A 16 9.42 -8.75 -0.36
CA PRO A 16 9.67 -9.95 -1.18
C PRO A 16 9.34 -11.34 -0.63
N ALA A 17 9.12 -11.49 0.67
CA ALA A 17 9.07 -12.85 1.26
C ALA A 17 7.99 -13.72 0.62
N VAL A 18 6.76 -13.22 0.51
CA VAL A 18 5.63 -14.07 0.08
C VAL A 18 5.62 -14.09 -1.46
N THR A 19 6.00 -12.97 -2.09
CA THR A 19 5.85 -12.80 -3.53
C THR A 19 7.01 -13.37 -4.36
N THR A 20 8.05 -13.96 -3.76
CA THR A 20 8.97 -14.81 -4.53
C THR A 20 8.36 -16.20 -4.85
N THR A 21 7.20 -16.48 -4.25
CA THR A 21 6.31 -17.59 -4.66
C THR A 21 5.05 -16.91 -5.24
N PRO A 22 5.15 -16.31 -6.44
CA PRO A 22 4.26 -15.21 -6.89
C PRO A 22 2.79 -15.57 -7.18
N GLU A 23 2.10 -16.20 -6.23
CA GLU A 23 0.63 -16.29 -6.30
C GLU A 23 -0.06 -14.95 -5.96
N LEU A 24 0.35 -14.33 -4.85
CA LEU A 24 -0.29 -13.08 -4.40
C LEU A 24 -0.11 -11.93 -5.41
N VAL A 25 1.00 -11.93 -6.15
CA VAL A 25 1.20 -10.91 -7.20
C VAL A 25 0.21 -11.11 -8.36
N GLU A 26 0.04 -12.35 -8.84
CA GLU A 26 -0.95 -12.62 -9.88
C GLU A 26 -2.40 -12.33 -9.47
N ASN A 27 -2.73 -12.56 -8.21
CA ASN A 27 -4.09 -12.32 -7.70
C ASN A 27 -4.43 -10.83 -7.57
N THR A 28 -3.54 -10.05 -6.97
CA THR A 28 -3.77 -8.60 -6.88
C THR A 28 -3.86 -7.97 -8.28
N LYS A 29 -2.99 -8.40 -9.20
CA LYS A 29 -3.11 -7.98 -10.59
C LYS A 29 -4.37 -8.54 -11.27
N ALA A 30 -4.84 -9.75 -10.92
CA ALA A 30 -6.09 -10.24 -11.52
C ALA A 30 -7.34 -9.50 -11.05
N GLN A 31 -7.42 -9.22 -9.74
CA GLN A 31 -8.51 -8.39 -9.19
C GLN A 31 -8.61 -7.03 -9.89
N ALA A 32 -7.49 -6.30 -9.91
CA ALA A 32 -7.46 -5.01 -10.62
C ALA A 32 -7.81 -5.17 -12.11
N ALA A 33 -7.21 -6.17 -12.78
CA ALA A 33 -7.32 -6.28 -14.25
C ALA A 33 -8.76 -6.50 -14.73
N SER A 34 -9.48 -7.47 -14.15
CA SER A 34 -10.78 -7.85 -14.71
C SER A 34 -11.86 -6.77 -14.52
N LYS A 35 -11.65 -5.87 -13.55
CA LYS A 35 -12.50 -4.67 -13.42
C LYS A 35 -11.96 -3.57 -14.33
N LYS A 36 -11.29 -2.59 -13.74
CA LYS A 36 -10.91 -1.37 -14.46
C LYS A 36 -9.72 -0.62 -13.85
N VAL A 37 -9.10 -1.20 -12.83
CA VAL A 37 -7.83 -0.68 -12.30
C VAL A 37 -6.64 -1.48 -12.84
N LYS A 38 -5.49 -0.82 -12.95
CA LYS A 38 -4.21 -1.53 -13.05
C LYS A 38 -3.30 -0.93 -11.99
N PHE A 39 -2.62 -1.80 -11.26
CA PHE A 39 -1.52 -1.32 -10.42
C PHE A 39 -0.25 -1.34 -11.27
N VAL A 40 0.57 -0.31 -11.12
CA VAL A 40 1.60 -0.04 -12.15
C VAL A 40 2.92 0.49 -11.58
N ASP A 41 2.89 0.92 -10.33
CA ASP A 41 4.05 1.59 -9.73
C ASP A 41 4.46 0.79 -8.48
N GLN A 42 5.69 0.30 -8.49
CA GLN A 42 6.08 -0.77 -7.56
C GLN A 42 7.12 -0.23 -6.60
N PHE A 43 6.84 -0.36 -5.30
CA PHE A 43 7.75 0.23 -4.31
C PHE A 43 8.08 -0.84 -3.25
N LEU A 44 9.27 -1.40 -3.39
CA LEU A 44 9.67 -2.53 -2.52
C LEU A 44 10.25 -1.97 -1.22
N ILE A 45 10.09 -2.72 -0.14
CA ILE A 45 10.45 -2.22 1.19
C ILE A 45 11.95 -1.91 1.39
N ASN A 46 12.85 -2.74 0.89
CA ASN A 46 14.29 -2.45 1.03
C ASN A 46 14.80 -1.44 -0.02
N LYS A 47 14.21 -1.41 -1.22
CA LYS A 47 14.62 -0.43 -2.23
C LYS A 47 14.07 0.97 -1.95
N LEU A 48 12.89 1.10 -1.32
CA LEU A 48 12.35 2.43 -0.99
C LEU A 48 13.15 3.10 0.15
N ASN A 49 13.53 2.32 1.17
CA ASN A 49 14.28 2.87 2.30
C ASN A 49 15.78 3.06 2.00
N ASP A 50 16.27 2.35 0.99
CA ASP A 50 17.63 2.61 0.48
C ASP A 50 17.65 3.83 -0.47
N GLY A 51 16.56 4.11 -1.19
CA GLY A 51 16.47 5.37 -1.94
C GLY A 51 16.52 5.23 -3.48
N SER A 52 16.33 4.02 -4.01
CA SER A 52 16.46 3.82 -5.47
C SER A 52 15.24 4.29 -6.28
N ILE A 53 14.03 4.16 -5.74
CA ILE A 53 12.81 4.33 -6.57
C ILE A 53 12.05 5.55 -6.06
N THR A 54 11.87 6.51 -6.96
CA THR A 54 10.78 7.49 -6.77
C THR A 54 10.04 7.61 -8.10
N LEU A 55 8.80 8.08 -8.05
CA LEU A 55 8.05 8.43 -9.27
C LEU A 55 7.43 9.83 -9.09
N GLU A 56 6.19 10.03 -9.53
CA GLU A 56 5.50 11.32 -9.34
C GLU A 56 4.56 11.24 -8.12
N ASN A 57 3.90 12.35 -7.83
CA ASN A 57 3.15 12.48 -6.56
C ASN A 57 1.66 12.74 -6.83
N ALA A 58 0.93 11.76 -7.38
CA ALA A 58 -0.45 12.07 -7.85
C ALA A 58 -1.44 10.90 -8.05
N LYS A 59 -1.33 10.16 -9.16
CA LYS A 59 -2.50 9.39 -9.67
C LYS A 59 -2.75 8.02 -9.04
N TYR A 60 -2.02 7.71 -7.99
CA TYR A 60 -1.99 6.34 -7.47
C TYR A 60 -3.07 6.07 -6.39
N GLU A 61 -4.15 6.85 -6.34
CA GLU A 61 -5.08 6.83 -5.17
C GLU A 61 -5.81 5.48 -4.88
N THR A 62 -5.19 4.38 -5.29
CA THR A 62 -5.53 3.05 -4.78
C THR A 62 -4.22 2.38 -4.43
N VAL A 63 -4.05 2.12 -3.14
CA VAL A 63 -2.76 1.73 -2.61
C VAL A 63 -2.94 0.31 -2.08
N HIS A 64 -2.00 -0.57 -2.40
CA HIS A 64 -2.01 -1.93 -1.84
C HIS A 64 -0.67 -2.15 -1.13
N TYR A 65 -0.64 -2.71 0.10
CA TYR A 65 0.63 -3.25 0.60
C TYR A 65 0.48 -4.78 0.62
N LEU A 66 1.54 -5.46 0.27
CA LEU A 66 1.64 -6.92 0.43
C LEU A 66 2.85 -7.27 1.29
N THR A 67 2.59 -7.59 2.55
CA THR A 67 3.63 -8.14 3.42
C THR A 67 2.92 -9.26 4.24
N PRO A 68 3.59 -10.29 4.75
CA PRO A 68 3.00 -11.25 5.69
C PRO A 68 2.24 -10.66 6.89
N GLU A 69 1.05 -11.19 7.14
CA GLU A 69 0.15 -10.58 8.12
C GLU A 69 0.26 -11.23 9.52
N ALA A 70 1.26 -12.09 9.73
CA ALA A 70 1.57 -12.59 11.07
C ALA A 70 2.78 -11.81 11.64
N GLN A 71 3.18 -12.16 12.85
CA GLN A 71 4.18 -11.33 13.55
C GLN A 71 5.61 -11.68 13.11
N THR A 72 6.10 -10.92 12.13
CA THR A 72 7.54 -10.94 11.82
C THR A 72 8.19 -9.88 12.72
N ASP A 73 7.82 -8.61 12.53
CA ASP A 73 8.11 -7.58 13.53
C ASP A 73 6.77 -6.90 13.89
N ILE A 74 6.80 -5.96 14.82
CA ILE A 74 5.61 -5.12 15.07
C ILE A 74 5.77 -3.66 14.57
N LYS A 75 6.83 -3.34 13.83
CA LYS A 75 7.12 -1.92 13.55
C LYS A 75 7.17 -1.63 12.05
N PHE A 76 6.61 -0.48 11.70
CA PHE A 76 6.87 0.14 10.39
C PHE A 76 7.23 1.60 10.71
N PRO A 77 8.08 2.28 9.94
CA PRO A 77 8.48 3.62 10.35
C PRO A 77 7.42 4.63 9.94
N LYS A 78 7.29 5.69 10.72
CA LYS A 78 6.33 6.76 10.37
C LYS A 78 6.67 7.46 9.04
N LYS A 79 7.96 7.67 8.78
CA LYS A 79 8.39 8.36 7.55
C LYS A 79 7.98 7.64 6.26
N LEU A 80 7.94 6.30 6.26
CA LEU A 80 7.50 5.59 5.04
C LEU A 80 5.97 5.65 4.87
N ILE A 81 5.18 5.72 5.95
CA ILE A 81 3.76 6.05 5.85
C ILE A 81 3.54 7.48 5.28
N SER A 82 4.38 8.46 5.61
CA SER A 82 4.26 9.79 5.00
C SER A 82 4.60 9.79 3.50
N VAL A 83 5.59 9.00 3.09
CA VAL A 83 5.89 8.82 1.66
C VAL A 83 4.71 8.18 0.91
N LEU A 84 4.04 7.18 1.50
CA LEU A 84 2.81 6.65 0.89
C LEU A 84 1.72 7.72 0.76
N ALA A 85 1.46 8.51 1.80
CA ALA A 85 0.44 9.56 1.74
C ALA A 85 0.76 10.70 0.75
N ASP A 86 2.05 10.99 0.54
CA ASP A 86 2.45 12.19 -0.22
C ASP A 86 2.22 12.11 -1.74
N SER A 87 1.92 10.93 -2.25
CA SER A 87 1.75 10.71 -3.69
C SER A 87 0.28 10.58 -4.14
N LEU A 88 -0.65 11.12 -3.36
CA LEU A 88 -2.05 10.76 -3.51
C LEU A 88 -2.95 12.00 -3.51
N LYS A 89 -4.26 11.76 -3.35
CA LYS A 89 -5.27 12.82 -3.52
C LYS A 89 -6.28 12.65 -2.37
N PRO A 90 -7.26 13.54 -2.22
CA PRO A 90 -8.37 13.33 -1.27
C PRO A 90 -9.18 12.02 -1.28
N ASN A 91 -9.23 11.26 -2.39
CA ASN A 91 -9.81 9.90 -2.34
C ASN A 91 -8.69 8.84 -2.31
N GLY A 92 -7.68 9.03 -1.48
CA GLY A 92 -6.61 8.04 -1.34
C GLY A 92 -7.09 6.91 -0.45
N SER A 93 -6.80 5.68 -0.80
CA SER A 93 -7.32 4.56 -0.01
C SER A 93 -6.23 3.48 0.03
N LEU A 94 -5.68 3.35 1.22
CA LEU A 94 -4.56 2.47 1.54
C LEU A 94 -5.22 1.15 1.96
N ILE A 95 -4.79 0.03 1.38
CA ILE A 95 -5.23 -1.29 1.87
C ILE A 95 -4.06 -1.99 2.52
N GLY A 96 -4.00 -1.83 3.82
CA GLY A 96 -2.88 -2.43 4.54
C GLY A 96 -3.07 -3.02 5.92
N LEU A 97 -3.01 -2.15 6.91
CA LEU A 97 -2.20 -2.47 8.10
C LEU A 97 -3.15 -2.57 9.32
N SER A 98 -2.62 -3.06 10.43
CA SER A 98 -3.48 -3.70 11.45
C SER A 98 -3.74 -2.78 12.66
N ASP A 99 -3.76 -3.34 13.87
CA ASP A 99 -4.37 -2.65 15.02
C ASP A 99 -3.52 -1.54 15.65
N ILE A 100 -2.23 -1.77 15.88
CA ILE A 100 -1.34 -0.65 16.22
C ILE A 100 -1.35 0.48 15.15
N TYR A 101 -1.53 0.03 13.92
CA TYR A 101 -1.50 0.94 12.80
C TYR A 101 -2.82 1.75 12.69
N LYS A 102 -3.86 1.39 13.45
CA LYS A 102 -5.05 2.25 13.63
C LYS A 102 -4.69 3.63 14.22
N VAL A 103 -3.95 3.66 15.33
CA VAL A 103 -3.47 4.94 15.88
C VAL A 103 -2.47 5.61 14.91
N ASP A 104 -1.67 4.83 14.20
CA ASP A 104 -0.84 5.37 13.10
C ASP A 104 -1.67 6.05 12.00
N ALA A 105 -2.78 5.44 11.62
CA ALA A 105 -3.65 6.02 10.60
C ALA A 105 -4.25 7.35 11.08
N LEU A 106 -4.71 7.36 12.33
CA LEU A 106 -5.26 8.59 12.93
C LEU A 106 -4.29 9.77 12.86
N ILE A 107 -3.05 9.53 13.25
CA ILE A 107 -2.09 10.61 13.45
C ILE A 107 -1.45 11.11 12.14
N ASN A 108 -1.24 10.18 11.20
CA ASN A 108 -0.75 10.55 9.88
C ASN A 108 -1.80 11.26 9.02
N GLY A 109 -3.08 11.14 9.35
CA GLY A 109 -4.11 11.81 8.52
C GLY A 109 -4.86 10.85 7.60
N PHE A 110 -5.04 9.60 8.06
CA PHE A 110 -5.99 8.71 7.41
C PHE A 110 -7.19 8.58 8.36
N GLU A 111 -8.33 8.16 7.81
CA GLU A 111 -9.35 7.57 8.68
C GLU A 111 -9.62 6.14 8.20
N ILE A 112 -10.07 5.32 9.12
CA ILE A 112 -10.05 3.87 8.92
C ILE A 112 -11.45 3.32 8.67
N ILE A 113 -11.51 2.26 7.88
CA ILE A 113 -12.80 1.71 7.43
C ILE A 113 -12.64 0.20 7.27
N ASN A 114 -13.55 -0.50 7.94
CA ASN A 114 -13.52 -1.96 7.93
C ASN A 114 -14.64 -2.51 7.04
N GLU A 115 -14.20 -2.86 5.86
CA GLU A 115 -15.04 -3.61 4.90
C GLU A 115 -14.24 -4.84 4.45
N PRO A 116 -14.78 -5.73 3.60
CA PRO A 116 -14.03 -6.95 3.21
C PRO A 116 -12.63 -6.80 2.59
N ASP A 117 -12.26 -5.59 2.23
CA ASP A 117 -10.84 -5.22 2.10
C ASP A 117 -10.58 -4.15 3.16
N TYR A 118 -9.86 -4.49 4.22
CA TYR A 118 -9.76 -3.59 5.38
C TYR A 118 -8.61 -2.61 5.16
N CYS A 119 -8.94 -1.32 5.00
CA CYS A 119 -7.91 -0.27 4.96
C CYS A 119 -8.38 1.05 5.55
N TRP A 120 -7.74 2.10 5.04
CA TRP A 120 -7.89 3.48 5.55
C TRP A 120 -8.03 4.33 4.29
N ILE A 121 -8.76 5.44 4.34
CA ILE A 121 -8.69 6.42 3.25
C ILE A 121 -8.27 7.77 3.87
N LYS A 122 -7.47 8.50 3.10
CA LYS A 122 -6.95 9.80 3.54
C LYS A 122 -7.98 10.91 3.28
N MET A 123 -8.17 11.77 4.27
CA MET A 123 -9.27 12.74 4.24
C MET A 123 -8.73 14.17 4.17
N TYR A 7 -9.63 2.57 -15.48
CA TYR A 7 -10.02 3.09 -14.15
C TYR A 7 -8.99 4.10 -13.61
N LYS A 8 -8.38 3.79 -12.47
CA LYS A 8 -7.25 4.56 -11.96
C LYS A 8 -5.89 3.85 -12.14
N THR A 9 -4.86 4.68 -12.08
CA THR A 9 -3.46 4.21 -12.01
C THR A 9 -3.07 4.16 -10.53
N GLY A 10 -2.70 3.01 -9.98
CA GLY A 10 -2.38 2.95 -8.55
C GLY A 10 -0.99 2.42 -8.21
N LEU A 11 -0.86 1.90 -6.99
CA LEU A 11 0.44 1.62 -6.39
C LEU A 11 0.38 0.24 -5.78
N LEU A 12 1.47 -0.49 -5.89
CA LEU A 12 1.60 -1.71 -5.15
C LEU A 12 2.89 -1.60 -4.32
N LEU A 13 2.72 -1.89 -3.04
CA LEU A 13 3.84 -2.02 -2.11
C LEU A 13 3.95 -3.51 -1.78
N ILE A 14 5.08 -4.11 -2.10
CA ILE A 14 5.22 -5.57 -1.94
C ILE A 14 6.53 -5.88 -1.21
N HIS A 15 6.47 -6.85 -0.31
CA HIS A 15 7.70 -7.29 0.38
C HIS A 15 8.18 -8.60 -0.28
N PRO A 16 9.45 -8.72 -0.66
CA PRO A 16 9.91 -9.86 -1.48
C PRO A 16 9.81 -11.29 -0.92
N ALA A 17 9.54 -11.47 0.36
CA ALA A 17 9.84 -12.79 0.99
C ALA A 17 8.98 -13.96 0.52
N VAL A 18 7.66 -13.82 0.54
CA VAL A 18 6.81 -14.85 -0.10
C VAL A 18 6.68 -14.56 -1.61
N THR A 19 6.74 -13.28 -2.02
CA THR A 19 6.41 -12.89 -3.39
C THR A 19 7.53 -13.10 -4.43
N THR A 20 8.70 -13.60 -4.04
CA THR A 20 9.65 -14.10 -5.07
C THR A 20 9.24 -15.47 -5.65
N THR A 21 8.13 -16.01 -5.15
CA THR A 21 7.39 -17.11 -5.80
C THR A 21 6.05 -16.49 -6.26
N PRO A 22 6.06 -15.64 -7.29
CA PRO A 22 5.07 -14.56 -7.49
C PRO A 22 3.67 -15.01 -7.93
N GLU A 23 3.12 -16.04 -7.30
CA GLU A 23 1.69 -16.36 -7.44
C GLU A 23 0.79 -15.26 -6.86
N LEU A 24 1.13 -14.74 -5.68
CA LEU A 24 0.38 -13.62 -5.09
C LEU A 24 0.45 -12.35 -5.97
N VAL A 25 1.54 -12.16 -6.71
CA VAL A 25 1.61 -11.06 -7.69
C VAL A 25 0.55 -11.24 -8.79
N GLU A 26 0.44 -12.45 -9.36
CA GLU A 26 -0.61 -12.73 -10.35
C GLU A 26 -2.04 -12.54 -9.81
N ASN A 27 -2.26 -12.83 -8.52
CA ASN A 27 -3.60 -12.68 -7.91
C ASN A 27 -4.01 -11.21 -7.75
N THR A 28 -3.12 -10.39 -7.18
CA THR A 28 -3.43 -8.94 -7.07
C THR A 28 -3.62 -8.31 -8.47
N LYS A 29 -2.79 -8.70 -9.43
CA LYS A 29 -3.02 -8.32 -10.83
C LYS A 29 -4.30 -8.95 -11.43
N ALA A 30 -4.74 -10.12 -10.99
CA ALA A 30 -6.00 -10.69 -11.51
C ALA A 30 -7.26 -9.91 -11.08
N GLN A 31 -7.33 -9.51 -9.81
CA GLN A 31 -8.39 -8.58 -9.38
C GLN A 31 -8.33 -7.25 -10.14
N ALA A 32 -7.15 -6.65 -10.19
CA ALA A 32 -6.94 -5.43 -11.01
C ALA A 32 -7.43 -5.62 -12.47
N ALA A 33 -7.14 -6.76 -13.06
CA ALA A 33 -7.36 -6.94 -14.51
C ALA A 33 -8.82 -7.21 -14.91
N SER A 34 -9.49 -8.18 -14.27
CA SER A 34 -10.95 -8.34 -14.46
C SER A 34 -11.82 -7.13 -14.10
N LYS A 35 -11.46 -6.40 -13.04
CA LYS A 35 -12.36 -5.37 -12.51
C LYS A 35 -12.14 -4.04 -13.25
N LYS A 36 -11.51 -3.09 -12.59
CA LYS A 36 -11.43 -1.72 -13.09
C LYS A 36 -9.98 -1.21 -13.07
N VAL A 37 -9.23 -1.45 -12.01
CA VAL A 37 -7.97 -0.72 -11.82
C VAL A 37 -6.78 -1.56 -12.28
N LYS A 38 -5.76 -0.84 -12.73
CA LYS A 38 -4.46 -1.45 -13.01
C LYS A 38 -3.46 -0.83 -12.03
N PHE A 39 -2.62 -1.68 -11.46
CA PHE A 39 -1.51 -1.14 -10.65
C PHE A 39 -0.31 -0.96 -11.60
N VAL A 40 0.39 0.14 -11.40
CA VAL A 40 1.31 0.65 -12.44
C VAL A 40 2.76 0.70 -11.93
N ASP A 41 2.95 0.96 -10.63
CA ASP A 41 4.30 1.08 -10.10
C ASP A 41 4.54 0.08 -8.98
N GLN A 42 5.81 0.01 -8.60
CA GLN A 42 6.27 -0.99 -7.63
C GLN A 42 7.16 -0.29 -6.64
N PHE A 43 6.79 -0.45 -5.37
CA PHE A 43 7.70 -0.03 -4.32
C PHE A 43 8.03 -1.29 -3.52
N LEU A 44 9.31 -1.66 -3.46
CA LEU A 44 9.70 -2.78 -2.62
C LEU A 44 10.06 -2.22 -1.24
N ILE A 45 9.84 -3.00 -0.20
CA ILE A 45 10.12 -2.52 1.16
C ILE A 45 11.61 -2.21 1.42
N ASN A 46 12.53 -3.02 0.91
CA ASN A 46 13.96 -2.75 1.14
C ASN A 46 14.56 -1.70 0.19
N LYS A 47 14.06 -1.58 -1.04
CA LYS A 47 14.61 -0.61 -1.99
C LYS A 47 13.99 0.79 -1.83
N LEU A 48 12.72 0.89 -1.44
CA LEU A 48 12.16 2.22 -1.10
C LEU A 48 12.81 2.82 0.15
N ASN A 49 13.04 1.95 1.13
CA ASN A 49 13.74 2.37 2.36
C ASN A 49 15.23 2.68 2.13
N ASP A 50 15.85 2.10 1.11
CA ASP A 50 17.27 2.41 0.83
C ASP A 50 17.41 3.67 -0.05
N GLY A 51 16.55 3.85 -1.06
CA GLY A 51 16.57 5.10 -1.82
C GLY A 51 16.51 4.97 -3.36
N SER A 52 16.14 3.80 -3.88
CA SER A 52 16.24 3.57 -5.33
C SER A 52 15.10 4.18 -6.17
N ILE A 53 13.88 4.31 -5.62
CA ILE A 53 12.71 4.55 -6.48
C ILE A 53 12.13 5.94 -6.18
N THR A 54 12.10 6.76 -7.22
CA THR A 54 11.47 8.09 -7.11
C THR A 54 10.47 8.26 -8.26
N LEU A 55 9.21 8.47 -7.89
CA LEU A 55 8.17 8.74 -8.89
C LEU A 55 7.56 10.14 -8.67
N GLU A 56 6.45 10.36 -9.35
CA GLU A 56 5.75 11.65 -9.34
C GLU A 56 4.58 11.59 -8.34
N ASN A 57 4.64 12.48 -7.36
CA ASN A 57 3.86 12.33 -6.12
C ASN A 57 2.38 12.77 -6.18
N ALA A 58 1.61 12.38 -7.21
CA ALA A 58 0.16 12.63 -7.15
C ALA A 58 -0.81 11.64 -7.87
N LYS A 59 -0.38 10.53 -8.47
CA LYS A 59 -1.28 9.73 -9.33
C LYS A 59 -1.89 8.47 -8.68
N TYR A 60 -1.11 7.82 -7.81
CA TYR A 60 -1.30 6.40 -7.46
C TYR A 60 -2.39 6.12 -6.41
N GLU A 61 -3.36 7.00 -6.19
CA GLU A 61 -4.27 6.94 -5.01
C GLU A 61 -5.16 5.66 -4.89
N THR A 62 -4.60 4.51 -5.25
CA THR A 62 -5.11 3.20 -4.81
C THR A 62 -3.90 2.34 -4.46
N VAL A 63 -3.82 2.00 -3.18
CA VAL A 63 -2.55 1.55 -2.60
C VAL A 63 -2.76 0.17 -1.95
N HIS A 64 -2.19 -0.88 -2.52
CA HIS A 64 -2.26 -2.22 -1.89
C HIS A 64 -0.88 -2.56 -1.28
N TYR A 65 -0.82 -3.08 -0.04
CA TYR A 65 0.47 -3.50 0.54
C TYR A 65 0.43 -5.01 0.82
N LEU A 66 1.20 -5.77 0.05
CA LEU A 66 1.11 -7.22 0.06
C LEU A 66 2.29 -7.85 0.83
N THR A 67 2.13 -8.06 2.14
CA THR A 67 3.30 -8.47 2.95
C THR A 67 2.86 -9.60 3.90
N PRO A 68 2.88 -10.87 3.51
CA PRO A 68 2.67 -11.99 4.44
C PRO A 68 3.93 -12.34 5.25
N GLU A 69 4.20 -11.61 6.32
CA GLU A 69 5.26 -12.02 7.26
C GLU A 69 4.73 -12.27 8.68
N ALA A 70 3.68 -11.56 9.09
CA ALA A 70 3.26 -11.59 10.50
C ALA A 70 1.75 -11.31 10.60
N GLN A 71 1.23 -11.33 11.84
CA GLN A 71 -0.15 -10.87 12.08
C GLN A 71 -0.09 -9.53 12.83
N THR A 72 0.37 -9.55 14.08
CA THR A 72 0.24 -8.36 14.95
C THR A 72 1.58 -7.62 15.07
N ASP A 73 2.67 -8.33 15.40
CA ASP A 73 3.93 -7.64 15.74
C ASP A 73 4.81 -7.46 14.50
N ILE A 74 4.38 -6.59 13.59
CA ILE A 74 5.24 -6.15 12.48
C ILE A 74 5.62 -4.69 12.79
N LYS A 75 6.81 -4.25 12.36
CA LYS A 75 7.12 -2.81 12.44
C LYS A 75 7.21 -2.19 11.05
N PHE A 76 6.67 -0.98 10.95
CA PHE A 76 6.91 -0.12 9.78
C PHE A 76 7.31 1.25 10.34
N PRO A 77 8.16 2.04 9.68
CA PRO A 77 8.51 3.34 10.25
C PRO A 77 7.42 4.37 9.92
N LYS A 78 7.25 5.34 10.81
CA LYS A 78 6.31 6.44 10.54
C LYS A 78 6.70 7.29 9.32
N LYS A 79 8.00 7.54 9.14
CA LYS A 79 8.48 8.37 8.01
C LYS A 79 8.11 7.80 6.63
N LEU A 80 8.03 6.47 6.50
CA LEU A 80 7.62 5.91 5.19
C LEU A 80 6.10 6.04 4.99
N ILE A 81 5.28 6.01 6.06
CA ILE A 81 3.86 6.33 5.92
C ILE A 81 3.65 7.80 5.50
N SER A 82 4.49 8.75 5.94
CA SER A 82 4.38 10.14 5.46
C SER A 82 4.79 10.27 3.98
N VAL A 83 5.85 9.58 3.56
CA VAL A 83 6.23 9.59 2.13
C VAL A 83 5.18 8.89 1.25
N LEU A 84 4.58 7.79 1.72
CA LEU A 84 3.52 7.12 0.98
C LEU A 84 2.25 7.99 0.84
N ALA A 85 1.87 8.71 1.89
CA ALA A 85 0.75 9.66 1.82
C ALA A 85 1.02 10.86 0.89
N ASP A 86 2.29 11.26 0.74
CA ASP A 86 2.62 12.39 -0.14
C ASP A 86 2.54 12.07 -1.64
N SER A 87 2.58 10.79 -1.97
CA SER A 87 2.34 10.35 -3.36
C SER A 87 0.88 10.45 -3.82
N LEU A 88 -0.06 10.60 -2.89
CA LEU A 88 -1.48 10.48 -3.23
C LEU A 88 -2.17 11.84 -3.11
N LYS A 89 -3.32 11.95 -3.77
CA LYS A 89 -4.20 13.12 -3.57
C LYS A 89 -5.22 12.80 -2.45
N PRO A 90 -6.06 13.75 -2.02
CA PRO A 90 -6.90 13.55 -0.82
C PRO A 90 -7.91 12.38 -0.84
N ASN A 91 -8.13 11.75 -1.98
CA ASN A 91 -8.88 10.47 -2.01
C ASN A 91 -7.90 9.28 -2.15
N GLY A 92 -6.87 9.28 -1.30
CA GLY A 92 -5.96 8.14 -1.22
C GLY A 92 -6.60 7.02 -0.43
N SER A 93 -6.41 5.78 -0.84
CA SER A 93 -7.10 4.69 -0.17
C SER A 93 -6.10 3.53 -0.04
N LEU A 94 -5.59 3.35 1.17
CA LEU A 94 -4.61 2.34 1.46
C LEU A 94 -5.40 1.08 1.87
N ILE A 95 -5.10 -0.06 1.27
CA ILE A 95 -5.66 -1.34 1.74
C ILE A 95 -4.53 -2.14 2.36
N GLY A 96 -4.38 -1.94 3.66
CA GLY A 96 -3.11 -2.35 4.26
C GLY A 96 -3.07 -2.93 5.67
N LEU A 97 -3.10 -2.05 6.65
CA LEU A 97 -2.28 -2.28 7.85
C LEU A 97 -3.21 -2.46 9.07
N SER A 98 -2.64 -2.89 10.20
CA SER A 98 -3.47 -3.54 11.23
C SER A 98 -3.39 -2.84 12.61
N ASP A 99 -2.90 -3.52 13.65
CA ASP A 99 -3.27 -3.14 15.03
C ASP A 99 -2.65 -1.85 15.55
N ILE A 100 -1.32 -1.76 15.62
CA ILE A 100 -0.67 -0.47 15.97
C ILE A 100 -1.03 0.65 14.96
N TYR A 101 -1.33 0.19 13.75
CA TYR A 101 -1.48 1.09 12.63
C TYR A 101 -2.83 1.84 12.68
N LYS A 102 -3.82 1.35 13.43
CA LYS A 102 -5.06 2.12 13.68
C LYS A 102 -4.78 3.53 14.26
N VAL A 103 -4.02 3.59 15.36
CA VAL A 103 -3.60 4.91 15.91
C VAL A 103 -2.65 5.65 14.94
N ASP A 104 -1.83 4.92 14.20
CA ASP A 104 -1.02 5.53 13.13
C ASP A 104 -1.87 6.23 12.05
N ALA A 105 -2.95 5.58 11.63
CA ALA A 105 -3.90 6.18 10.69
C ALA A 105 -4.54 7.44 11.28
N LEU A 106 -4.90 7.40 12.56
CA LEU A 106 -5.56 8.54 13.21
C LEU A 106 -4.67 9.79 13.25
N ILE A 107 -3.40 9.63 13.61
CA ILE A 107 -2.52 10.81 13.76
C ILE A 107 -1.99 11.32 12.41
N ASN A 108 -1.71 10.42 11.45
CA ASN A 108 -1.22 10.87 10.14
C ASN A 108 -2.26 11.56 9.26
N GLY A 109 -3.55 11.38 9.55
CA GLY A 109 -4.59 11.98 8.69
C GLY A 109 -5.27 10.97 7.76
N PHE A 110 -5.37 9.72 8.22
CA PHE A 110 -6.15 8.71 7.50
C PHE A 110 -7.45 8.47 8.29
N GLU A 111 -8.44 7.92 7.60
CA GLU A 111 -9.77 7.71 8.16
C GLU A 111 -10.15 6.25 7.92
N ILE A 112 -10.18 5.49 9.00
CA ILE A 112 -10.15 4.03 8.92
C ILE A 112 -11.53 3.37 8.78
N ILE A 113 -11.73 2.82 7.59
CA ILE A 113 -13.02 2.22 7.24
C ILE A 113 -12.86 0.70 7.29
N ASN A 114 -13.73 0.10 8.08
CA ASN A 114 -13.63 -1.35 8.35
C ASN A 114 -14.84 -2.10 7.78
N GLU A 115 -14.70 -2.34 6.50
CA GLU A 115 -15.77 -2.87 5.65
C GLU A 115 -15.06 -3.97 4.85
N PRO A 116 -15.18 -5.27 5.17
CA PRO A 116 -14.04 -6.23 5.11
C PRO A 116 -13.17 -6.48 3.86
N ASP A 117 -13.00 -5.48 3.02
CA ASP A 117 -11.65 -5.16 2.53
C ASP A 117 -11.20 -3.96 3.40
N TYR A 118 -10.39 -4.26 4.41
CA TYR A 118 -10.18 -3.30 5.51
C TYR A 118 -8.99 -2.39 5.19
N CYS A 119 -9.24 -1.09 5.04
CA CYS A 119 -8.15 -0.11 4.94
C CYS A 119 -8.53 1.25 5.54
N TRP A 120 -7.81 2.25 5.04
CA TRP A 120 -7.90 3.63 5.53
C TRP A 120 -7.98 4.48 4.25
N ILE A 121 -8.65 5.62 4.31
CA ILE A 121 -8.46 6.61 3.24
C ILE A 121 -8.03 7.93 3.88
N LYS A 122 -7.15 8.63 3.16
CA LYS A 122 -6.61 9.91 3.66
C LYS A 122 -7.47 11.10 3.22
N MET A 123 -8.70 11.11 3.71
CA MET A 123 -9.58 12.28 3.56
C MET A 123 -9.86 12.86 4.96
#